data_8YDC
# 
_entry.id   8YDC 
# 
_audit_conform.dict_name       mmcif_pdbx.dic 
_audit_conform.dict_version    5.395 
_audit_conform.dict_location   http://mmcif.pdb.org/dictionaries/ascii/mmcif_pdbx.dic 
# 
loop_
_database_2.database_id 
_database_2.database_code 
_database_2.pdbx_database_accession 
_database_2.pdbx_DOI 
PDB   8YDC         pdb_00008ydc 10.2210/pdb8ydc/pdb 
WWPDB D_1300045423 ?            ?                   
# 
_pdbx_audit_revision_history.ordinal             1 
_pdbx_audit_revision_history.data_content_type   'Structure model' 
_pdbx_audit_revision_history.major_revision      1 
_pdbx_audit_revision_history.minor_revision      0 
_pdbx_audit_revision_history.revision_date       2024-08-21 
# 
_pdbx_audit_revision_details.ordinal             1 
_pdbx_audit_revision_details.revision_ordinal    1 
_pdbx_audit_revision_details.data_content_type   'Structure model' 
_pdbx_audit_revision_details.provider            repository 
_pdbx_audit_revision_details.type                'Initial release' 
_pdbx_audit_revision_details.description         ? 
_pdbx_audit_revision_details.details             ? 
# 
_pdbx_database_status.status_code                     REL 
_pdbx_database_status.status_code_sf                  REL 
_pdbx_database_status.status_code_mr                  ? 
_pdbx_database_status.entry_id                        8YDC 
_pdbx_database_status.recvd_initial_deposition_date   2024-02-20 
_pdbx_database_status.SG_entry                        N 
_pdbx_database_status.deposit_site                    PDBJ 
_pdbx_database_status.process_site                    PDBJ 
_pdbx_database_status.status_code_cs                  ? 
_pdbx_database_status.status_code_nmr_data            ? 
_pdbx_database_status.methods_development_category    ? 
_pdbx_database_status.pdb_format_compatible           Y 
# 
_pdbx_contact_author.id                 2 
_pdbx_contact_author.email              yvliu@nankai.edu.cn 
_pdbx_contact_author.name_first         YIJIN 
_pdbx_contact_author.name_last          LIU 
_pdbx_contact_author.name_mi            ? 
_pdbx_contact_author.role               'principal investigator/group leader' 
_pdbx_contact_author.identifier_ORCID   0000-0002-3643-8683 
# 
loop_
_audit_author.name 
_audit_author.pdbx_ordinal 
_audit_author.identifier_ORCID 
'Liu, Y.'  1 0000-0002-3643-8683 
'Zhan, X.' 2 0000-0001-6651-538X 
# 
_citation.abstract                  ? 
_citation.abstract_id_CAS           ? 
_citation.book_id_ISBN              ? 
_citation.book_publisher            ? 
_citation.book_publisher_city       ? 
_citation.book_title                ? 
_citation.coordinate_linkage        ? 
_citation.country                   UK 
_citation.database_id_Medline       ? 
_citation.details                   ? 
_citation.id                        primary 
_citation.journal_abbrev            'Nat Commun' 
_citation.journal_id_ASTM           ? 
_citation.journal_id_CSD            ? 
_citation.journal_id_ISSN           2041-1723 
_citation.journal_full              ? 
_citation.journal_issue             ? 
_citation.journal_volume            15 
_citation.language                  ? 
_citation.page_first                6628 
_citation.page_last                 6628 
_citation.title                     'The structure and catalytic mechanism of a pseudoknot-containing hammerhead ribozyme.' 
_citation.year                      2024 
_citation.database_id_CSD           ? 
_citation.pdbx_database_id_DOI      10.1038/s41467-024-50892-y 
_citation.pdbx_database_id_PubMed   39103372 
_citation.pdbx_database_id_patent   ? 
_citation.unpublished_flag          ? 
# 
loop_
_citation_author.citation_id 
_citation_author.name 
_citation_author.ordinal 
_citation_author.identifier_ORCID 
primary 'Zhan, X.'       1 ?                   
primary 'Wilson, T.J.'   2 0000-0002-3427-593X 
primary 'Li, Z.'         3 ?                   
primary 'Zhang, J.'      4 ?                   
primary 'Yang, Y.'       5 ?                   
primary 'Lilley, D.M.J.' 6 0000-0001-6882-2818 
primary 'Liu, Y.'        7 ?                   
# 
loop_
_entity.id 
_entity.type 
_entity.src_method 
_entity.pdbx_description 
_entity.formula_weight 
_entity.pdbx_number_of_molecules 
_entity.pdbx_ec 
_entity.pdbx_mutation 
_entity.pdbx_fragment 
_entity.details 
1 polymer     man 'ribozyme strand'                                                      18715.248 1 ? ? ? ? 
2 polymer     man 
;DNA/RNA (5'-R(*AP*CP*AP*UP*GP*UP*CP*U)-D(P*C)-R(P*UP*GP*GP*GP*A)-3')
;
4447.691  1 ? ? ? ? 
3 non-polymer syn "GUANOSINE-5'-TRIPHOSPHATE"                                            523.180   1 ? ? ? ? 
# 
loop_
_entity_poly.entity_id 
_entity_poly.type 
_entity_poly.nstd_linkage 
_entity_poly.nstd_monomer 
_entity_poly.pdbx_seq_one_letter_code 
_entity_poly.pdbx_seq_one_letter_code_can 
_entity_poly.pdbx_strand_id 
_entity_poly.pdbx_target_identifier 
1 polyribonucleotide                                  no no CGAGACAACCAGGAGUCUAUAAAAUUCCCACUGAUGAGACUGGACGAAAGACAUGUAU 
CGAGACAACCAGGAGUCUAUAAAAUUCCCACUGAUGAGACUGGACGAAAGACAUGUAU A ? 
2 'polydeoxyribonucleotide/polyribonucleotide hybrid' no no 'ACAUGUCU(DC)UGGGA'                                        
ACAUGUCUCUGGGA                                             B ? 
# 
_pdbx_entity_nonpoly.entity_id   3 
_pdbx_entity_nonpoly.name        "GUANOSINE-5'-TRIPHOSPHATE" 
_pdbx_entity_nonpoly.comp_id     GTP 
# 
loop_
_entity_poly_seq.entity_id 
_entity_poly_seq.num 
_entity_poly_seq.mon_id 
_entity_poly_seq.hetero 
1 1  C  n 
1 2  G  n 
1 3  A  n 
1 4  G  n 
1 5  A  n 
1 6  C  n 
1 7  A  n 
1 8  A  n 
1 9  C  n 
1 10 C  n 
1 11 A  n 
1 12 G  n 
1 13 G  n 
1 14 A  n 
1 15 G  n 
1 16 U  n 
1 17 C  n 
1 18 U  n 
1 19 A  n 
1 20 U  n 
1 21 A  n 
1 22 A  n 
1 23 A  n 
1 24 A  n 
1 25 U  n 
1 26 U  n 
1 27 C  n 
1 28 C  n 
1 29 C  n 
1 30 A  n 
1 31 C  n 
1 32 U  n 
1 33 G  n 
1 34 A  n 
1 35 U  n 
1 36 G  n 
1 37 A  n 
1 38 G  n 
1 39 A  n 
1 40 C  n 
1 41 U  n 
1 42 G  n 
1 43 G  n 
1 44 A  n 
1 45 C  n 
1 46 G  n 
1 47 A  n 
1 48 A  n 
1 49 A  n 
1 50 G  n 
1 51 A  n 
1 52 C  n 
1 53 A  n 
1 54 U  n 
1 55 G  n 
1 56 U  n 
1 57 A  n 
1 58 U  n 
2 1  A  n 
2 2  C  n 
2 3  A  n 
2 4  U  n 
2 5  G  n 
2 6  U  n 
2 7  C  n 
2 8  U  n 
2 9  DC n 
2 10 U  n 
2 11 G  n 
2 12 G  n 
2 13 G  n 
2 14 A  n 
# 
loop_
_entity_src_gen.entity_id 
_entity_src_gen.pdbx_src_id 
_entity_src_gen.pdbx_alt_source_flag 
_entity_src_gen.pdbx_seq_type 
_entity_src_gen.pdbx_beg_seq_num 
_entity_src_gen.pdbx_end_seq_num 
_entity_src_gen.gene_src_common_name 
_entity_src_gen.gene_src_genus 
_entity_src_gen.pdbx_gene_src_gene 
_entity_src_gen.gene_src_species 
_entity_src_gen.gene_src_strain 
_entity_src_gen.gene_src_tissue 
_entity_src_gen.gene_src_tissue_fraction 
_entity_src_gen.gene_src_details 
_entity_src_gen.pdbx_gene_src_fragment 
_entity_src_gen.pdbx_gene_src_scientific_name 
_entity_src_gen.pdbx_gene_src_ncbi_taxonomy_id 
_entity_src_gen.pdbx_gene_src_variant 
_entity_src_gen.pdbx_gene_src_cell_line 
_entity_src_gen.pdbx_gene_src_atcc 
_entity_src_gen.pdbx_gene_src_organ 
_entity_src_gen.pdbx_gene_src_organelle 
_entity_src_gen.pdbx_gene_src_cell 
_entity_src_gen.pdbx_gene_src_cellular_location 
_entity_src_gen.host_org_common_name 
_entity_src_gen.pdbx_host_org_scientific_name 
_entity_src_gen.pdbx_host_org_ncbi_taxonomy_id 
_entity_src_gen.host_org_genus 
_entity_src_gen.pdbx_host_org_gene 
_entity_src_gen.pdbx_host_org_organ 
_entity_src_gen.host_org_species 
_entity_src_gen.pdbx_host_org_tissue 
_entity_src_gen.pdbx_host_org_tissue_fraction 
_entity_src_gen.pdbx_host_org_strain 
_entity_src_gen.pdbx_host_org_variant 
_entity_src_gen.pdbx_host_org_cell_line 
_entity_src_gen.pdbx_host_org_atcc 
_entity_src_gen.pdbx_host_org_culture_collection 
_entity_src_gen.pdbx_host_org_cell 
_entity_src_gen.pdbx_host_org_organelle 
_entity_src_gen.pdbx_host_org_cellular_location 
_entity_src_gen.pdbx_host_org_vector_type 
_entity_src_gen.pdbx_host_org_vector 
_entity_src_gen.host_org_details 
_entity_src_gen.expression_system_id 
_entity_src_gen.plasmid_name 
_entity_src_gen.plasmid_details 
_entity_src_gen.pdbx_description 
1 1 sample 'Biological sequence' 1 58 ? ? ? ? ? ? ? ? ? 'synthetic construct' 32630 ? ? ? ? ? ? ? ? 'synthetic construct (code 3)' 
2577081 ? ? ? ? ? ? ? ? ? ? ? ? ? ? ? ? ? ? ? ? ? 
2 1 sample 'Biological sequence' 1 14 ? ? ? ? ? ? ? ? ? 'synthetic construct' 32630 ? ? ? ? ? ? ? ? 'synthetic construct'          
32630   ? ? ? ? ? ? ? ? ? ? ? ? ? ? ? ? ? ? ? ? ? 
# 
loop_
_chem_comp.id 
_chem_comp.type 
_chem_comp.mon_nstd_flag 
_chem_comp.name 
_chem_comp.pdbx_synonyms 
_chem_comp.formula 
_chem_comp.formula_weight 
A   'RNA linking' y "ADENOSINE-5'-MONOPHOSPHATE"        ? 'C10 H14 N5 O7 P'   347.221 
C   'RNA linking' y "CYTIDINE-5'-MONOPHOSPHATE"         ? 'C9 H14 N3 O8 P'    323.197 
DC  'DNA linking' y "2'-DEOXYCYTIDINE-5'-MONOPHOSPHATE" ? 'C9 H14 N3 O7 P'    307.197 
G   'RNA linking' y "GUANOSINE-5'-MONOPHOSPHATE"        ? 'C10 H14 N5 O8 P'   363.221 
GTP non-polymer   n "GUANOSINE-5'-TRIPHOSPHATE"         ? 'C10 H16 N5 O14 P3' 523.180 
U   'RNA linking' y "URIDINE-5'-MONOPHOSPHATE"          ? 'C9 H13 N2 O9 P'    324.181 
# 
loop_
_pdbx_poly_seq_scheme.asym_id 
_pdbx_poly_seq_scheme.entity_id 
_pdbx_poly_seq_scheme.seq_id 
_pdbx_poly_seq_scheme.mon_id 
_pdbx_poly_seq_scheme.ndb_seq_num 
_pdbx_poly_seq_scheme.pdb_seq_num 
_pdbx_poly_seq_scheme.auth_seq_num 
_pdbx_poly_seq_scheme.pdb_mon_id 
_pdbx_poly_seq_scheme.auth_mon_id 
_pdbx_poly_seq_scheme.pdb_strand_id 
_pdbx_poly_seq_scheme.pdb_ins_code 
_pdbx_poly_seq_scheme.hetero 
A 1 1  C  1  -1 -1 C  C  A . n 
A 1 2  G  2  0  0  G  G  A . n 
A 1 3  A  3  1  1  A  A  A . n 
A 1 4  G  4  2  2  G  G  A . n 
A 1 5  A  5  3  3  A  A  A . n 
A 1 6  C  6  4  4  C  C  A . n 
A 1 7  A  7  5  5  A  A  A . n 
A 1 8  A  8  6  6  A  A  A . n 
A 1 9  C  9  7  7  C  C  A . n 
A 1 10 C  10 8  8  C  C  A . n 
A 1 11 A  11 9  9  A  A  A . n 
A 1 12 G  12 10 10 G  G  A . n 
A 1 13 G  13 11 11 G  G  A . n 
A 1 14 A  14 12 12 A  A  A . n 
A 1 15 G  15 13 13 G  G  A . n 
A 1 16 U  16 14 14 U  U  A . n 
A 1 17 C  17 15 15 C  C  A . n 
A 1 18 U  18 16 16 U  U  A . n 
A 1 19 A  19 17 17 A  A  A . n 
A 1 20 U  20 18 18 U  U  A . n 
A 1 21 A  21 19 19 A  A  A . n 
A 1 22 A  22 20 20 A  A  A . n 
A 1 23 A  23 21 21 A  A  A . n 
A 1 24 A  24 22 22 A  A  A . n 
A 1 25 U  25 23 23 U  U  A . n 
A 1 26 U  26 24 24 U  U  A . n 
A 1 27 C  27 25 25 C  C  A . n 
A 1 28 C  28 26 26 C  C  A . n 
A 1 29 C  29 27 27 C  C  A . n 
A 1 30 A  30 28 28 A  A  A . n 
A 1 31 C  31 29 29 C  C  A . n 
A 1 32 U  32 30 30 U  U  A . n 
A 1 33 G  33 31 31 G  G  A . n 
A 1 34 A  34 32 32 A  A  A . n 
A 1 35 U  35 33 33 U  U  A . n 
A 1 36 G  36 34 34 G  G  A . n 
A 1 37 A  37 35 35 A  A  A . n 
A 1 38 G  38 36 36 G  G  A . n 
A 1 39 A  39 37 37 A  A  A . n 
A 1 40 C  40 38 38 C  C  A . n 
A 1 41 U  41 39 39 U  U  A . n 
A 1 42 G  42 40 40 G  G  A . n 
A 1 43 G  43 41 41 G  G  A . n 
A 1 44 A  44 42 42 A  A  A . n 
A 1 45 C  45 43 43 C  C  A . n 
A 1 46 G  46 44 44 G  G  A . n 
A 1 47 A  47 45 45 A  A  A . n 
A 1 48 A  48 46 46 A  A  A . n 
A 1 49 A  49 47 47 A  A  A . n 
A 1 50 G  50 48 48 G  G  A . n 
A 1 51 A  51 49 49 A  A  A . n 
A 1 52 C  52 50 50 C  C  A . n 
A 1 53 A  53 51 51 A  A  A . n 
A 1 54 U  54 52 52 U  U  A . n 
A 1 55 G  55 53 53 G  G  A . n 
A 1 56 U  56 54 54 U  U  A . n 
A 1 57 A  57 55 55 A  A  A . n 
A 1 58 U  58 56 ?  ?  ?  A . n 
B 2 1  A  1  1  1  A  A  B . n 
B 2 2  C  2  2  2  C  C  B . n 
B 2 3  A  3  3  3  A  A  B . n 
B 2 4  U  4  4  4  U  U  B . n 
B 2 5  G  5  5  5  G  G  B . n 
B 2 6  U  6  6  6  U  U  B . n 
B 2 7  C  7  7  7  C  C  B . n 
B 2 8  U  8  8  8  U  U  B . n 
B 2 9  DC 9  9  9  DC DC B . n 
B 2 10 U  10 10 10 U  U  B . n 
B 2 11 G  11 11 11 G  G  B . n 
B 2 12 G  12 12 12 G  G  B . n 
B 2 13 G  13 13 13 G  G  B . n 
B 2 14 A  14 14 14 A  A  B . n 
# 
_pdbx_nonpoly_scheme.asym_id         C 
_pdbx_nonpoly_scheme.entity_id       3 
_pdbx_nonpoly_scheme.mon_id          GTP 
_pdbx_nonpoly_scheme.ndb_seq_num     1 
_pdbx_nonpoly_scheme.pdb_seq_num     101 
_pdbx_nonpoly_scheme.auth_seq_num    -2 
_pdbx_nonpoly_scheme.pdb_mon_id      GTP 
_pdbx_nonpoly_scheme.auth_mon_id     GTP 
_pdbx_nonpoly_scheme.pdb_strand_id   A 
_pdbx_nonpoly_scheme.pdb_ins_code    . 
# 
loop_
_software.citation_id 
_software.classification 
_software.compiler_name 
_software.compiler_version 
_software.contact_author 
_software.contact_author_email 
_software.date 
_software.description 
_software.dependencies 
_software.hardware 
_software.language 
_software.location 
_software.mods 
_software.name 
_software.os 
_software.os_version 
_software.type 
_software.version 
_software.pdbx_ordinal 
? refinement       ? ? ? ? ? ? ? ? ? ? ? PHENIX ? ? ? '(1.20.1_4487: ???)' 1 
? 'data reduction' ? ? ? ? ? ? ? ? ? ? ? DIALS  ? ? ? .                    2 
? 'data scaling'   ? ? ? ? ? ? ? ? ? ? ? DIALS  ? ? ? .                    3 
? phasing          ? ? ? ? ? ? ? ? ? ? ? PHENIX ? ? ? .                    4 
# 
_cell.angle_alpha                  90.00 
_cell.angle_alpha_esd              ? 
_cell.angle_beta                   90.00 
_cell.angle_beta_esd               ? 
_cell.angle_gamma                  120.00 
_cell.angle_gamma_esd              ? 
_cell.entry_id                     8YDC 
_cell.details                      ? 
_cell.formula_units_Z              ? 
_cell.length_a                     83.578 
_cell.length_a_esd                 ? 
_cell.length_b                     83.578 
_cell.length_b_esd                 ? 
_cell.length_c                     258.790 
_cell.length_c_esd                 ? 
_cell.volume                       ? 
_cell.volume_esd                   ? 
_cell.Z_PDB                        12 
_cell.reciprocal_angle_alpha       ? 
_cell.reciprocal_angle_beta        ? 
_cell.reciprocal_angle_gamma       ? 
_cell.reciprocal_angle_alpha_esd   ? 
_cell.reciprocal_angle_beta_esd    ? 
_cell.reciprocal_angle_gamma_esd   ? 
_cell.reciprocal_length_a          ? 
_cell.reciprocal_length_b          ? 
_cell.reciprocal_length_c          ? 
_cell.reciprocal_length_a_esd      ? 
_cell.reciprocal_length_b_esd      ? 
_cell.reciprocal_length_c_esd      ? 
_cell.pdbx_unique_axis             ? 
_cell.pdbx_esd_method              ? 
# 
_symmetry.entry_id                         8YDC 
_symmetry.cell_setting                     ? 
_symmetry.Int_Tables_number                178 
_symmetry.space_group_name_Hall            ? 
_symmetry.space_group_name_H-M             'P 61 2 2' 
_symmetry.pdbx_full_space_group_name_H-M   ? 
# 
_exptl.absorpt_coefficient_mu     ? 
_exptl.absorpt_correction_T_max   ? 
_exptl.absorpt_correction_T_min   ? 
_exptl.absorpt_correction_type    ? 
_exptl.absorpt_process_details    ? 
_exptl.entry_id                   8YDC 
_exptl.crystals_number            1 
_exptl.details                    ? 
_exptl.method                     'X-RAY DIFFRACTION' 
_exptl.method_details             ? 
# 
_exptl_crystal.colour                       ? 
_exptl_crystal.density_diffrn               ? 
_exptl_crystal.density_Matthews             5.51 
_exptl_crystal.density_method               ? 
_exptl_crystal.density_percent_sol          77.69 
_exptl_crystal.description                  ? 
_exptl_crystal.F_000                        ? 
_exptl_crystal.id                           1 
_exptl_crystal.preparation                  ? 
_exptl_crystal.size_max                     ? 
_exptl_crystal.size_mid                     ? 
_exptl_crystal.size_min                     ? 
_exptl_crystal.size_rad                     ? 
_exptl_crystal.colour_lustre                ? 
_exptl_crystal.colour_modifier              ? 
_exptl_crystal.colour_primary               ? 
_exptl_crystal.density_meas                 ? 
_exptl_crystal.density_meas_esd             ? 
_exptl_crystal.density_meas_gt              ? 
_exptl_crystal.density_meas_lt              ? 
_exptl_crystal.density_meas_temp            ? 
_exptl_crystal.density_meas_temp_esd        ? 
_exptl_crystal.density_meas_temp_gt         ? 
_exptl_crystal.density_meas_temp_lt         ? 
_exptl_crystal.pdbx_crystal_image_url       ? 
_exptl_crystal.pdbx_crystal_image_format    ? 
_exptl_crystal.pdbx_mosaicity               ? 
_exptl_crystal.pdbx_mosaicity_esd           ? 
_exptl_crystal.pdbx_mosaic_method           ? 
_exptl_crystal.pdbx_mosaic_block_size       ? 
_exptl_crystal.pdbx_mosaic_block_size_esd   ? 
# 
_exptl_crystal_grow.apparatus       ? 
_exptl_crystal_grow.atmosphere      ? 
_exptl_crystal_grow.crystal_id      1 
_exptl_crystal_grow.details         ? 
_exptl_crystal_grow.method          'VAPOR DIFFUSION' 
_exptl_crystal_grow.method_ref      ? 
_exptl_crystal_grow.pH              ? 
_exptl_crystal_grow.pressure        ? 
_exptl_crystal_grow.pressure_esd    ? 
_exptl_crystal_grow.seeding         ? 
_exptl_crystal_grow.seeding_ref     ? 
_exptl_crystal_grow.temp_details    ? 
_exptl_crystal_grow.temp_esd        ? 
_exptl_crystal_grow.time            ? 
_exptl_crystal_grow.pdbx_details    
;Magnesium acetate tetrahydrate
MES monohydrate
Ammonium sulfate
;
_exptl_crystal_grow.pdbx_pH_range   ? 
_exptl_crystal_grow.temp            277 
# 
_diffrn.ambient_environment              ? 
_diffrn.ambient_temp                     93 
_diffrn.ambient_temp_details             ? 
_diffrn.ambient_temp_esd                 ? 
_diffrn.crystal_id                       1 
_diffrn.crystal_support                  ? 
_diffrn.crystal_treatment                ? 
_diffrn.details                          ? 
_diffrn.id                               1 
_diffrn.ambient_pressure                 ? 
_diffrn.ambient_pressure_esd             ? 
_diffrn.ambient_pressure_gt              ? 
_diffrn.ambient_pressure_lt              ? 
_diffrn.ambient_temp_gt                  ? 
_diffrn.ambient_temp_lt                  ? 
_diffrn.pdbx_serial_crystal_experiment   N 
# 
_diffrn_detector.details                      ? 
_diffrn_detector.detector                     PIXEL 
_diffrn_detector.diffrn_id                    1 
_diffrn_detector.type                         'DECTRIS EIGER2 S 9M' 
_diffrn_detector.area_resol_mean              ? 
_diffrn_detector.dtime                        ? 
_diffrn_detector.pdbx_frames_total            ? 
_diffrn_detector.pdbx_collection_time_total   ? 
_diffrn_detector.pdbx_collection_date         2021-07-04 
_diffrn_detector.pdbx_frequency               ? 
_diffrn_detector.id                           ? 
_diffrn_detector.number_of_axes               ? 
# 
_diffrn_radiation.collimation                      ? 
_diffrn_radiation.diffrn_id                        1 
_diffrn_radiation.filter_edge                      ? 
_diffrn_radiation.inhomogeneity                    ? 
_diffrn_radiation.monochromator                    ? 
_diffrn_radiation.polarisn_norm                    ? 
_diffrn_radiation.polarisn_ratio                   ? 
_diffrn_radiation.probe                            ? 
_diffrn_radiation.type                             ? 
_diffrn_radiation.xray_symbol                      ? 
_diffrn_radiation.wavelength_id                    1 
_diffrn_radiation.pdbx_monochromatic_or_laue_m_l   M 
_diffrn_radiation.pdbx_wavelength_list             ? 
_diffrn_radiation.pdbx_wavelength                  ? 
_diffrn_radiation.pdbx_diffrn_protocol             'SINGLE WAVELENGTH' 
_diffrn_radiation.pdbx_analyzer                    ? 
_diffrn_radiation.pdbx_scattering_type             x-ray 
# 
_diffrn_radiation_wavelength.id           1 
_diffrn_radiation_wavelength.wavelength   0.979183 
_diffrn_radiation_wavelength.wt           1.0 
# 
_diffrn_source.current                     ? 
_diffrn_source.details                     ? 
_diffrn_source.diffrn_id                   1 
_diffrn_source.power                       ? 
_diffrn_source.size                        ? 
_diffrn_source.source                      SYNCHROTRON 
_diffrn_source.target                      ? 
_diffrn_source.type                        'SSRF BEAMLINE BL02U1' 
_diffrn_source.voltage                     ? 
_diffrn_source.take-off_angle              ? 
_diffrn_source.pdbx_wavelength_list        0.979183 
_diffrn_source.pdbx_wavelength             ? 
_diffrn_source.pdbx_synchrotron_beamline   BL02U1 
_diffrn_source.pdbx_synchrotron_site       SSRF 
# 
_reflns.B_iso_Wilson_estimate                          ? 
_reflns.entry_id                                       8YDC 
_reflns.data_reduction_details                         ? 
_reflns.data_reduction_method                          ? 
_reflns.d_resolution_high                              2.89 
_reflns.d_resolution_low                               16.25 
_reflns.details                                        ? 
_reflns.limit_h_max                                    ? 
_reflns.limit_h_min                                    ? 
_reflns.limit_k_max                                    ? 
_reflns.limit_k_min                                    ? 
_reflns.limit_l_max                                    ? 
_reflns.limit_l_min                                    ? 
_reflns.number_all                                     ? 
_reflns.number_obs                                     12665 
_reflns.observed_criterion                             ? 
_reflns.observed_criterion_F_max                       ? 
_reflns.observed_criterion_F_min                       ? 
_reflns.observed_criterion_I_max                       ? 
_reflns.observed_criterion_I_min                       ? 
_reflns.observed_criterion_sigma_F                     ? 
_reflns.observed_criterion_sigma_I                     ? 
_reflns.percent_possible_obs                           98.38 
_reflns.R_free_details                                 ? 
_reflns.Rmerge_F_all                                   ? 
_reflns.Rmerge_F_obs                                   ? 
_reflns.Friedel_coverage                               ? 
_reflns.number_gt                                      ? 
_reflns.threshold_expression                           ? 
_reflns.pdbx_redundancy                                37.8 
_reflns.pdbx_netI_over_av_sigmaI                       ? 
_reflns.pdbx_netI_over_sigmaI                          18.05 
_reflns.pdbx_res_netI_over_av_sigmaI_2                 ? 
_reflns.pdbx_res_netI_over_sigmaI_2                    ? 
_reflns.pdbx_chi_squared                               ? 
_reflns.pdbx_scaling_rejects                           ? 
_reflns.pdbx_d_res_high_opt                            ? 
_reflns.pdbx_d_res_low_opt                             ? 
_reflns.pdbx_d_res_opt_method                          ? 
_reflns.phase_calculation_details                      ? 
_reflns.pdbx_Rrim_I_all                                ? 
_reflns.pdbx_Rpim_I_all                                ? 
_reflns.pdbx_d_opt                                     ? 
_reflns.pdbx_number_measured_all                       ? 
_reflns.pdbx_diffrn_id                                 1 
_reflns.pdbx_ordinal                                   1 
_reflns.pdbx_CC_half                                   1 
_reflns.pdbx_CC_star                                   ? 
_reflns.pdbx_R_split                                   ? 
_reflns.pdbx_Rmerge_I_obs                              ? 
_reflns.pdbx_Rmerge_I_all                              ? 
_reflns.pdbx_Rsym_value                                ? 
_reflns.pdbx_CC_split_method                           ? 
_reflns.pdbx_aniso_diffraction_limit_axis_1_ortho[1]   ? 
_reflns.pdbx_aniso_diffraction_limit_axis_1_ortho[2]   ? 
_reflns.pdbx_aniso_diffraction_limit_axis_1_ortho[3]   ? 
_reflns.pdbx_aniso_diffraction_limit_axis_2_ortho[1]   ? 
_reflns.pdbx_aniso_diffraction_limit_axis_2_ortho[2]   ? 
_reflns.pdbx_aniso_diffraction_limit_axis_2_ortho[3]   ? 
_reflns.pdbx_aniso_diffraction_limit_axis_3_ortho[1]   ? 
_reflns.pdbx_aniso_diffraction_limit_axis_3_ortho[2]   ? 
_reflns.pdbx_aniso_diffraction_limit_axis_3_ortho[3]   ? 
_reflns.pdbx_aniso_diffraction_limit_1                 ? 
_reflns.pdbx_aniso_diffraction_limit_2                 ? 
_reflns.pdbx_aniso_diffraction_limit_3                 ? 
_reflns.pdbx_aniso_B_tensor_eigenvector_1_ortho[1]     ? 
_reflns.pdbx_aniso_B_tensor_eigenvector_1_ortho[2]     ? 
_reflns.pdbx_aniso_B_tensor_eigenvector_1_ortho[3]     ? 
_reflns.pdbx_aniso_B_tensor_eigenvector_2_ortho[1]     ? 
_reflns.pdbx_aniso_B_tensor_eigenvector_2_ortho[2]     ? 
_reflns.pdbx_aniso_B_tensor_eigenvector_2_ortho[3]     ? 
_reflns.pdbx_aniso_B_tensor_eigenvector_3_ortho[1]     ? 
_reflns.pdbx_aniso_B_tensor_eigenvector_3_ortho[2]     ? 
_reflns.pdbx_aniso_B_tensor_eigenvector_3_ortho[3]     ? 
_reflns.pdbx_aniso_B_tensor_eigenvalue_1               ? 
_reflns.pdbx_aniso_B_tensor_eigenvalue_2               ? 
_reflns.pdbx_aniso_B_tensor_eigenvalue_3               ? 
_reflns.pdbx_orthogonalization_convention              ? 
_reflns.pdbx_percent_possible_ellipsoidal              ? 
_reflns.pdbx_percent_possible_spherical                ? 
_reflns.pdbx_percent_possible_ellipsoidal_anomalous    ? 
_reflns.pdbx_percent_possible_spherical_anomalous      ? 
_reflns.pdbx_redundancy_anomalous                      ? 
_reflns.pdbx_CC_half_anomalous                         ? 
_reflns.pdbx_absDiff_over_sigma_anomalous              ? 
_reflns.pdbx_percent_possible_anomalous                ? 
_reflns.pdbx_observed_signal_threshold                 ? 
_reflns.pdbx_signal_type                               ? 
_reflns.pdbx_signal_details                            ? 
_reflns.pdbx_signal_software_id                        ? 
# 
_reflns_shell.d_res_high                                    2.89 
_reflns_shell.d_res_low                                     2.993 
_reflns_shell.meanI_over_sigI_all                           ? 
_reflns_shell.meanI_over_sigI_obs                           ? 
_reflns_shell.number_measured_all                           ? 
_reflns_shell.number_measured_obs                           ? 
_reflns_shell.number_possible                               ? 
_reflns_shell.number_unique_all                             ? 
_reflns_shell.number_unique_obs                             1226 
_reflns_shell.percent_possible_obs                          ? 
_reflns_shell.Rmerge_F_all                                  ? 
_reflns_shell.Rmerge_F_obs                                  ? 
_reflns_shell.meanI_over_sigI_gt                            ? 
_reflns_shell.meanI_over_uI_all                             ? 
_reflns_shell.meanI_over_uI_gt                              ? 
_reflns_shell.number_measured_gt                            ? 
_reflns_shell.number_unique_gt                              ? 
_reflns_shell.percent_possible_gt                           ? 
_reflns_shell.Rmerge_F_gt                                   ? 
_reflns_shell.Rmerge_I_gt                                   ? 
_reflns_shell.pdbx_redundancy                               ? 
_reflns_shell.pdbx_chi_squared                              ? 
_reflns_shell.pdbx_netI_over_sigmaI_all                     ? 
_reflns_shell.pdbx_netI_over_sigmaI_obs                     ? 
_reflns_shell.pdbx_Rrim_I_all                               ? 
_reflns_shell.pdbx_Rpim_I_all                               ? 
_reflns_shell.pdbx_rejects                                  ? 
_reflns_shell.pdbx_ordinal                                  1 
_reflns_shell.pdbx_diffrn_id                                1 
_reflns_shell.pdbx_CC_half                                  0.866 
_reflns_shell.pdbx_CC_star                                  ? 
_reflns_shell.pdbx_R_split                                  ? 
_reflns_shell.percent_possible_all                          ? 
_reflns_shell.Rmerge_I_all                                  ? 
_reflns_shell.Rmerge_I_obs                                  ? 
_reflns_shell.pdbx_Rsym_value                               ? 
_reflns_shell.pdbx_percent_possible_ellipsoidal             ? 
_reflns_shell.pdbx_percent_possible_spherical               ? 
_reflns_shell.pdbx_percent_possible_ellipsoidal_anomalous   ? 
_reflns_shell.pdbx_percent_possible_spherical_anomalous     ? 
_reflns_shell.pdbx_redundancy_anomalous                     ? 
_reflns_shell.pdbx_CC_half_anomalous                        ? 
_reflns_shell.pdbx_absDiff_over_sigma_anomalous             ? 
_reflns_shell.pdbx_percent_possible_anomalous               ? 
# 
_refine.aniso_B[1][1]                            ? 
_refine.aniso_B[1][2]                            ? 
_refine.aniso_B[1][3]                            ? 
_refine.aniso_B[2][2]                            ? 
_refine.aniso_B[2][3]                            ? 
_refine.aniso_B[3][3]                            ? 
_refine.B_iso_max                                ? 
_refine.B_iso_mean                               ? 
_refine.B_iso_min                                ? 
_refine.correlation_coeff_Fo_to_Fc               ? 
_refine.correlation_coeff_Fo_to_Fc_free          ? 
_refine.details                                  ? 
_refine.diff_density_max                         ? 
_refine.diff_density_max_esd                     ? 
_refine.diff_density_min                         ? 
_refine.diff_density_min_esd                     ? 
_refine.diff_density_rms                         ? 
_refine.diff_density_rms_esd                     ? 
_refine.entry_id                                 8YDC 
_refine.pdbx_refine_id                           'X-RAY DIFFRACTION' 
_refine.ls_abs_structure_details                 ? 
_refine.ls_abs_structure_Flack                   ? 
_refine.ls_abs_structure_Flack_esd               ? 
_refine.ls_abs_structure_Rogers                  ? 
_refine.ls_abs_structure_Rogers_esd              ? 
_refine.ls_d_res_high                            2.89 
_refine.ls_d_res_low                             16.25 
_refine.ls_extinction_coef                       ? 
_refine.ls_extinction_coef_esd                   ? 
_refine.ls_extinction_expression                 ? 
_refine.ls_extinction_method                     ? 
_refine.ls_goodness_of_fit_all                   ? 
_refine.ls_goodness_of_fit_all_esd               ? 
_refine.ls_goodness_of_fit_obs                   ? 
_refine.ls_goodness_of_fit_obs_esd               ? 
_refine.ls_hydrogen_treatment                    ? 
_refine.ls_matrix_type                           ? 
_refine.ls_number_constraints                    ? 
_refine.ls_number_parameters                     ? 
_refine.ls_number_reflns_all                     ? 
_refine.ls_number_reflns_obs                     12565 
_refine.ls_number_reflns_R_free                  642 
_refine.ls_number_reflns_R_work                  ? 
_refine.ls_number_restraints                     ? 
_refine.ls_percent_reflns_obs                    99.20 
_refine.ls_percent_reflns_R_free                 5.11 
_refine.ls_R_factor_all                          ? 
_refine.ls_R_factor_obs                          0.1960 
_refine.ls_R_factor_R_free                       0.2091 
_refine.ls_R_factor_R_free_error                 ? 
_refine.ls_R_factor_R_free_error_details         ? 
_refine.ls_R_factor_R_work                       0.1954 
_refine.ls_R_Fsqd_factor_obs                     ? 
_refine.ls_R_I_factor_obs                        ? 
_refine.ls_redundancy_reflns_all                 ? 
_refine.ls_redundancy_reflns_obs                 ? 
_refine.ls_restrained_S_all                      ? 
_refine.ls_restrained_S_obs                      ? 
_refine.ls_shift_over_esd_max                    ? 
_refine.ls_shift_over_esd_mean                   ? 
_refine.ls_structure_factor_coef                 ? 
_refine.ls_weighting_details                     ? 
_refine.ls_weighting_scheme                      ? 
_refine.ls_wR_factor_all                         ? 
_refine.ls_wR_factor_obs                         ? 
_refine.ls_wR_factor_R_free                      ? 
_refine.ls_wR_factor_R_work                      ? 
_refine.occupancy_max                            ? 
_refine.occupancy_min                            ? 
_refine.solvent_model_details                    'FLAT BULK SOLVENT MODEL' 
_refine.solvent_model_param_bsol                 ? 
_refine.solvent_model_param_ksol                 ? 
_refine.pdbx_R_complete                          ? 
_refine.ls_R_factor_gt                           ? 
_refine.ls_goodness_of_fit_gt                    ? 
_refine.ls_goodness_of_fit_ref                   ? 
_refine.ls_shift_over_su_max                     ? 
_refine.ls_shift_over_su_max_lt                  ? 
_refine.ls_shift_over_su_mean                    ? 
_refine.ls_shift_over_su_mean_lt                 ? 
_refine.pdbx_ls_sigma_I                          ? 
_refine.pdbx_ls_sigma_F                          1.34 
_refine.pdbx_ls_sigma_Fsqd                       ? 
_refine.pdbx_data_cutoff_high_absF               ? 
_refine.pdbx_data_cutoff_high_rms_absF           ? 
_refine.pdbx_data_cutoff_low_absF                ? 
_refine.pdbx_isotropic_thermal_model             ? 
_refine.pdbx_ls_cross_valid_method               'FREE R-VALUE' 
_refine.pdbx_method_to_determine_struct          SAD 
_refine.pdbx_starting_model                      ? 
_refine.pdbx_stereochemistry_target_values       ML 
_refine.pdbx_R_Free_selection_details            ? 
_refine.pdbx_stereochem_target_val_spec_case     ? 
_refine.pdbx_overall_ESU_R                       ? 
_refine.pdbx_overall_ESU_R_Free                  ? 
_refine.pdbx_solvent_vdw_probe_radii             1.11 
_refine.pdbx_solvent_ion_probe_radii             ? 
_refine.pdbx_solvent_shrinkage_radii             0.90 
_refine.pdbx_real_space_R                        ? 
_refine.pdbx_density_correlation                 ? 
_refine.pdbx_pd_number_of_powder_patterns        ? 
_refine.pdbx_pd_number_of_points                 ? 
_refine.pdbx_pd_meas_number_of_points            ? 
_refine.pdbx_pd_proc_ls_prof_R_factor            ? 
_refine.pdbx_pd_proc_ls_prof_wR_factor           ? 
_refine.pdbx_pd_Marquardt_correlation_coeff      ? 
_refine.pdbx_pd_Fsqrd_R_factor                   ? 
_refine.pdbx_pd_ls_matrix_band_width             ? 
_refine.pdbx_overall_phase_error                 27.57 
_refine.pdbx_overall_SU_R_free_Cruickshank_DPI   ? 
_refine.pdbx_overall_SU_R_free_Blow_DPI          ? 
_refine.pdbx_overall_SU_R_Blow_DPI               ? 
_refine.pdbx_TLS_residual_ADP_flag               ? 
_refine.pdbx_diffrn_id                           1 
_refine.overall_SU_B                             ? 
_refine.overall_SU_ML                            0.42 
_refine.overall_SU_R_Cruickshank_DPI             ? 
_refine.overall_SU_R_free                        ? 
_refine.overall_FOM_free_R_set                   ? 
_refine.overall_FOM_work_R_set                   ? 
_refine.pdbx_average_fsc_overall                 ? 
_refine.pdbx_average_fsc_work                    ? 
_refine.pdbx_average_fsc_free                    ? 
# 
_refine_hist.pdbx_refine_id                   'X-RAY DIFFRACTION' 
_refine_hist.cycle_id                         LAST 
_refine_hist.details                          ? 
_refine_hist.d_res_high                       2.89 
_refine_hist.d_res_low                        16.25 
_refine_hist.number_atoms_solvent             0 
_refine_hist.number_atoms_total               1549 
_refine_hist.number_reflns_all                ? 
_refine_hist.number_reflns_obs                ? 
_refine_hist.number_reflns_R_free             ? 
_refine_hist.number_reflns_R_work             ? 
_refine_hist.R_factor_all                     ? 
_refine_hist.R_factor_obs                     ? 
_refine_hist.R_factor_R_free                  ? 
_refine_hist.R_factor_R_work                  ? 
_refine_hist.pdbx_number_residues_total       ? 
_refine_hist.pdbx_B_iso_mean_ligand           ? 
_refine_hist.pdbx_B_iso_mean_solvent          ? 
_refine_hist.pdbx_number_atoms_protein        0 
_refine_hist.pdbx_number_atoms_nucleic_acid   1549 
_refine_hist.pdbx_number_atoms_ligand         0 
_refine_hist.pdbx_number_atoms_lipid          ? 
_refine_hist.pdbx_number_atoms_carb           ? 
_refine_hist.pdbx_pseudo_atom_details         ? 
# 
loop_
_refine_ls_restr.pdbx_refine_id 
_refine_ls_restr.criterion 
_refine_ls_restr.dev_ideal 
_refine_ls_restr.dev_ideal_target 
_refine_ls_restr.number 
_refine_ls_restr.rejects 
_refine_ls_restr.type 
_refine_ls_restr.weight 
_refine_ls_restr.pdbx_restraint_function 
'X-RAY DIFFRACTION' ? 0.009  ? ?   ? f_bond_d           ? ? 
'X-RAY DIFFRACTION' ? 1.866  ? ?   ? f_angle_d          ? ? 
'X-RAY DIFFRACTION' ? 16.742 ? 857 ? f_dihedral_angle_d ? ? 
'X-RAY DIFFRACTION' ? 0.076  ? 356 ? f_chiral_restr     ? ? 
'X-RAY DIFFRACTION' ? 0.011  ? 72  ? f_plane_restr      ? ? 
# 
loop_
_refine_ls_shell.pdbx_refine_id 
_refine_ls_shell.d_res_high 
_refine_ls_shell.d_res_low 
_refine_ls_shell.number_reflns_all 
_refine_ls_shell.number_reflns_obs 
_refine_ls_shell.number_reflns_R_free 
_refine_ls_shell.number_reflns_R_work 
_refine_ls_shell.percent_reflns_obs 
_refine_ls_shell.percent_reflns_R_free 
_refine_ls_shell.R_factor_all 
_refine_ls_shell.R_factor_obs 
_refine_ls_shell.R_factor_R_free_error 
_refine_ls_shell.R_factor_R_work 
_refine_ls_shell.redundancy_reflns_all 
_refine_ls_shell.redundancy_reflns_obs 
_refine_ls_shell.wR_factor_all 
_refine_ls_shell.wR_factor_obs 
_refine_ls_shell.wR_factor_R_free 
_refine_ls_shell.wR_factor_R_work 
_refine_ls_shell.pdbx_R_complete 
_refine_ls_shell.pdbx_total_number_of_bins_used 
_refine_ls_shell.pdbx_phase_error 
_refine_ls_shell.pdbx_fsc_work 
_refine_ls_shell.pdbx_fsc_free 
_refine_ls_shell.R_factor_R_free 
'X-RAY DIFFRACTION' 2.89 3.11 . . 117 2304 99.00 . . . . 0.3742 . . . . . . . . . . . 0.4001 
'X-RAY DIFFRACTION' 3.11 3.42 . . 142 2295 99.00 . . . . 0.2458 . . . . . . . . . . . 0.2923 
'X-RAY DIFFRACTION' 3.42 3.91 . . 131 2343 99.00 . . . . 0.2282 . . . . . . . . . . . 0.2551 
'X-RAY DIFFRACTION' 3.91 4.91 . . 123 2407 99.00 . . . . .      . . . . . . . . . . . 0.1591 
# 
_struct.entry_id                     8YDC 
_struct.title                        'Crystal structure of a hammerhead ribozyme with pseudoknot' 
_struct.pdbx_model_details           ? 
_struct.pdbx_formula_weight          ? 
_struct.pdbx_formula_weight_method   ? 
_struct.pdbx_model_type_details      ? 
_struct.pdbx_CASP_flag               N 
# 
_struct_keywords.entry_id        8YDC 
_struct_keywords.text            'catalysis, RNA' 
_struct_keywords.pdbx_keywords   RNA 
# 
loop_
_struct_asym.id 
_struct_asym.pdbx_blank_PDB_chainid_flag 
_struct_asym.pdbx_modified 
_struct_asym.entity_id 
_struct_asym.details 
A N N 1 ? 
B N N 2 ? 
C N N 3 ? 
# 
loop_
_struct_ref.id 
_struct_ref.db_name 
_struct_ref.db_code 
_struct_ref.pdbx_db_accession 
_struct_ref.pdbx_db_isoform 
_struct_ref.entity_id 
_struct_ref.pdbx_seq_one_letter_code 
_struct_ref.pdbx_align_begin 
1 PDB 8YDC 8YDC ? 1 ? 1 
2 PDB 8YDC 8YDC ? 2 ? 1 
# 
loop_
_struct_ref_seq.align_id 
_struct_ref_seq.ref_id 
_struct_ref_seq.pdbx_PDB_id_code 
_struct_ref_seq.pdbx_strand_id 
_struct_ref_seq.seq_align_beg 
_struct_ref_seq.pdbx_seq_align_beg_ins_code 
_struct_ref_seq.seq_align_end 
_struct_ref_seq.pdbx_seq_align_end_ins_code 
_struct_ref_seq.pdbx_db_accession 
_struct_ref_seq.db_align_beg 
_struct_ref_seq.pdbx_db_align_beg_ins_code 
_struct_ref_seq.db_align_end 
_struct_ref_seq.pdbx_db_align_end_ins_code 
_struct_ref_seq.pdbx_auth_seq_align_beg 
_struct_ref_seq.pdbx_auth_seq_align_end 
1 1 8YDC A 1 ? 58 ? 8YDC -1 ? 56 ? -1 56 
2 2 8YDC B 1 ? 14 ? 8YDC 1  ? 14 ? 1  14 
# 
_pdbx_struct_assembly.id                   1 
_pdbx_struct_assembly.details              author_and_software_defined_assembly 
_pdbx_struct_assembly.method_details       ? 
_pdbx_struct_assembly.oligomeric_details   dimeric 
_pdbx_struct_assembly.oligomeric_count     2 
# 
_pdbx_struct_assembly_gen.assembly_id       1 
_pdbx_struct_assembly_gen.oper_expression   1 
_pdbx_struct_assembly_gen.asym_id_list      A,B,C 
# 
_pdbx_struct_assembly_auth_evidence.id                     1 
_pdbx_struct_assembly_auth_evidence.assembly_id            1 
_pdbx_struct_assembly_auth_evidence.experimental_support   'gel filtration' 
_pdbx_struct_assembly_auth_evidence.details                ? 
# 
_pdbx_struct_oper_list.id                   1 
_pdbx_struct_oper_list.type                 'identity operation' 
_pdbx_struct_oper_list.name                 1_555 
_pdbx_struct_oper_list.symmetry_operation   x,y,z 
_pdbx_struct_oper_list.matrix[1][1]         1.0 
_pdbx_struct_oper_list.matrix[1][2]         0.0 
_pdbx_struct_oper_list.matrix[1][3]         0.0 
_pdbx_struct_oper_list.vector[1]            0.0 
_pdbx_struct_oper_list.matrix[2][1]         0.0 
_pdbx_struct_oper_list.matrix[2][2]         1.0 
_pdbx_struct_oper_list.matrix[2][3]         0.0 
_pdbx_struct_oper_list.vector[2]            0.0 
_pdbx_struct_oper_list.matrix[3][1]         0.0 
_pdbx_struct_oper_list.matrix[3][2]         0.0 
_pdbx_struct_oper_list.matrix[3][3]         1.0 
_pdbx_struct_oper_list.vector[3]            0.0 
# 
loop_
_struct_conn.id 
_struct_conn.conn_type_id 
_struct_conn.pdbx_leaving_atom_flag 
_struct_conn.pdbx_PDB_id 
_struct_conn.ptnr1_label_asym_id 
_struct_conn.ptnr1_label_comp_id 
_struct_conn.ptnr1_label_seq_id 
_struct_conn.ptnr1_label_atom_id 
_struct_conn.pdbx_ptnr1_label_alt_id 
_struct_conn.pdbx_ptnr1_PDB_ins_code 
_struct_conn.pdbx_ptnr1_standard_comp_id 
_struct_conn.ptnr1_symmetry 
_struct_conn.ptnr2_label_asym_id 
_struct_conn.ptnr2_label_comp_id 
_struct_conn.ptnr2_label_seq_id 
_struct_conn.ptnr2_label_atom_id 
_struct_conn.pdbx_ptnr2_label_alt_id 
_struct_conn.pdbx_ptnr2_PDB_ins_code 
_struct_conn.ptnr1_auth_asym_id 
_struct_conn.ptnr1_auth_comp_id 
_struct_conn.ptnr1_auth_seq_id 
_struct_conn.ptnr2_auth_asym_id 
_struct_conn.ptnr2_auth_comp_id 
_struct_conn.ptnr2_auth_seq_id 
_struct_conn.ptnr2_symmetry 
_struct_conn.pdbx_ptnr3_label_atom_id 
_struct_conn.pdbx_ptnr3_label_seq_id 
_struct_conn.pdbx_ptnr3_label_comp_id 
_struct_conn.pdbx_ptnr3_label_asym_id 
_struct_conn.pdbx_ptnr3_label_alt_id 
_struct_conn.pdbx_ptnr3_PDB_ins_code 
_struct_conn.details 
_struct_conn.pdbx_dist_value 
_struct_conn.pdbx_value_order 
_struct_conn.pdbx_role 
covale1  covale both ? A C 1  P  ? ? ? 1_555 C GTP .  "O3'" ? ? A C -1 A GTP 101 1_555 ? ? ? ? ? ? ?             1.559 ? ? 
hydrog1  hydrog ?    ? A A 3  N1 ? ? ? 1_555 A U   18 N3    ? ? A A 1  A U   16  1_555 ? ? ? ? ? ? WATSON-CRICK  ?     ? ? 
hydrog2  hydrog ?    ? A A 3  N6 ? ? ? 1_555 A U   18 O4    ? ? A A 1  A U   16  1_555 ? ? ? ? ? ? WATSON-CRICK  ?     ? ? 
hydrog3  hydrog ?    ? A G 4  N1 ? ? ? 1_555 A C   17 N3    ? ? A G 2  A C   15  1_555 ? ? ? ? ? ? WATSON-CRICK  ?     ? ? 
hydrog4  hydrog ?    ? A G 4  N2 ? ? ? 1_555 A C   17 O2    ? ? A G 2  A C   15  1_555 ? ? ? ? ? ? WATSON-CRICK  ?     ? ? 
hydrog5  hydrog ?    ? A G 4  O6 ? ? ? 1_555 A C   17 N4    ? ? A G 2  A C   15  1_555 ? ? ? ? ? ? WATSON-CRICK  ?     ? ? 
hydrog6  hydrog ?    ? A G 4  N2 ? ? ? 1_555 A U   20 O4    ? ? A G 2  A U   18  1_555 ? ? ? ? ? ? 'G-U MISPAIR' ?     ? ? 
hydrog7  hydrog ?    ? A A 5  N1 ? ? ? 1_555 A U   16 N3    ? ? A A 3  A U   14  1_555 ? ? ? ? ? ? WATSON-CRICK  ?     ? ? 
hydrog8  hydrog ?    ? A A 5  N6 ? ? ? 1_555 A U   16 O4    ? ? A A 3  A U   14  1_555 ? ? ? ? ? ? WATSON-CRICK  ?     ? ? 
hydrog9  hydrog ?    ? A C 6  N3 ? ? ? 1_555 A G   15 N1    ? ? A C 4  A G   13  1_555 ? ? ? ? ? ? WATSON-CRICK  ?     ? ? 
hydrog10 hydrog ?    ? A C 6  N4 ? ? ? 1_555 A G   15 O6    ? ? A C 4  A G   13  1_555 ? ? ? ? ? ? WATSON-CRICK  ?     ? ? 
hydrog11 hydrog ?    ? A C 6  O2 ? ? ? 1_555 A G   15 N2    ? ? A C 4  A G   13  1_555 ? ? ? ? ? ? WATSON-CRICK  ?     ? ? 
hydrog12 hydrog ?    ? A C 6  O2 ? ? ? 1_555 A A   22 N6    ? ? A C 4  A A   20  1_555 ? ? ? ? ? ? 'C-A MISPAIR' ?     ? ? 
hydrog13 hydrog ?    ? A C 6  O2 ? ? ? 1_555 A A   23 N6    ? ? A C 4  A A   21  1_555 ? ? ? ? ? ? 'C-A MISPAIR' ?     ? ? 
hydrog14 hydrog ?    ? A A 7  N1 ? ? ? 1_555 A A   14 N6    ? ? A A 5  A A   12  1_555 ? ? ? ? ? ? TYPE_1_PAIR   ?     ? ? 
hydrog15 hydrog ?    ? A A 7  N6 ? ? ? 1_555 A A   14 N1    ? ? A A 5  A A   12  1_555 ? ? ? ? ? ? TYPE_1_PAIR   ?     ? ? 
hydrog16 hydrog ?    ? A A 7  N6 ? ? ? 1_555 A A   24 N1    ? ? A A 5  A A   22  1_555 ? ? ? ? ? ? TYPE_5_PAIR   ?     ? ? 
hydrog17 hydrog ?    ? A A 7  N7 ? ? ? 1_555 A A   24 N6    ? ? A A 5  A A   22  1_555 ? ? ? ? ? ? TYPE_5_PAIR   ?     ? ? 
hydrog18 hydrog ?    ? A A 8  N6 ? ? ? 1_555 A A   44 N1    ? ? A A 6  A A   42  1_555 ? ? ? ? ? ? 'A-A MISPAIR' ?     ? ? 
hydrog19 hydrog ?    ? A C 9  N3 ? ? ? 1_555 A G   43 N1    ? ? A C 7  A G   41  1_555 ? ? ? ? ? ? WATSON-CRICK  ?     ? ? 
hydrog20 hydrog ?    ? A C 9  N4 ? ? ? 1_555 A G   43 O6    ? ? A C 7  A G   41  1_555 ? ? ? ? ? ? WATSON-CRICK  ?     ? ? 
hydrog21 hydrog ?    ? A C 9  O2 ? ? ? 1_555 A G   43 N2    ? ? A C 7  A G   41  1_555 ? ? ? ? ? ? WATSON-CRICK  ?     ? ? 
hydrog22 hydrog ?    ? A C 10 N3 ? ? ? 1_555 A G   42 N1    ? ? A C 8  A G   40  1_555 ? ? ? ? ? ? WATSON-CRICK  ?     ? ? 
hydrog23 hydrog ?    ? A C 10 N4 ? ? ? 1_555 A G   42 O6    ? ? A C 8  A G   40  1_555 ? ? ? ? ? ? WATSON-CRICK  ?     ? ? 
hydrog24 hydrog ?    ? A C 10 O2 ? ? ? 1_555 A G   42 N2    ? ? A C 8  A G   40  1_555 ? ? ? ? ? ? WATSON-CRICK  ?     ? ? 
hydrog25 hydrog ?    ? A A 11 N1 ? ? ? 1_555 A U   41 N3    ? ? A A 9  A U   39  1_555 ? ? ? ? ? ? WATSON-CRICK  ?     ? ? 
hydrog26 hydrog ?    ? A A 11 N6 ? ? ? 1_555 A U   41 O4    ? ? A A 9  A U   39  1_555 ? ? ? ? ? ? WATSON-CRICK  ?     ? ? 
hydrog27 hydrog ?    ? A G 12 N1 ? ? ? 1_555 A C   40 N3    ? ? A G 10 A C   38  1_555 ? ? ? ? ? ? WATSON-CRICK  ?     ? ? 
hydrog28 hydrog ?    ? A G 12 N2 ? ? ? 1_555 A C   40 O2    ? ? A G 10 A C   38  1_555 ? ? ? ? ? ? WATSON-CRICK  ?     ? ? 
hydrog29 hydrog ?    ? A G 12 O6 ? ? ? 1_555 A C   40 N4    ? ? A G 10 A C   38  1_555 ? ? ? ? ? ? WATSON-CRICK  ?     ? ? 
hydrog30 hydrog ?    ? A G 13 N2 ? ? ? 1_555 A U   25 O2    ? ? A G 11 A U   23  1_555 ? ? ? ? ? ? 'G-U MISPAIR' ?     ? ? 
hydrog31 hydrog ?    ? A G 13 N1 ? ? ? 1_555 A A   39 N1    ? ? A G 11 A A   37  1_555 ? ? ? ? ? ? TYPE_8_PAIR   ?     ? ? 
hydrog32 hydrog ?    ? A G 13 O6 ? ? ? 1_555 A A   39 N6    ? ? A G 11 A A   37  1_555 ? ? ? ? ? ? TYPE_8_PAIR   ?     ? ? 
hydrog33 hydrog ?    ? A G 15 N2 ? ? ? 1_555 A A   23 N1    ? ? A G 13 A A   21  1_555 ? ? ? ? ? ? 'G-A MISPAIR' ?     ? ? 
hydrog34 hydrog ?    ? A U 16 O2 ? ? ? 1_555 A A   22 N6    ? ? A U 14 A A   20  1_555 ? ? ? ? ? ? 'U-A PAIR'    ?     ? ? 
hydrog35 hydrog ?    ? A C 17 O2 ? ? ? 1_555 A A   21 N6    ? ? A C 15 A A   19  1_555 ? ? ? ? ? ? 'C-A MISPAIR' ?     ? ? 
hydrog36 hydrog ?    ? A U 25 N3 ? ? ? 1_555 A A   39 N3    ? ? A U 23 A A   37  1_555 ? ? ? ? ? ? 'U-A PAIR'    ?     ? ? 
hydrog37 hydrog ?    ? A U 26 N3 ? ? ? 1_555 B A   14 N1    ? ? A U 24 B A   14  1_555 ? ? ? ? ? ? WATSON-CRICK  ?     ? ? 
hydrog38 hydrog ?    ? A U 26 O4 ? ? ? 1_555 B A   14 N6    ? ? A U 24 B A   14  1_555 ? ? ? ? ? ? WATSON-CRICK  ?     ? ? 
hydrog39 hydrog ?    ? A C 27 N3 ? ? ? 1_555 B G   13 N1    ? ? A C 25 B G   13  1_555 ? ? ? ? ? ? WATSON-CRICK  ?     ? ? 
hydrog40 hydrog ?    ? A C 27 N4 ? ? ? 1_555 B G   13 O6    ? ? A C 25 B G   13  1_555 ? ? ? ? ? ? WATSON-CRICK  ?     ? ? 
hydrog41 hydrog ?    ? A C 27 O2 ? ? ? 1_555 B G   13 N2    ? ? A C 25 B G   13  1_555 ? ? ? ? ? ? WATSON-CRICK  ?     ? ? 
hydrog42 hydrog ?    ? A C 28 N3 ? ? ? 1_555 B G   12 N1    ? ? A C 26 B G   12  1_555 ? ? ? ? ? ? WATSON-CRICK  ?     ? ? 
hydrog43 hydrog ?    ? A C 28 N4 ? ? ? 1_555 B G   12 O6    ? ? A C 26 B G   12  1_555 ? ? ? ? ? ? WATSON-CRICK  ?     ? ? 
hydrog44 hydrog ?    ? A C 28 O2 ? ? ? 1_555 B G   12 N2    ? ? A C 26 B G   12  1_555 ? ? ? ? ? ? WATSON-CRICK  ?     ? ? 
hydrog45 hydrog ?    ? A C 29 N3 ? ? ? 1_555 B G   11 N1    ? ? A C 27 B G   11  1_555 ? ? ? ? ? ? WATSON-CRICK  ?     ? ? 
hydrog46 hydrog ?    ? A C 29 N4 ? ? ? 1_555 B G   11 O6    ? ? A C 27 B G   11  1_555 ? ? ? ? ? ? WATSON-CRICK  ?     ? ? 
hydrog47 hydrog ?    ? A C 29 O2 ? ? ? 1_555 B G   11 N2    ? ? A C 27 B G   11  1_555 ? ? ? ? ? ? WATSON-CRICK  ?     ? ? 
hydrog48 hydrog ?    ? A A 30 N1 ? ? ? 1_555 B U   10 N3    ? ? A A 28 B U   10  1_555 ? ? ? ? ? ? WATSON-CRICK  ?     ? ? 
hydrog49 hydrog ?    ? A A 30 N6 ? ? ? 1_555 B U   10 O4    ? ? A A 28 B U   10  1_555 ? ? ? ? ? ? WATSON-CRICK  ?     ? ? 
hydrog50 hydrog ?    ? A C 31 N3 ? ? ? 1_555 A G   36 N1    ? ? A C 29 A G   34  1_555 ? ? ? ? ? ? WATSON-CRICK  ?     ? ? 
hydrog51 hydrog ?    ? A C 31 N4 ? ? ? 1_555 A G   36 O6    ? ? A C 29 A G   34  1_555 ? ? ? ? ? ? WATSON-CRICK  ?     ? ? 
hydrog52 hydrog ?    ? A C 31 O2 ? ? ? 1_555 A G   36 N2    ? ? A C 29 A G   34  1_555 ? ? ? ? ? ? WATSON-CRICK  ?     ? ? 
hydrog53 hydrog ?    ? A G 33 N2 ? ? ? 1_555 A A   48 N1    ? ? A G 31 A A   46  1_555 ? ? ? ? ? ? 'G-A MISPAIR' ?     ? ? 
hydrog54 hydrog ?    ? A A 37 N6 ? ? ? 1_555 A G   46 N3    ? ? A A 35 A G   44  1_555 ? ? ? ? ? ? TYPE_11_PAIR  ?     ? ? 
hydrog55 hydrog ?    ? A A 37 N7 ? ? ? 1_555 A G   46 N2    ? ? A A 35 A G   44  1_555 ? ? ? ? ? ? TYPE_11_PAIR  ?     ? ? 
hydrog56 hydrog ?    ? A G 38 N1 ? ? ? 1_555 A C   45 N3    ? ? A G 36 A C   43  1_555 ? ? ? ? ? ? WATSON-CRICK  ?     ? ? 
hydrog57 hydrog ?    ? A G 38 N2 ? ? ? 1_555 A C   45 O2    ? ? A G 36 A C   43  1_555 ? ? ? ? ? ? WATSON-CRICK  ?     ? ? 
hydrog58 hydrog ?    ? A G 38 O6 ? ? ? 1_555 A C   45 N4    ? ? A G 36 A C   43  1_555 ? ? ? ? ? ? WATSON-CRICK  ?     ? ? 
hydrog59 hydrog ?    ? A A 49 N1 ? ? ? 1_555 B U   8  N3    ? ? A A 47 B U   8   1_555 ? ? ? ? ? ? WATSON-CRICK  ?     ? ? 
hydrog60 hydrog ?    ? A A 49 N6 ? ? ? 1_555 B U   8  O4    ? ? A A 47 B U   8   1_555 ? ? ? ? ? ? WATSON-CRICK  ?     ? ? 
hydrog61 hydrog ?    ? A G 50 N1 ? ? ? 1_555 B C   7  N3    ? ? A G 48 B C   7   1_555 ? ? ? ? ? ? WATSON-CRICK  ?     ? ? 
hydrog62 hydrog ?    ? A G 50 N2 ? ? ? 1_555 B C   7  O2    ? ? A G 48 B C   7   1_555 ? ? ? ? ? ? WATSON-CRICK  ?     ? ? 
hydrog63 hydrog ?    ? A G 50 O6 ? ? ? 1_555 B C   7  N4    ? ? A G 48 B C   7   1_555 ? ? ? ? ? ? WATSON-CRICK  ?     ? ? 
hydrog64 hydrog ?    ? A A 51 N1 ? ? ? 1_555 B U   6  N3    ? ? A A 49 B U   6   1_555 ? ? ? ? ? ? WATSON-CRICK  ?     ? ? 
hydrog65 hydrog ?    ? A A 51 N6 ? ? ? 1_555 B U   6  O4    ? ? A A 49 B U   6   1_555 ? ? ? ? ? ? WATSON-CRICK  ?     ? ? 
hydrog66 hydrog ?    ? A C 52 N3 ? ? ? 1_555 B G   5  N1    ? ? A C 50 B G   5   1_555 ? ? ? ? ? ? WATSON-CRICK  ?     ? ? 
hydrog67 hydrog ?    ? A C 52 N4 ? ? ? 1_555 B G   5  O6    ? ? A C 50 B G   5   1_555 ? ? ? ? ? ? WATSON-CRICK  ?     ? ? 
hydrog68 hydrog ?    ? A C 52 O2 ? ? ? 1_555 B G   5  N2    ? ? A C 50 B G   5   1_555 ? ? ? ? ? ? WATSON-CRICK  ?     ? ? 
hydrog69 hydrog ?    ? A A 53 N1 ? ? ? 1_555 B U   4  N3    ? ? A A 51 B U   4   1_555 ? ? ? ? ? ? WATSON-CRICK  ?     ? ? 
hydrog70 hydrog ?    ? A A 53 N6 ? ? ? 1_555 B U   4  O4    ? ? A A 51 B U   4   1_555 ? ? ? ? ? ? WATSON-CRICK  ?     ? ? 
hydrog71 hydrog ?    ? A U 54 N3 ? ? ? 1_555 B A   3  N1    ? ? A U 52 B A   3   1_555 ? ? ? ? ? ? WATSON-CRICK  ?     ? ? 
hydrog72 hydrog ?    ? A U 54 O4 ? ? ? 1_555 B A   3  N6    ? ? A U 52 B A   3   1_555 ? ? ? ? ? ? WATSON-CRICK  ?     ? ? 
hydrog73 hydrog ?    ? A G 55 N1 ? ? ? 1_555 B C   2  N3    ? ? A G 53 B C   2   1_555 ? ? ? ? ? ? WATSON-CRICK  ?     ? ? 
hydrog74 hydrog ?    ? A G 55 N2 ? ? ? 1_555 B C   2  O2    ? ? A G 53 B C   2   1_555 ? ? ? ? ? ? WATSON-CRICK  ?     ? ? 
hydrog75 hydrog ?    ? A G 55 O6 ? ? ? 1_555 B C   2  N4    ? ? A G 53 B C   2   1_555 ? ? ? ? ? ? WATSON-CRICK  ?     ? ? 
hydrog76 hydrog ?    ? A U 56 N3 ? ? ? 1_555 B A   1  N1    ? ? A U 54 B A   1   1_555 ? ? ? ? ? ? WATSON-CRICK  ?     ? ? 
hydrog77 hydrog ?    ? A U 56 O4 ? ? ? 1_555 B A   1  N6    ? ? A U 54 B A   1   1_555 ? ? ? ? ? ? WATSON-CRICK  ?     ? ? 
# 
loop_
_struct_conn_type.id 
_struct_conn_type.criteria 
_struct_conn_type.reference 
covale ? ? 
hydrog ? ? 
# 
_pdbx_validate_rmsd_bond.id                        1 
_pdbx_validate_rmsd_bond.PDB_model_num             1 
_pdbx_validate_rmsd_bond.auth_atom_id_1            "C5'" 
_pdbx_validate_rmsd_bond.auth_asym_id_1            A 
_pdbx_validate_rmsd_bond.auth_comp_id_1            G 
_pdbx_validate_rmsd_bond.auth_seq_id_1             36 
_pdbx_validate_rmsd_bond.PDB_ins_code_1            ? 
_pdbx_validate_rmsd_bond.label_alt_id_1            ? 
_pdbx_validate_rmsd_bond.auth_atom_id_2            "C4'" 
_pdbx_validate_rmsd_bond.auth_asym_id_2            A 
_pdbx_validate_rmsd_bond.auth_comp_id_2            G 
_pdbx_validate_rmsd_bond.auth_seq_id_2             36 
_pdbx_validate_rmsd_bond.PDB_ins_code_2            ? 
_pdbx_validate_rmsd_bond.label_alt_id_2            ? 
_pdbx_validate_rmsd_bond.bond_value                1.466 
_pdbx_validate_rmsd_bond.bond_target_value         1.508 
_pdbx_validate_rmsd_bond.bond_deviation            -0.042 
_pdbx_validate_rmsd_bond.bond_standard_deviation   0.007 
_pdbx_validate_rmsd_bond.linker_flag               N 
# 
loop_
_pdbx_validate_rmsd_angle.id 
_pdbx_validate_rmsd_angle.PDB_model_num 
_pdbx_validate_rmsd_angle.auth_atom_id_1 
_pdbx_validate_rmsd_angle.auth_asym_id_1 
_pdbx_validate_rmsd_angle.auth_comp_id_1 
_pdbx_validate_rmsd_angle.auth_seq_id_1 
_pdbx_validate_rmsd_angle.PDB_ins_code_1 
_pdbx_validate_rmsd_angle.label_alt_id_1 
_pdbx_validate_rmsd_angle.auth_atom_id_2 
_pdbx_validate_rmsd_angle.auth_asym_id_2 
_pdbx_validate_rmsd_angle.auth_comp_id_2 
_pdbx_validate_rmsd_angle.auth_seq_id_2 
_pdbx_validate_rmsd_angle.PDB_ins_code_2 
_pdbx_validate_rmsd_angle.label_alt_id_2 
_pdbx_validate_rmsd_angle.auth_atom_id_3 
_pdbx_validate_rmsd_angle.auth_asym_id_3 
_pdbx_validate_rmsd_angle.auth_comp_id_3 
_pdbx_validate_rmsd_angle.auth_seq_id_3 
_pdbx_validate_rmsd_angle.PDB_ins_code_3 
_pdbx_validate_rmsd_angle.label_alt_id_3 
_pdbx_validate_rmsd_angle.angle_value 
_pdbx_validate_rmsd_angle.angle_target_value 
_pdbx_validate_rmsd_angle.angle_deviation 
_pdbx_validate_rmsd_angle.angle_standard_deviation 
_pdbx_validate_rmsd_angle.linker_flag 
1  1 "O5'" A A  6  ? ? P     A A  6  ? ? OP1   A A  6  ? ? 117.93 110.70 7.23   1.20 N 
2  1 "O3'" A A  6  ? ? P     A C  7  ? ? OP2   A C  7  ? ? 117.12 110.50 6.62   1.10 Y 
3  1 C6    A C  7  ? ? N1    A C  7  ? ? C2    A C  7  ? ? 117.78 120.30 -2.52  0.40 N 
4  1 C5    A U  18 ? ? C6    A U  18 ? ? N1    A U  18 ? ? 118.32 122.70 -4.38  0.50 N 
5  1 N3    A U  18 ? ? C4    A U  18 ? ? O4    A U  18 ? ? 114.90 119.40 -4.50  0.70 N 
6  1 C5    A U  18 ? ? C4    A U  18 ? ? O4    A U  18 ? ? 129.86 125.90 3.96   0.60 N 
7  1 C2    A U  18 ? ? N1    A U  18 ? ? "C1'" A U  18 ? ? 109.12 117.70 -8.58  1.20 N 
8  1 "O4'" A A  19 ? ? "C1'" A A  19 ? ? N9    A A  19 ? ? 112.71 108.50 4.21   0.70 N 
9  1 "O4'" A G  36 ? ? "C1'" A G  36 ? ? N9    A G  36 ? ? 113.88 108.50 5.38   0.70 N 
10 1 "O3'" A A  37 ? ? P     A C  38 ? ? OP2   A C  38 ? ? 118.49 110.50 7.99   1.10 Y 
11 1 "O3'" A A  37 ? ? P     A C  38 ? ? OP1   A C  38 ? ? 90.77  105.20 -14.43 2.20 Y 
12 1 C6    A C  38 ? ? N1    A C  38 ? ? C2    A C  38 ? ? 122.94 120.30 2.64   0.40 N 
13 1 "O3'" B U  8  ? ? P     B DC 9  ? ? OP2   B DC 9  ? ? 119.15 110.50 8.65   1.10 Y 
14 1 OP1   B DC 9  ? ? P     B DC 9  ? ? OP2   B DC 9  ? ? 106.07 119.60 -13.53 1.50 N 
# 
_pdbx_entry_details.entry_id                   8YDC 
_pdbx_entry_details.nonpolymer_details         ? 
_pdbx_entry_details.sequence_details           ? 
_pdbx_entry_details.compound_details           ? 
_pdbx_entry_details.source_details             ? 
_pdbx_entry_details.has_ligand_of_interest     Y 
_pdbx_entry_details.has_protein_modification   ? 
# 
_pdbx_unobs_or_zero_occ_residues.id               1 
_pdbx_unobs_or_zero_occ_residues.PDB_model_num    1 
_pdbx_unobs_or_zero_occ_residues.polymer_flag     Y 
_pdbx_unobs_or_zero_occ_residues.occupancy_flag   1 
_pdbx_unobs_or_zero_occ_residues.auth_asym_id     A 
_pdbx_unobs_or_zero_occ_residues.auth_comp_id     U 
_pdbx_unobs_or_zero_occ_residues.auth_seq_id      56 
_pdbx_unobs_or_zero_occ_residues.PDB_ins_code     ? 
_pdbx_unobs_or_zero_occ_residues.label_asym_id    A 
_pdbx_unobs_or_zero_occ_residues.label_comp_id    U 
_pdbx_unobs_or_zero_occ_residues.label_seq_id     58 
# 
loop_
_chem_comp_atom.comp_id 
_chem_comp_atom.atom_id 
_chem_comp_atom.type_symbol 
_chem_comp_atom.pdbx_aromatic_flag 
_chem_comp_atom.pdbx_stereo_config 
_chem_comp_atom.pdbx_ordinal 
A   OP3    O N N 1   
A   P      P N N 2   
A   OP1    O N N 3   
A   OP2    O N N 4   
A   "O5'"  O N N 5   
A   "C5'"  C N N 6   
A   "C4'"  C N R 7   
A   "O4'"  O N N 8   
A   "C3'"  C N S 9   
A   "O3'"  O N N 10  
A   "C2'"  C N R 11  
A   "O2'"  O N N 12  
A   "C1'"  C N R 13  
A   N9     N Y N 14  
A   C8     C Y N 15  
A   N7     N Y N 16  
A   C5     C Y N 17  
A   C6     C Y N 18  
A   N6     N N N 19  
A   N1     N Y N 20  
A   C2     C Y N 21  
A   N3     N Y N 22  
A   C4     C Y N 23  
A   HOP3   H N N 24  
A   HOP2   H N N 25  
A   "H5'"  H N N 26  
A   "H5''" H N N 27  
A   "H4'"  H N N 28  
A   "H3'"  H N N 29  
A   "HO3'" H N N 30  
A   "H2'"  H N N 31  
A   "HO2'" H N N 32  
A   "H1'"  H N N 33  
A   H8     H N N 34  
A   H61    H N N 35  
A   H62    H N N 36  
A   H2     H N N 37  
C   OP3    O N N 38  
C   P      P N N 39  
C   OP1    O N N 40  
C   OP2    O N N 41  
C   "O5'"  O N N 42  
C   "C5'"  C N N 43  
C   "C4'"  C N R 44  
C   "O4'"  O N N 45  
C   "C3'"  C N S 46  
C   "O3'"  O N N 47  
C   "C2'"  C N R 48  
C   "O2'"  O N N 49  
C   "C1'"  C N R 50  
C   N1     N N N 51  
C   C2     C N N 52  
C   O2     O N N 53  
C   N3     N N N 54  
C   C4     C N N 55  
C   N4     N N N 56  
C   C5     C N N 57  
C   C6     C N N 58  
C   HOP3   H N N 59  
C   HOP2   H N N 60  
C   "H5'"  H N N 61  
C   "H5''" H N N 62  
C   "H4'"  H N N 63  
C   "H3'"  H N N 64  
C   "HO3'" H N N 65  
C   "H2'"  H N N 66  
C   "HO2'" H N N 67  
C   "H1'"  H N N 68  
C   H41    H N N 69  
C   H42    H N N 70  
C   H5     H N N 71  
C   H6     H N N 72  
DC  OP3    O N N 73  
DC  P      P N N 74  
DC  OP1    O N N 75  
DC  OP2    O N N 76  
DC  "O5'"  O N N 77  
DC  "C5'"  C N N 78  
DC  "C4'"  C N R 79  
DC  "O4'"  O N N 80  
DC  "C3'"  C N S 81  
DC  "O3'"  O N N 82  
DC  "C2'"  C N N 83  
DC  "C1'"  C N R 84  
DC  N1     N N N 85  
DC  C2     C N N 86  
DC  O2     O N N 87  
DC  N3     N N N 88  
DC  C4     C N N 89  
DC  N4     N N N 90  
DC  C5     C N N 91  
DC  C6     C N N 92  
DC  HOP3   H N N 93  
DC  HOP2   H N N 94  
DC  "H5'"  H N N 95  
DC  "H5''" H N N 96  
DC  "H4'"  H N N 97  
DC  "H3'"  H N N 98  
DC  "HO3'" H N N 99  
DC  "H2'"  H N N 100 
DC  "H2''" H N N 101 
DC  "H1'"  H N N 102 
DC  H41    H N N 103 
DC  H42    H N N 104 
DC  H5     H N N 105 
DC  H6     H N N 106 
G   OP3    O N N 107 
G   P      P N N 108 
G   OP1    O N N 109 
G   OP2    O N N 110 
G   "O5'"  O N N 111 
G   "C5'"  C N N 112 
G   "C4'"  C N R 113 
G   "O4'"  O N N 114 
G   "C3'"  C N S 115 
G   "O3'"  O N N 116 
G   "C2'"  C N R 117 
G   "O2'"  O N N 118 
G   "C1'"  C N R 119 
G   N9     N Y N 120 
G   C8     C Y N 121 
G   N7     N Y N 122 
G   C5     C Y N 123 
G   C6     C N N 124 
G   O6     O N N 125 
G   N1     N N N 126 
G   C2     C N N 127 
G   N2     N N N 128 
G   N3     N N N 129 
G   C4     C Y N 130 
G   HOP3   H N N 131 
G   HOP2   H N N 132 
G   "H5'"  H N N 133 
G   "H5''" H N N 134 
G   "H4'"  H N N 135 
G   "H3'"  H N N 136 
G   "HO3'" H N N 137 
G   "H2'"  H N N 138 
G   "HO2'" H N N 139 
G   "H1'"  H N N 140 
G   H8     H N N 141 
G   H1     H N N 142 
G   H21    H N N 143 
G   H22    H N N 144 
GTP PG     P N N 145 
GTP O1G    O N N 146 
GTP O2G    O N N 147 
GTP O3G    O N N 148 
GTP O3B    O N N 149 
GTP PB     P N N 150 
GTP O1B    O N N 151 
GTP O2B    O N N 152 
GTP O3A    O N N 153 
GTP PA     P N N 154 
GTP O1A    O N N 155 
GTP O2A    O N N 156 
GTP "O5'"  O N N 157 
GTP "C5'"  C N N 158 
GTP "C4'"  C N R 159 
GTP "O4'"  O N N 160 
GTP "C3'"  C N S 161 
GTP "O3'"  O N N 162 
GTP "C2'"  C N R 163 
GTP "O2'"  O N N 164 
GTP "C1'"  C N R 165 
GTP N9     N Y N 166 
GTP C8     C Y N 167 
GTP N7     N Y N 168 
GTP C5     C Y N 169 
GTP C6     C N N 170 
GTP O6     O N N 171 
GTP N1     N N N 172 
GTP C2     C N N 173 
GTP N2     N N N 174 
GTP N3     N N N 175 
GTP C4     C Y N 176 
GTP HOG2   H N N 177 
GTP HOG3   H N N 178 
GTP HOB2   H N N 179 
GTP HOA2   H N N 180 
GTP "H5'"  H N N 181 
GTP "H5''" H N N 182 
GTP "H4'"  H N N 183 
GTP "H3'"  H N N 184 
GTP "HO3'" H N N 185 
GTP "H2'"  H N N 186 
GTP "HO2'" H N N 187 
GTP "H1'"  H N N 188 
GTP H8     H N N 189 
GTP HN1    H N N 190 
GTP HN21   H N N 191 
GTP HN22   H N N 192 
U   OP3    O N N 193 
U   P      P N N 194 
U   OP1    O N N 195 
U   OP2    O N N 196 
U   "O5'"  O N N 197 
U   "C5'"  C N N 198 
U   "C4'"  C N R 199 
U   "O4'"  O N N 200 
U   "C3'"  C N S 201 
U   "O3'"  O N N 202 
U   "C2'"  C N R 203 
U   "O2'"  O N N 204 
U   "C1'"  C N R 205 
U   N1     N N N 206 
U   C2     C N N 207 
U   O2     O N N 208 
U   N3     N N N 209 
U   C4     C N N 210 
U   O4     O N N 211 
U   C5     C N N 212 
U   C6     C N N 213 
U   HOP3   H N N 214 
U   HOP2   H N N 215 
U   "H5'"  H N N 216 
U   "H5''" H N N 217 
U   "H4'"  H N N 218 
U   "H3'"  H N N 219 
U   "HO3'" H N N 220 
U   "H2'"  H N N 221 
U   "HO2'" H N N 222 
U   "H1'"  H N N 223 
U   H3     H N N 224 
U   H5     H N N 225 
U   H6     H N N 226 
# 
loop_
_chem_comp_bond.comp_id 
_chem_comp_bond.atom_id_1 
_chem_comp_bond.atom_id_2 
_chem_comp_bond.value_order 
_chem_comp_bond.pdbx_aromatic_flag 
_chem_comp_bond.pdbx_stereo_config 
_chem_comp_bond.pdbx_ordinal 
A   OP3   P      sing N N 1   
A   OP3   HOP3   sing N N 2   
A   P     OP1    doub N N 3   
A   P     OP2    sing N N 4   
A   P     "O5'"  sing N N 5   
A   OP2   HOP2   sing N N 6   
A   "O5'" "C5'"  sing N N 7   
A   "C5'" "C4'"  sing N N 8   
A   "C5'" "H5'"  sing N N 9   
A   "C5'" "H5''" sing N N 10  
A   "C4'" "O4'"  sing N N 11  
A   "C4'" "C3'"  sing N N 12  
A   "C4'" "H4'"  sing N N 13  
A   "O4'" "C1'"  sing N N 14  
A   "C3'" "O3'"  sing N N 15  
A   "C3'" "C2'"  sing N N 16  
A   "C3'" "H3'"  sing N N 17  
A   "O3'" "HO3'" sing N N 18  
A   "C2'" "O2'"  sing N N 19  
A   "C2'" "C1'"  sing N N 20  
A   "C2'" "H2'"  sing N N 21  
A   "O2'" "HO2'" sing N N 22  
A   "C1'" N9     sing N N 23  
A   "C1'" "H1'"  sing N N 24  
A   N9    C8     sing Y N 25  
A   N9    C4     sing Y N 26  
A   C8    N7     doub Y N 27  
A   C8    H8     sing N N 28  
A   N7    C5     sing Y N 29  
A   C5    C6     sing Y N 30  
A   C5    C4     doub Y N 31  
A   C6    N6     sing N N 32  
A   C6    N1     doub Y N 33  
A   N6    H61    sing N N 34  
A   N6    H62    sing N N 35  
A   N1    C2     sing Y N 36  
A   C2    N3     doub Y N 37  
A   C2    H2     sing N N 38  
A   N3    C4     sing Y N 39  
C   OP3   P      sing N N 40  
C   OP3   HOP3   sing N N 41  
C   P     OP1    doub N N 42  
C   P     OP2    sing N N 43  
C   P     "O5'"  sing N N 44  
C   OP2   HOP2   sing N N 45  
C   "O5'" "C5'"  sing N N 46  
C   "C5'" "C4'"  sing N N 47  
C   "C5'" "H5'"  sing N N 48  
C   "C5'" "H5''" sing N N 49  
C   "C4'" "O4'"  sing N N 50  
C   "C4'" "C3'"  sing N N 51  
C   "C4'" "H4'"  sing N N 52  
C   "O4'" "C1'"  sing N N 53  
C   "C3'" "O3'"  sing N N 54  
C   "C3'" "C2'"  sing N N 55  
C   "C3'" "H3'"  sing N N 56  
C   "O3'" "HO3'" sing N N 57  
C   "C2'" "O2'"  sing N N 58  
C   "C2'" "C1'"  sing N N 59  
C   "C2'" "H2'"  sing N N 60  
C   "O2'" "HO2'" sing N N 61  
C   "C1'" N1     sing N N 62  
C   "C1'" "H1'"  sing N N 63  
C   N1    C2     sing N N 64  
C   N1    C6     sing N N 65  
C   C2    O2     doub N N 66  
C   C2    N3     sing N N 67  
C   N3    C4     doub N N 68  
C   C4    N4     sing N N 69  
C   C4    C5     sing N N 70  
C   N4    H41    sing N N 71  
C   N4    H42    sing N N 72  
C   C5    C6     doub N N 73  
C   C5    H5     sing N N 74  
C   C6    H6     sing N N 75  
DC  OP3   P      sing N N 76  
DC  OP3   HOP3   sing N N 77  
DC  P     OP1    doub N N 78  
DC  P     OP2    sing N N 79  
DC  P     "O5'"  sing N N 80  
DC  OP2   HOP2   sing N N 81  
DC  "O5'" "C5'"  sing N N 82  
DC  "C5'" "C4'"  sing N N 83  
DC  "C5'" "H5'"  sing N N 84  
DC  "C5'" "H5''" sing N N 85  
DC  "C4'" "O4'"  sing N N 86  
DC  "C4'" "C3'"  sing N N 87  
DC  "C4'" "H4'"  sing N N 88  
DC  "O4'" "C1'"  sing N N 89  
DC  "C3'" "O3'"  sing N N 90  
DC  "C3'" "C2'"  sing N N 91  
DC  "C3'" "H3'"  sing N N 92  
DC  "O3'" "HO3'" sing N N 93  
DC  "C2'" "C1'"  sing N N 94  
DC  "C2'" "H2'"  sing N N 95  
DC  "C2'" "H2''" sing N N 96  
DC  "C1'" N1     sing N N 97  
DC  "C1'" "H1'"  sing N N 98  
DC  N1    C2     sing N N 99  
DC  N1    C6     sing N N 100 
DC  C2    O2     doub N N 101 
DC  C2    N3     sing N N 102 
DC  N3    C4     doub N N 103 
DC  C4    N4     sing N N 104 
DC  C4    C5     sing N N 105 
DC  N4    H41    sing N N 106 
DC  N4    H42    sing N N 107 
DC  C5    C6     doub N N 108 
DC  C5    H5     sing N N 109 
DC  C6    H6     sing N N 110 
G   OP3   P      sing N N 111 
G   OP3   HOP3   sing N N 112 
G   P     OP1    doub N N 113 
G   P     OP2    sing N N 114 
G   P     "O5'"  sing N N 115 
G   OP2   HOP2   sing N N 116 
G   "O5'" "C5'"  sing N N 117 
G   "C5'" "C4'"  sing N N 118 
G   "C5'" "H5'"  sing N N 119 
G   "C5'" "H5''" sing N N 120 
G   "C4'" "O4'"  sing N N 121 
G   "C4'" "C3'"  sing N N 122 
G   "C4'" "H4'"  sing N N 123 
G   "O4'" "C1'"  sing N N 124 
G   "C3'" "O3'"  sing N N 125 
G   "C3'" "C2'"  sing N N 126 
G   "C3'" "H3'"  sing N N 127 
G   "O3'" "HO3'" sing N N 128 
G   "C2'" "O2'"  sing N N 129 
G   "C2'" "C1'"  sing N N 130 
G   "C2'" "H2'"  sing N N 131 
G   "O2'" "HO2'" sing N N 132 
G   "C1'" N9     sing N N 133 
G   "C1'" "H1'"  sing N N 134 
G   N9    C8     sing Y N 135 
G   N9    C4     sing Y N 136 
G   C8    N7     doub Y N 137 
G   C8    H8     sing N N 138 
G   N7    C5     sing Y N 139 
G   C5    C6     sing N N 140 
G   C5    C4     doub Y N 141 
G   C6    O6     doub N N 142 
G   C6    N1     sing N N 143 
G   N1    C2     sing N N 144 
G   N1    H1     sing N N 145 
G   C2    N2     sing N N 146 
G   C2    N3     doub N N 147 
G   N2    H21    sing N N 148 
G   N2    H22    sing N N 149 
G   N3    C4     sing N N 150 
GTP PG    O1G    doub N N 151 
GTP PG    O2G    sing N N 152 
GTP PG    O3G    sing N N 153 
GTP PG    O3B    sing N N 154 
GTP O2G   HOG2   sing N N 155 
GTP O3G   HOG3   sing N N 156 
GTP O3B   PB     sing N N 157 
GTP PB    O1B    doub N N 158 
GTP PB    O2B    sing N N 159 
GTP PB    O3A    sing N N 160 
GTP O2B   HOB2   sing N N 161 
GTP O3A   PA     sing N N 162 
GTP PA    O1A    doub N N 163 
GTP PA    O2A    sing N N 164 
GTP PA    "O5'"  sing N N 165 
GTP O2A   HOA2   sing N N 166 
GTP "O5'" "C5'"  sing N N 167 
GTP "C5'" "C4'"  sing N N 168 
GTP "C5'" "H5'"  sing N N 169 
GTP "C5'" "H5''" sing N N 170 
GTP "C4'" "O4'"  sing N N 171 
GTP "C4'" "C3'"  sing N N 172 
GTP "C4'" "H4'"  sing N N 173 
GTP "O4'" "C1'"  sing N N 174 
GTP "C3'" "O3'"  sing N N 175 
GTP "C3'" "C2'"  sing N N 176 
GTP "C3'" "H3'"  sing N N 177 
GTP "O3'" "HO3'" sing N N 178 
GTP "C2'" "O2'"  sing N N 179 
GTP "C2'" "C1'"  sing N N 180 
GTP "C2'" "H2'"  sing N N 181 
GTP "O2'" "HO2'" sing N N 182 
GTP "C1'" N9     sing N N 183 
GTP "C1'" "H1'"  sing N N 184 
GTP N9    C8     sing Y N 185 
GTP N9    C4     sing Y N 186 
GTP C8    N7     doub Y N 187 
GTP C8    H8     sing N N 188 
GTP N7    C5     sing Y N 189 
GTP C5    C6     sing N N 190 
GTP C5    C4     doub Y N 191 
GTP C6    O6     doub N N 192 
GTP C6    N1     sing N N 193 
GTP N1    C2     sing N N 194 
GTP N1    HN1    sing N N 195 
GTP C2    N2     sing N N 196 
GTP C2    N3     doub N N 197 
GTP N2    HN21   sing N N 198 
GTP N2    HN22   sing N N 199 
GTP N3    C4     sing N N 200 
U   OP3   P      sing N N 201 
U   OP3   HOP3   sing N N 202 
U   P     OP1    doub N N 203 
U   P     OP2    sing N N 204 
U   P     "O5'"  sing N N 205 
U   OP2   HOP2   sing N N 206 
U   "O5'" "C5'"  sing N N 207 
U   "C5'" "C4'"  sing N N 208 
U   "C5'" "H5'"  sing N N 209 
U   "C5'" "H5''" sing N N 210 
U   "C4'" "O4'"  sing N N 211 
U   "C4'" "C3'"  sing N N 212 
U   "C4'" "H4'"  sing N N 213 
U   "O4'" "C1'"  sing N N 214 
U   "C3'" "O3'"  sing N N 215 
U   "C3'" "C2'"  sing N N 216 
U   "C3'" "H3'"  sing N N 217 
U   "O3'" "HO3'" sing N N 218 
U   "C2'" "O2'"  sing N N 219 
U   "C2'" "C1'"  sing N N 220 
U   "C2'" "H2'"  sing N N 221 
U   "O2'" "HO2'" sing N N 222 
U   "C1'" N1     sing N N 223 
U   "C1'" "H1'"  sing N N 224 
U   N1    C2     sing N N 225 
U   N1    C6     sing N N 226 
U   C2    O2     doub N N 227 
U   C2    N3     sing N N 228 
U   N3    C4     sing N N 229 
U   N3    H3     sing N N 230 
U   C4    O4     doub N N 231 
U   C4    C5     sing N N 232 
U   C5    C6     doub N N 233 
U   C5    H5     sing N N 234 
U   C6    H6     sing N N 235 
# 
loop_
_ndb_struct_conf_na.entry_id 
_ndb_struct_conf_na.feature 
8YDC 'double helix'         
8YDC 'a-form double helix'  
8YDC 'mismatched base pair' 
8YDC 'quadruple helix'      
# 
loop_
_ndb_struct_na_base_pair.model_number 
_ndb_struct_na_base_pair.i_label_asym_id 
_ndb_struct_na_base_pair.i_label_comp_id 
_ndb_struct_na_base_pair.i_label_seq_id 
_ndb_struct_na_base_pair.i_symmetry 
_ndb_struct_na_base_pair.j_label_asym_id 
_ndb_struct_na_base_pair.j_label_comp_id 
_ndb_struct_na_base_pair.j_label_seq_id 
_ndb_struct_na_base_pair.j_symmetry 
_ndb_struct_na_base_pair.shear 
_ndb_struct_na_base_pair.stretch 
_ndb_struct_na_base_pair.stagger 
_ndb_struct_na_base_pair.buckle 
_ndb_struct_na_base_pair.propeller 
_ndb_struct_na_base_pair.opening 
_ndb_struct_na_base_pair.pair_number 
_ndb_struct_na_base_pair.pair_name 
_ndb_struct_na_base_pair.i_auth_asym_id 
_ndb_struct_na_base_pair.i_auth_seq_id 
_ndb_struct_na_base_pair.i_PDB_ins_code 
_ndb_struct_na_base_pair.j_auth_asym_id 
_ndb_struct_na_base_pair.j_auth_seq_id 
_ndb_struct_na_base_pair.j_PDB_ins_code 
_ndb_struct_na_base_pair.hbond_type_28 
_ndb_struct_na_base_pair.hbond_type_12 
1 A A 3  1_555 A U 18 1_555 0.196  -0.082 0.038  -7.316  -5.222  -2.699   1  A_A1:U16_A  A 1  ? A 16 ? 20 1 
1 A G 4  1_555 A C 17 1_555 -0.076 -0.114 0.012  -5.183  -14.574 1.875    2  A_G2:C15_A  A 2  ? A 15 ? 19 1 
1 A A 5  1_555 A U 16 1_555 0.314  -0.189 0.593  6.905   -13.349 8.293    3  A_A3:U14_A  A 3  ? A 14 ? 20 1 
1 A C 6  1_555 A G 15 1_555 0.404  -0.166 0.246  7.709   -9.525  -1.411   4  A_C4:G13_A  A 4  ? A 13 ? 19 1 
1 A A 7  1_555 A A 14 1_555 1.717  1.740  0.056  -8.963  16.201  -176.071 5  A_A5:A12_A  A 5  ? A 12 ? 1  2 
1 A A 39 1_555 A G 13 1_555 -0.140 1.522  0.260  28.553  -16.650 -30.469  6  A_A37:G11_A A 37 ? A 11 ? 8  1 
1 A C 40 1_555 A G 12 1_555 0.277  -0.265 0.413  15.586  -25.228 -8.306   7  A_C38:G10_A A 38 ? A 10 ? 19 1 
1 A U 41 1_555 A A 11 1_555 -0.330 -0.068 0.121  12.098  -18.538 2.565    8  A_U39:A9_A  A 39 ? A 9  ? 20 1 
1 A G 42 1_555 A C 10 1_555 -0.621 -0.192 0.113  -1.965  -12.073 1.623    9  A_G40:C8_A  A 40 ? A 8  ? 19 1 
1 A G 43 1_555 A C 9  1_555 -0.246 0.007  0.394  -15.221 -23.395 3.827    10 A_G41:C7_A  A 41 ? A 7  ? 19 1 
1 A A 44 1_555 A A 8  1_555 1.791  1.757  0.493  -26.621 -11.953 -9.785   11 A_A42:A6_A  A 42 ? A 6  ? ?  1 
1 A C 45 1_555 A G 38 1_555 0.434  0.065  0.167  -26.167 24.432  5.344    12 A_C43:G36_A A 43 ? A 36 ? 19 1 
1 A G 46 1_555 A A 37 1_555 6.217  -3.986 1.462  13.475  15.053  14.369   13 A_G44:A35_A A 44 ? A 35 ? 11 9 
1 A U 26 1_555 B A 14 1_555 -0.007 0.138  -0.423 7.915   -18.740 1.100    14 A_U24:A14_B A 24 ? B 14 ? 20 1 
1 A C 27 1_555 B G 13 1_555 0.578  0.091  0.287  8.484   -17.288 5.876    15 A_C25:G13_B A 25 ? B 13 ? 19 1 
1 A C 28 1_555 B G 12 1_555 0.304  -0.035 -0.344 16.215  -13.464 3.437    16 A_C26:G12_B A 26 ? B 12 ? 19 1 
1 A C 29 1_555 B G 11 1_555 0.652  -0.213 -0.246 6.312   -15.675 0.598    17 A_C27:G11_B A 27 ? B 11 ? 19 1 
1 A A 30 1_555 B U 10 1_555 0.798  -0.064 0.679  8.967   -10.255 -2.185   18 A_A28:U10_B A 28 ? B 10 ? 20 1 
1 A C 31 1_555 A G 36 1_555 0.787  0.043  0.115  13.522  -2.399  -0.359   19 A_C29:G34_A A 29 ? A 34 ? 19 1 
1 A A 48 1_555 A G 33 1_555 -3.791 3.538  0.620  41.748  -40.936 84.060   20 A_A46:G31_A A 46 ? A 31 ? ?  ? 
1 A A 49 1_555 B U 8  1_555 0.266  -0.106 0.490  -1.686  -6.458  -3.884   21 A_A47:U8_B  A 47 ? B 8  ? 20 1 
1 A G 50 1_555 B C 7  1_555 0.282  0.224  0.121  3.547   -13.400 1.292    22 A_G48:C7_B  A 48 ? B 7  ? 19 1 
1 A A 51 1_555 B U 6  1_555 0.283  0.012  -0.109 1.939   -14.965 -0.459   23 A_A49:U6_B  A 49 ? B 6  ? 20 1 
1 A C 52 1_555 B G 5  1_555 0.484  -0.110 -0.129 1.847   -12.352 5.321    24 A_C50:G5_B  A 50 ? B 5  ? 19 1 
1 A A 53 1_555 B U 4  1_555 -0.093 -0.051 0.851  2.872   -0.989  3.650    25 A_A51:U4_B  A 51 ? B 4  ? 20 1 
1 A U 54 1_555 B A 3  1_555 0.099  -0.001 0.377  -2.237  -11.663 6.234    26 A_U52:A3_B  A 52 ? B 3  ? 20 1 
1 A G 55 1_555 B C 2  1_555 -0.592 0.090  0.046  -9.799  -20.757 5.808    27 A_G53:C2_B  A 53 ? B 2  ? 19 1 
1 A U 56 1_555 B A 1  1_555 0.057  -0.152 0.413  -9.507  -11.690 -2.368   28 A_U54:A1_B  A 54 ? B 1  ? 20 1 
# 
loop_
_ndb_struct_na_base_pair_step.model_number 
_ndb_struct_na_base_pair_step.i_label_asym_id_1 
_ndb_struct_na_base_pair_step.i_label_comp_id_1 
_ndb_struct_na_base_pair_step.i_label_seq_id_1 
_ndb_struct_na_base_pair_step.i_symmetry_1 
_ndb_struct_na_base_pair_step.j_label_asym_id_1 
_ndb_struct_na_base_pair_step.j_label_comp_id_1 
_ndb_struct_na_base_pair_step.j_label_seq_id_1 
_ndb_struct_na_base_pair_step.j_symmetry_1 
_ndb_struct_na_base_pair_step.i_label_asym_id_2 
_ndb_struct_na_base_pair_step.i_label_comp_id_2 
_ndb_struct_na_base_pair_step.i_label_seq_id_2 
_ndb_struct_na_base_pair_step.i_symmetry_2 
_ndb_struct_na_base_pair_step.j_label_asym_id_2 
_ndb_struct_na_base_pair_step.j_label_comp_id_2 
_ndb_struct_na_base_pair_step.j_label_seq_id_2 
_ndb_struct_na_base_pair_step.j_symmetry_2 
_ndb_struct_na_base_pair_step.shift 
_ndb_struct_na_base_pair_step.slide 
_ndb_struct_na_base_pair_step.rise 
_ndb_struct_na_base_pair_step.tilt 
_ndb_struct_na_base_pair_step.roll 
_ndb_struct_na_base_pair_step.twist 
_ndb_struct_na_base_pair_step.x_displacement 
_ndb_struct_na_base_pair_step.y_displacement 
_ndb_struct_na_base_pair_step.helical_rise 
_ndb_struct_na_base_pair_step.inclination 
_ndb_struct_na_base_pair_step.tip 
_ndb_struct_na_base_pair_step.helical_twist 
_ndb_struct_na_base_pair_step.step_number 
_ndb_struct_na_base_pair_step.step_name 
_ndb_struct_na_base_pair_step.i_auth_asym_id_1 
_ndb_struct_na_base_pair_step.i_auth_seq_id_1 
_ndb_struct_na_base_pair_step.i_PDB_ins_code_1 
_ndb_struct_na_base_pair_step.j_auth_asym_id_1 
_ndb_struct_na_base_pair_step.j_auth_seq_id_1 
_ndb_struct_na_base_pair_step.j_PDB_ins_code_1 
_ndb_struct_na_base_pair_step.i_auth_asym_id_2 
_ndb_struct_na_base_pair_step.i_auth_seq_id_2 
_ndb_struct_na_base_pair_step.i_PDB_ins_code_2 
_ndb_struct_na_base_pair_step.j_auth_asym_id_2 
_ndb_struct_na_base_pair_step.j_auth_seq_id_2 
_ndb_struct_na_base_pair_step.j_PDB_ins_code_2 
1 A A 3  1_555 A U 18 1_555 A G 4  1_555 A C 17 1_555 0.553  -1.497 3.168  1.796    11.587   29.653   -4.615 -0.715 2.453  21.606  
-3.350  31.839   1  AA_A1G2:C15U16_AA   A 1  ? A 16 ? A 2  ? A 15 ? 
1 A G 4  1_555 A C 17 1_555 A A 5  1_555 A U 16 1_555 0.260  -0.778 2.851  -2.707   -1.701   36.602   -1.032 -0.735 2.857  -2.702  
4.300   36.737   2  AA_G2A3:U14C15_AA   A 2  ? A 15 ? A 3  ? A 14 ? 
1 A A 5  1_555 A U 16 1_555 A C 6  1_555 A G 15 1_555 0.081  -1.218 3.264  4.533    1.919    34.159   -2.347 0.559  3.177  3.246   
-7.667  34.502   3  AA_A3C4:G13U14_AA   A 3  ? A 14 ? A 4  ? A 13 ? 
1 A C 6  1_555 A G 15 1_555 A A 7  1_555 A A 14 1_555 3.504  -0.665 -0.922 -100.967 -146.231 -154.266 0.263  1.800  -0.577 73.139  
-50.500 -179.488 4  AA_C4A5:A12G13_AA   A 4  ? A 13 ? A 5  ? A 12 ? 
1 A A 7  1_555 A A 14 1_555 A A 39 1_555 A G 13 1_555 3.161  -0.988 -0.315 123.282  124.346  177.487  -0.492 -1.583 -0.282 62.173  
-61.641 179.893  5  AA_A5A37:G11A12_AA  A 5  ? A 12 ? A 37 ? A 11 ? 
1 A A 39 1_555 A G 13 1_555 A C 40 1_555 A G 12 1_555 1.108  -1.800 3.147  -4.051   5.331    43.209   -2.885 -1.844 2.807  7.188   
5.461   43.700   6  AA_A37C38:G10G11_AA A 37 ? A 11 ? A 38 ? A 10 ? 
1 A C 40 1_555 A G 12 1_555 A U 41 1_555 A A 11 1_555 -0.377 -1.557 3.223  -0.697   10.332   30.836   -4.436 0.562  2.588  18.778  
1.266   32.488   7  AA_C38U39:A9G10_AA  A 38 ? A 10 ? A 39 ? A 9  ? 
1 A U 41 1_555 A A 11 1_555 A G 42 1_555 A C 10 1_555 0.297  -1.438 3.326  -0.666   18.839   33.420   -4.356 -0.530 2.227  29.981  
1.061   38.237   8  AA_U39G40:C8A9_AA   A 39 ? A 9  ? A 40 ? A 8  ? 
1 A G 42 1_555 A C 10 1_555 A G 43 1_555 A C 9  1_555 1.263  -1.809 3.293  5.939    12.187   38.151   -3.928 -1.191 2.770  17.966  
-8.756  40.404   9  AA_G40G41:C7C8_AA   A 40 ? A 8  ? A 41 ? A 7  ? 
1 A G 43 1_555 A C 9  1_555 A A 44 1_555 A A 8  1_555 -0.172 -1.376 3.352  6.648    3.854    41.589   -2.305 0.922  3.155  5.372   
-9.268  42.262   10 AA_G41A42:A6C7_AA   A 41 ? A 7  ? A 42 ? A 6  ? 
1 A A 44 1_555 A A 8  1_555 A C 45 1_555 A G 38 1_555 2.706  -0.102 3.536  3.601    0.567    30.168   -0.323 -4.348 3.823  1.084   
-6.888  30.382   11 AA_A42C43:G36A6_AA  A 42 ? A 6  ? A 43 ? A 36 ? 
1 A C 45 1_555 A G 38 1_555 A G 46 1_555 A A 37 1_555 0.399  1.189  2.349  2.488    20.372   43.527   0.163  -0.333 2.646  25.832  
-3.155  47.910   12 AA_C43G44:A35G36_AA A 43 ? A 36 ? A 44 ? A 35 ? 
1 A U 26 1_555 B A 14 1_555 A C 27 1_555 B G 13 1_555 -0.687 -1.846 3.269  -9.487   8.603    27.164   -5.260 -0.537 2.661  17.160  
18.922  29.980   13 AA_U24C25:G13A14_BB A 24 ? B 14 ? A 25 ? B 13 ? 
1 A C 27 1_555 B G 13 1_555 A C 28 1_555 B G 12 1_555 -0.601 -1.799 2.916  1.186    7.435    33.604   -4.004 1.169  2.452  12.663  
-2.021  34.413   14 AA_C25C26:G12G13_BB A 25 ? B 13 ? A 26 ? B 12 ? 
1 A C 28 1_555 B G 12 1_555 A C 29 1_555 B G 11 1_555 -0.509 -1.363 3.584  0.217    6.529    32.539   -3.545 0.930  3.254  11.508  
-0.382  33.171   15 AA_C26C27:G11G12_BB A 26 ? B 12 ? A 27 ? B 11 ? 
1 A C 29 1_555 B G 11 1_555 A A 30 1_555 B U 10 1_555 -0.140 -1.356 3.094  -4.621   6.847    35.259   -3.062 -0.367 2.786  11.116  
7.502   36.183   16 AA_C27A28:U10G11_BB A 27 ? B 11 ? A 28 ? B 10 ? 
1 A A 30 1_555 B U 10 1_555 A C 31 1_555 A G 36 1_555 -0.671 -0.958 3.334  7.632    16.332   22.592   -5.222 2.888  1.912  35.335  
-16.512 28.830   17 AA_A28C29:G34U10_AB A 28 ? B 10 ? A 29 ? A 34 ? 
1 A A 48 1_555 A G 33 1_555 A A 49 1_555 B U 8  1_555 0.610  2.574  3.706  -1.391   -19.348  87.401   2.264  -0.465 3.197  -13.859 
0.996   89.102   18 AA_A46A47:U8G31_BA  A 46 ? A 31 ? A 47 ? B 8  ? 
1 A A 49 1_555 B U 8  1_555 A G 50 1_555 B C 7  1_555 0.146  -1.122 3.352  1.966    4.342    30.822   -2.916 0.105  3.171  8.108   
-3.672  31.179   19 AA_A47G48:C7U8_BB   A 47 ? B 8  ? A 48 ? B 7  ? 
1 A G 50 1_555 B C 7  1_555 A A 51 1_555 B U 6  1_555 0.166  -1.448 3.276  2.239    7.045    30.333   -3.971 0.097  2.880  13.219  
-4.201  31.200   20 AA_G48A49:U6C7_BB   A 48 ? B 7  ? A 49 ? B 6  ? 
1 A A 51 1_555 B U 6  1_555 A C 52 1_555 B G 5  1_555 1.078  -1.468 3.150  5.919    4.228    35.535   -2.931 -0.932 3.095  6.838   
-9.575  36.248   21 AA_A49C50:G5U6_BB   A 49 ? B 6  ? A 50 ? B 5  ? 
1 A C 52 1_555 B G 5  1_555 A A 53 1_555 B U 4  1_555 -0.541 -2.645 3.161  -5.550   4.698    20.526   -8.669 -0.531 2.555  12.682  
14.981  21.762   22 AA_C50A51:U4G5_BB   A 50 ? B 5  ? A 51 ? B 4  ? 
1 A A 53 1_555 B U 4  1_555 A U 54 1_555 B A 3  1_555 0.226  -1.285 3.344  4.929    12.480   33.574   -3.775 0.307  2.716  20.612  
-8.140  36.085   23 AA_A51U52:A3U4_BB   A 51 ? B 4  ? A 52 ? B 3  ? 
1 A U 54 1_555 B A 3  1_555 A G 55 1_555 B C 2  1_555 -0.073 -1.554 3.261  0.114    10.454   32.888   -4.129 0.139  2.657  17.909  
-0.196  34.466   24 AA_U52G53:C2A3_BB   A 52 ? B 3  ? A 53 ? B 2  ? 
1 A G 55 1_555 B C 2  1_555 A U 56 1_555 B A 1  1_555 -0.460 -0.975 3.275  -4.062   5.143    36.152   -2.243 0.181  3.143  8.205   
6.480   36.722   25 AA_G53U54:A1C2_BB   A 53 ? B 2  ? A 54 ? B 1  ? 
# 
loop_
_pdbx_audit_support.funding_organization 
_pdbx_audit_support.country 
_pdbx_audit_support.grant_number 
_pdbx_audit_support.ordinal 
'National Science Foundation (NSF, China)' China 82111530210 1 
'National Science Foundation (NSF, China)' China 21877065    2 
# 
_pdbx_entity_instance_feature.ordinal        1 
_pdbx_entity_instance_feature.comp_id        GTP 
_pdbx_entity_instance_feature.asym_id        ? 
_pdbx_entity_instance_feature.seq_num        ? 
_pdbx_entity_instance_feature.auth_comp_id   GTP 
_pdbx_entity_instance_feature.auth_asym_id   ? 
_pdbx_entity_instance_feature.auth_seq_num   ? 
_pdbx_entity_instance_feature.feature_type   'SUBJECT OF INVESTIGATION' 
_pdbx_entity_instance_feature.details        ? 
# 
_atom_sites.entry_id                    8YDC 
_atom_sites.Cartn_transf_matrix[1][1]   ? 
_atom_sites.Cartn_transf_matrix[1][2]   ? 
_atom_sites.Cartn_transf_matrix[1][3]   ? 
_atom_sites.Cartn_transf_matrix[2][1]   ? 
_atom_sites.Cartn_transf_matrix[2][2]   ? 
_atom_sites.Cartn_transf_matrix[2][3]   ? 
_atom_sites.Cartn_transf_matrix[3][1]   ? 
_atom_sites.Cartn_transf_matrix[3][2]   ? 
_atom_sites.Cartn_transf_matrix[3][3]   ? 
_atom_sites.Cartn_transf_vector[1]      ? 
_atom_sites.Cartn_transf_vector[2]      ? 
_atom_sites.Cartn_transf_vector[3]      ? 
_atom_sites.Cartn_transform_axes        ? 
_atom_sites.fract_transf_matrix[1][1]   -0.00372784 
_atom_sites.fract_transf_matrix[1][2]   -0.00080092 
_atom_sites.fract_transf_matrix[1][3]   -0.01327944 
_atom_sites.fract_transf_matrix[2][1]   0.00524675 
_atom_sites.fract_transf_matrix[2][2]   0.00887684 
_atom_sites.fract_transf_matrix[2][3]   -0.00919539 
_atom_sites.fract_transf_matrix[3][1]   0.00292752 
_atom_sites.fract_transf_matrix[3][2]   -0.00242984 
_atom_sites.fract_transf_matrix[3][3]   -0.00067527 
_atom_sites.fract_transf_vector[1]      0.797677 
_atom_sites.fract_transf_vector[2]      0.527403 
_atom_sites.fract_transf_vector[3]      0.453058 
_atom_sites.solution_primary            ? 
_atom_sites.solution_secondary          ? 
_atom_sites.solution_hydrogens          ? 
_atom_sites.special_details             ? 
# 
loop_
_atom_type.symbol 
C 
N 
O 
P 
# 
loop_
_atom_site.group_PDB 
_atom_site.id 
_atom_site.type_symbol 
_atom_site.label_atom_id 
_atom_site.label_alt_id 
_atom_site.label_comp_id 
_atom_site.label_asym_id 
_atom_site.label_entity_id 
_atom_site.label_seq_id 
_atom_site.pdbx_PDB_ins_code 
_atom_site.Cartn_x 
_atom_site.Cartn_y 
_atom_site.Cartn_z 
_atom_site.occupancy 
_atom_site.B_iso_or_equiv 
_atom_site.pdbx_formal_charge 
_atom_site.auth_seq_id 
_atom_site.auth_comp_id 
_atom_site.auth_asym_id 
_atom_site.auth_atom_id 
_atom_site.pdbx_PDB_model_num 
ATOM   1    P P     . C   A 1 1  ? -17.358 22.126  -16.725 1.00 90.38  ?  -1  C   A P     1 
ATOM   2    O OP1   . C   A 1 1  ? -16.047 21.897  -17.392 1.00 83.79  ?  -1  C   A OP1   1 
ATOM   3    O OP2   . C   A 1 1  ? -18.047 21.054  -15.949 1.00 81.60  -1 -1  C   A OP2   1 
ATOM   4    O "O5'" . C   A 1 1  ? -17.119 23.406  -15.805 1.00 82.22  ?  -1  C   A "O5'" 1 
ATOM   5    C "C5'" . C   A 1 1  ? -16.510 24.564  -16.346 1.00 78.25  ?  -1  C   A "C5'" 1 
ATOM   6    C "C4'" . C   A 1 1  ? -16.593 25.708  -15.382 1.00 80.94  ?  -1  C   A "C4'" 1 
ATOM   7    O "O4'" . C   A 1 1  ? -17.984 25.949  -15.045 1.00 86.25  ?  -1  C   A "O4'" 1 
ATOM   8    C "C3'" . C   A 1 1  ? -15.947 25.485  -14.031 1.00 80.42  ?  -1  C   A "C3'" 1 
ATOM   9    O "O3'" . C   A 1 1  ? -14.544 25.623  -14.026 1.00 78.92  ?  -1  C   A "O3'" 1 
ATOM   10   C "C2'" . C   A 1 1  ? -16.664 26.498  -13.153 1.00 79.97  ?  -1  C   A "C2'" 1 
ATOM   11   O "O2'" . C   A 1 1  ? -16.165 27.805  -13.389 1.00 83.32  ?  -1  C   A "O2'" 1 
ATOM   12   C "C1'" . C   A 1 1  ? -18.080 26.419  -13.711 1.00 78.82  ?  -1  C   A "C1'" 1 
ATOM   13   N N1    . C   A 1 1  ? -18.923 25.480  -12.953 1.00 74.09  ?  -1  C   A N1    1 
ATOM   14   C C2    . C   A 1 1  ? -19.337 25.832  -11.665 1.00 74.89  ?  -1  C   A C2    1 
ATOM   15   O O2    . C   A 1 1  ? -18.951 26.929  -11.201 1.00 72.41  ?  -1  C   A O2    1 
ATOM   16   N N3    . C   A 1 1  ? -20.137 24.949  -10.988 1.00 73.94  ?  -1  C   A N3    1 
ATOM   17   C C4    . C   A 1 1  ? -20.490 23.785  -11.578 1.00 69.99  ?  -1  C   A C4    1 
ATOM   18   N N4    . C   A 1 1  ? -21.270 22.918  -10.930 1.00 66.21  ?  -1  C   A N4    1 
ATOM   19   C C5    . C   A 1 1  ? -20.076 23.442  -12.890 1.00 70.51  ?  -1  C   A C5    1 
ATOM   20   C C6    . C   A 1 1  ? -19.302 24.308  -13.538 1.00 72.58  ?  -1  C   A C6    1 
ATOM   21   P P     . G   A 1 2  ? -13.689 24.577  -13.162 1.00 87.53  ?  0   G   A P     1 
ATOM   22   O OP1   . G   A 1 2  ? -12.281 24.959  -13.391 1.00 92.45  ?  0   G   A OP1   1 
ATOM   23   O OP2   . G   A 1 2  ? -14.155 23.175  -13.425 1.00 72.36  -1 0   G   A OP2   1 
ATOM   24   O "O5'" . G   A 1 2  ? -14.035 24.955  -11.649 1.00 82.76  ?  0   G   A "O5'" 1 
ATOM   25   C "C5'" . G   A 1 2  ? -13.674 26.209  -11.086 1.00 76.17  ?  0   G   A "C5'" 1 
ATOM   26   C "C4'" . G   A 1 2  ? -14.395 26.462  -9.777  1.00 76.88  ?  0   G   A "C4'" 1 
ATOM   27   O "O4'" . G   A 1 2  ? -15.826 26.336  -9.964  1.00 80.63  ?  0   G   A "O4'" 1 
ATOM   28   C "C3'" . G   A 1 2  ? -14.100 25.511  -8.631  1.00 77.71  ?  0   G   A "C3'" 1 
ATOM   29   O "O3'" . G   A 1 2  ? -12.900 25.830  -7.955  1.00 82.79  ?  0   G   A "O3'" 1 
ATOM   30   C "C2'" . G   A 1 2  ? -15.323 25.687  -7.746  1.00 77.71  ?  0   G   A "C2'" 1 
ATOM   31   O "O2'" . G   A 1 2  ? -15.218 26.908  -7.032  1.00 76.64  ?  0   G   A "O2'" 1 
ATOM   32   C "C1'" . G   A 1 2  ? -16.424 25.824  -8.793  1.00 76.49  ?  0   G   A "C1'" 1 
ATOM   33   N N9    . G   A 1 2  ? -17.032 24.526  -9.130  1.00 71.19  ?  0   G   A N9    1 
ATOM   34   C C8    . G   A 1 2  ? -16.803 23.793  -10.263 1.00 70.26  ?  0   G   A C8    1 
ATOM   35   N N7    . G   A 1 2  ? -17.492 22.682  -10.299 1.00 71.04  ?  0   G   A N7    1 
ATOM   36   C C5    . G   A 1 2  ? -18.225 22.688  -9.117  1.00 69.27  ?  0   G   A C5    1 
ATOM   37   C C6    . G   A 1 2  ? -19.146 21.735  -8.606  1.00 67.51  ?  0   G   A C6    1 
ATOM   38   O O6    . G   A 1 2  ? -19.508 20.662  -9.127  1.00 67.46  ?  0   G   A O6    1 
ATOM   39   N N1    . G   A 1 2  ? -19.657 22.148  -7.378  1.00 65.47  ?  0   G   A N1    1 
ATOM   40   C C2    . G   A 1 2  ? -19.312 23.324  -6.740  1.00 70.36  ?  0   G   A C2    1 
ATOM   41   N N2    . G   A 1 2  ? -19.894 23.587  -5.551  1.00 69.58  ?  0   G   A N2    1 
ATOM   42   N N3    . G   A 1 2  ? -18.454 24.207  -7.215  1.00 70.14  ?  0   G   A N3    1 
ATOM   43   C C4    . G   A 1 2  ? -17.952 23.825  -8.394  1.00 69.68  ?  0   G   A C4    1 
ATOM   44   P P     . A   A 1 3  ? -12.021 24.692  -7.237  1.00 81.42  ?  1   A   A P     1 
ATOM   45   O OP1   . A   A 1 3  ? -10.974 25.465  -6.521  1.00 72.99  ?  1   A   A OP1   1 
ATOM   46   O OP2   . A   A 1 3  ? -11.666 23.676  -8.259  1.00 73.82  -1 1   A   A OP2   1 
ATOM   47   O "O5'" . A   A 1 3  ? -12.998 23.984  -6.181  1.00 73.49  ?  1   A   A "O5'" 1 
ATOM   48   C "C5'" . A   A 1 3  ? -13.316 24.609  -4.953  1.00 71.44  ?  1   A   A "C5'" 1 
ATOM   49   C "C4'" . A   A 1 3  ? -14.418 23.878  -4.237  1.00 73.61  ?  1   A   A "C4'" 1 
ATOM   50   O "O4'" . A   A 1 3  ? -15.570 23.740  -5.094  1.00 74.38  ?  1   A   A "O4'" 1 
ATOM   51   C "C3'" . A   A 1 3  ? -14.106 22.464  -3.832  1.00 68.28  ?  1   A   A "C3'" 1 
ATOM   52   O "O3'" . A   A 1 3  ? -13.318 22.435  -2.676  1.00 73.86  ?  1   A   A "O3'" 1 
ATOM   53   C "C2'" . A   A 1 3  ? -15.495 21.839  -3.684  1.00 70.39  ?  1   A   A "C2'" 1 
ATOM   54   O "O2'" . A   A 1 3  ? -16.145 22.158  -2.450  1.00 66.82  ?  1   A   A "O2'" 1 
ATOM   55   C "C1'" . A   A 1 3  ? -16.225 22.517  -4.834  1.00 69.70  ?  1   A   A "C1'" 1 
ATOM   56   N N9    . A   A 1 3  ? -16.102 21.725  -6.055  1.00 69.45  ?  1   A   A N9    1 
ATOM   57   C C8    . A   A 1 3  ? -15.293 21.998  -7.124  1.00 68.70  ?  1   A   A C8    1 
ATOM   58   N N7    . A   A 1 3  ? -15.401 21.094  -8.063  1.00 66.36  ?  1   A   A N7    1 
ATOM   59   C C5    . A   A 1 3  ? -16.323 20.189  -7.561  1.00 64.11  ?  1   A   A C5    1 
ATOM   60   C C6    . A   A 1 3  ? -16.865 19.007  -8.074  1.00 65.69  ?  1   A   A C6    1 
ATOM   61   N N6    . A   A 1 3  ? -16.513 18.537  -9.277  1.00 69.56  ?  1   A   A N6    1 
ATOM   62   N N1    . A   A 1 3  ? -17.768 18.317  -7.335  1.00 62.59  ?  1   A   A N1    1 
ATOM   63   C C2    . A   A 1 3  ? -18.072 18.823  -6.145  1.00 64.46  ?  1   A   A C2    1 
ATOM   64   N N3    . A   A 1 3  ? -17.634 19.940  -5.550  1.00 65.71  ?  1   A   A N3    1 
ATOM   65   C C4    . A   A 1 3  ? -16.758 20.571  -6.326  1.00 65.94  ?  1   A   A C4    1 
ATOM   66   P P     . G   A 1 4  ? -12.176 21.332  -2.520  1.00 74.10  ?  2   G   A P     1 
ATOM   67   O OP1   . G   A 1 4  ? -11.432 21.721  -1.298  1.00 70.36  ?  2   G   A OP1   1 
ATOM   68   O OP2   . G   A 1 4  ? -11.356 21.269  -3.759  1.00 73.41  -1 2   G   A OP2   1 
ATOM   69   O "O5'" . G   A 1 4  ? -13.032 20.012  -2.288  1.00 60.62  ?  2   G   A "O5'" 1 
ATOM   70   C "C5'" . G   A 1 4  ? -13.767 19.877  -1.099  1.00 62.28  ?  2   G   A "C5'" 1 
ATOM   71   C "C4'" . G   A 1 4  ? -14.742 18.772  -1.241  1.00 65.09  ?  2   G   A "C4'" 1 
ATOM   72   O "O4'" . G   A 1 4  ? -15.426 18.933  -2.485  1.00 66.61  ?  2   G   A "O4'" 1 
ATOM   73   C "C3'" . G   A 1 4  ? -14.161 17.390  -1.357  1.00 66.71  ?  2   G   A "C3'" 1 
ATOM   74   O "O3'" . G   A 1 4  ? -13.781 16.865  -0.109  1.00 74.28  ?  2   G   A "O3'" 1 
ATOM   75   C "C2'" . G   A 1 4  ? -15.296 16.631  -2.004  1.00 65.94  ?  2   G   A "C2'" 1 
ATOM   76   O "O2'" . G   A 1 4  ? -16.323 16.411  -1.047  1.00 66.03  ?  2   G   A "O2'" 1 
ATOM   77   C "C1'" . G   A 1 4  ? -15.795 17.674  -2.982  1.00 63.93  ?  2   G   A "C1'" 1 
ATOM   78   N N9    . G   A 1 4  ? -15.234 17.561  -4.326  1.00 63.91  ?  2   G   A N9    1 
ATOM   79   C C8    . G   A 1 4  ? -14.363 18.441  -4.908  1.00 62.39  ?  2   G   A C8    1 
ATOM   80   N N7    . G   A 1 4  ? -14.115 18.108  -6.145  1.00 62.96  ?  2   G   A N7    1 
ATOM   81   C C5    . G   A 1 4  ? -14.882 16.970  -6.384  1.00 61.29  ?  2   G   A C5    1 
ATOM   82   C C6    . G   A 1 4  ? -15.035 16.166  -7.537  1.00 61.61  ?  2   G   A C6    1 
ATOM   83   O O6    . G   A 1 4  ? -14.497 16.283  -8.647  1.00 61.42  ?  2   G   A O6    1 
ATOM   84   N N1    . G   A 1 4  ? -15.924 15.127  -7.320  1.00 60.73  ?  2   G   A N1    1 
ATOM   85   C C2    . G   A 1 4  ? -16.579 14.872  -6.149  1.00 63.76  ?  2   G   A C2    1 
ATOM   86   N N2    . G   A 1 4  ? -17.404 13.813  -6.132  1.00 64.66  ?  2   G   A N2    1 
ATOM   87   N N3    . G   A 1 4  ? -16.441 15.614  -5.069  1.00 64.63  ?  2   G   A N3    1 
ATOM   88   C C4    . G   A 1 4  ? -15.590 16.633  -5.265  1.00 63.13  ?  2   G   A C4    1 
ATOM   89   P P     . A   A 1 5  ? -12.523 15.875  0.014   1.00 66.75  ?  3   A   A P     1 
ATOM   90   O OP1   . A   A 1 5  ? -12.294 15.884  1.494   1.00 63.36  ?  3   A   A OP1   1 
ATOM   91   O OP2   . A   A 1 5  ? -11.458 16.216  -0.972  1.00 60.04  -1 3   A   A OP2   1 
ATOM   92   O "O5'" . A   A 1 5  ? -13.104 14.481  -0.489  1.00 61.20  ?  3   A   A "O5'" 1 
ATOM   93   C "C5'" . A   A 1 5  ? -14.219 13.904  0.155   1.00 64.61  ?  3   A   A "C5'" 1 
ATOM   94   C "C4'" . A   A 1 5  ? -14.812 12.831  -0.706  1.00 67.92  ?  3   A   A "C4'" 1 
ATOM   95   O "O4'" . A   A 1 5  ? -15.285 13.407  -1.943  1.00 68.72  ?  3   A   A "O4'" 1 
ATOM   96   C "C3'" . A   A 1 5  ? -13.861 11.746  -1.170  1.00 70.04  ?  3   A   A "C3'" 1 
ATOM   97   O "O3'" . A   A 1 5  ? -13.612 10.770  -0.173  1.00 71.07  ?  3   A   A "O3'" 1 
ATOM   98   C "C2'" . A   A 1 5  ? -14.594 11.199  -2.380  1.00 70.03  ?  3   A   A "C2'" 1 
ATOM   99   O "O2'" . A   A 1 5  ? -15.729 10.461  -1.948  1.00 73.50  ?  3   A   A "O2'" 1 
ATOM   100  C "C1'" . A   A 1 5  ? -15.116 12.481  -2.994  1.00 66.52  ?  3   A   A "C1'" 1 
ATOM   101  N N9    . A   A 1 5  ? -14.208 13.095  -3.967  1.00 65.44  ?  3   A   A N9    1 
ATOM   102  C C8    . A   A 1 5  ? -13.373 14.150  -3.694  1.00 65.90  ?  3   A   A C8    1 
ATOM   103  N N7    . A   A 1 5  ? -12.707 14.580  -4.743  1.00 64.45  ?  3   A   A N7    1 
ATOM   104  C C5    . A   A 1 5  ? -13.152 13.760  -5.765  1.00 62.25  ?  3   A   A C5    1 
ATOM   105  C C6    . A   A 1 5  ? -12.813 13.732  -7.115  1.00 63.00  ?  3   A   A C6    1 
ATOM   106  N N6    . A   A 1 5  ? -11.916 14.583  -7.621  1.00 60.47  ?  3   A   A N6    1 
ATOM   107  N N1    . A   A 1 5  ? -13.423 12.810  -7.901  1.00 63.78  ?  3   A   A N1    1 
ATOM   108  C C2    . A   A 1 5  ? -14.319 11.989  -7.332  1.00 64.60  ?  3   A   A C2    1 
ATOM   109  N N3    . A   A 1 5  ? -14.719 11.920  -6.057  1.00 65.89  ?  3   A   A N3    1 
ATOM   110  C C4    . A   A 1 5  ? -14.083 12.842  -5.314  1.00 64.67  ?  3   A   A C4    1 
ATOM   111  P P     . C   A 1 6  ? -12.146 10.159  0.045   1.00 69.58  ?  4   C   A P     1 
ATOM   112  O OP1   . C   A 1 6  ? -12.424 9.255   1.172   1.00 71.65  ?  4   C   A OP1   1 
ATOM   113  O OP2   . C   A 1 6  ? -11.037 11.158  0.105   1.00 64.37  -1 4   C   A OP2   1 
ATOM   114  O "O5'" . C   A 1 6  ? -11.966 9.189   -1.188  1.00 70.76  ?  4   C   A "O5'" 1 
ATOM   115  C "C5'" . C   A 1 6  ? -12.756 8.021   -1.234  1.00 71.16  ?  4   C   A "C5'" 1 
ATOM   116  C "C4'" . C   A 1 6  ? -12.893 7.496   -2.627  1.00 70.01  ?  4   C   A "C4'" 1 
ATOM   117  O "O4'" . C   A 1 6  ? -13.281 8.549   -3.533  1.00 71.20  ?  4   C   A "O4'" 1 
ATOM   118  C "C3'" . C   A 1 6  ? -11.646 6.959   -3.261  1.00 71.13  ?  4   C   A "C3'" 1 
ATOM   119  O "O3'" . C   A 1 6  ? -11.318 5.689   -2.751  1.00 76.26  ?  4   C   A "O3'" 1 
ATOM   120  C "C2'" . C   A 1 6  ? -12.056 6.934   -4.716  1.00 72.28  ?  4   C   A "C2'" 1 
ATOM   121  O "O2'" . C   A 1 6  ? -13.018 5.899   -4.879  1.00 77.12  ?  4   C   A "O2'" 1 
ATOM   122  C "C1'" . C   A 1 6  ? -12.794 8.260   -4.822  1.00 67.90  ?  4   C   A "C1'" 1 
ATOM   123  N N1    . C   A 1 6  ? -11.938 9.389   -5.246  1.00 67.73  ?  4   C   A N1    1 
ATOM   124  C C2    . C   A 1 6  ? -11.661 9.660   -6.601  1.00 68.66  ?  4   C   A C2    1 
ATOM   125  O O2    . C   A 1 6  ? -12.116 8.911   -7.479  1.00 69.43  ?  4   C   A O2    1 
ATOM   126  N N3    . C   A 1 6  ? -10.883 10.726  -6.937  1.00 63.65  ?  4   C   A N3    1 
ATOM   127  C C4    . C   A 1 6  ? -10.417 11.512  -5.968  1.00 63.52  ?  4   C   A C4    1 
ATOM   128  N N4    . C   A 1 6  ? -9.658  12.547  -6.285  1.00 60.81  ?  4   C   A N4    1 
ATOM   129  C C5    . C   A 1 6  ? -10.699 11.280  -4.599  1.00 65.43  ?  4   C   A C5    1 
ATOM   130  C C6    . C   A 1 6  ? -11.453 10.225  -4.287  1.00 67.53  ?  4   C   A C6    1 
ATOM   131  P P     . A   A 1 7  ? -9.801  5.314   -2.373  1.00 71.81  ?  5   A   A P     1 
ATOM   132  O OP1   . A   A 1 7  ? -9.119  5.144   -3.679  1.00 69.45  -1 5   A   A OP1   1 
ATOM   133  O OP2   . A   A 1 7  ? -9.968  4.253   -1.333  1.00 59.79  ?  5   A   A OP2   1 
ATOM   134  O "O5'" . A   A 1 7  ? -9.161  6.617   -1.710  1.00 70.77  ?  5   A   A "O5'" 1 
ATOM   135  C "C5'" . A   A 1 7  ? -7.904  6.565   -1.040  1.00 69.49  ?  5   A   A "C5'" 1 
ATOM   136  C "C4'" . A   A 1 7  ? -7.350  7.945   -0.798  1.00 70.31  ?  5   A   A "C4'" 1 
ATOM   137  O "O4'" . A   A 1 7  ? -6.760  8.402   -2.032  1.00 70.34  ?  5   A   A "O4'" 1 
ATOM   138  C "C3'" . A   A 1 7  ? -8.391  8.992   -0.413  1.00 74.99  ?  5   A   A "C3'" 1 
ATOM   139  O "O3'" . A   A 1 7  ? -7.812  10.026  0.380   1.00 80.11  ?  5   A   A "O3'" 1 
ATOM   140  C "C2'" . A   A 1 7  ? -8.769  9.604   -1.752  1.00 72.21  ?  5   A   A "C2'" 1 
ATOM   141  O "O2'" . A   A 1 7  ? -9.209  10.937  -1.651  1.00 76.88  ?  5   A   A "O2'" 1 
ATOM   142  C "C1'" . A   A 1 7  ? -7.460  9.537   -2.520  1.00 68.67  ?  5   A   A "C1'" 1 
ATOM   143  N N9    . A   A 1 7  ? -7.664  9.321   -3.948  1.00 68.50  ?  5   A   A N9    1 
ATOM   144  C C8    . A   A 1 7  ? -8.290  8.244   -4.535  1.00 70.89  ?  5   A   A C8    1 
ATOM   145  N N7    . A   A 1 7  ? -8.316  8.280   -5.852  1.00 68.98  ?  5   A   A N7    1 
ATOM   146  C C5    . A   A 1 7  ? -7.662  9.466   -6.148  1.00 68.11  ?  5   A   A C5    1 
ATOM   147  C C6    . A   A 1 7  ? -7.355  10.097  -7.375  1.00 69.00  ?  5   A   A C6    1 
ATOM   148  N N6    . A   A 1 7  ? -7.662  9.593   -8.579  1.00 67.64  ?  5   A   A N6    1 
ATOM   149  N N1    . A   A 1 7  ? -6.696  11.280  -7.317  1.00 66.65  ?  5   A   A N1    1 
ATOM   150  C C2    . A   A 1 7  ? -6.366  11.768  -6.109  1.00 66.75  ?  5   A   A C2    1 
ATOM   151  N N3    . A   A 1 7  ? -6.599  11.273  -4.887  1.00 67.44  ?  5   A   A N3    1 
ATOM   152  C C4    . A   A 1 7  ? -7.252  10.109  -4.982  1.00 67.46  ?  5   A   A C4    1 
ATOM   153  P P     . A   A 1 8  ? -7.287  9.731   1.858   1.00 83.58  ?  6   A   A P     1 
ATOM   154  O OP1   . A   A 1 8  ? -8.026  8.517   2.329   1.00 72.86  -1 6   A   A OP1   1 
ATOM   155  O OP2   . A   A 1 8  ? -7.386  11.008  2.607   1.00 74.93  ?  6   A   A OP2   1 
ATOM   156  O "O5'" . A   A 1 8  ? -5.714  9.603   1.618   1.00 75.58  ?  6   A   A "O5'" 1 
ATOM   157  C "C5'" . A   A 1 8  ? -4.914  8.702   2.338   1.00 75.80  ?  6   A   A "C5'" 1 
ATOM   158  C "C4'" . A   A 1 8  ? -4.026  9.393   3.338   1.00 78.83  ?  6   A   A "C4'" 1 
ATOM   159  O "O4'" . A   A 1 8  ? -3.364  8.338   4.081   1.00 86.37  ?  6   A   A "O4'" 1 
ATOM   160  C "C3'" . A   A 1 8  ? -2.875  10.270  2.816   1.00 81.13  ?  6   A   A "C3'" 1 
ATOM   161  O "O3'" . A   A 1 8  ? -3.235  11.631  2.561   1.00 77.12  ?  6   A   A "O3'" 1 
ATOM   162  C "C2'" . A   A 1 8  ? -1.845  10.133  3.921   1.00 83.99  ?  6   A   A "C2'" 1 
ATOM   163  O "O2'" . A   A 1 8  ? -2.198  10.956  5.013   1.00 82.45  ?  6   A   A "O2'" 1 
ATOM   164  C "C1'" . A   A 1 8  ? -2.023  8.678   4.326   1.00 88.06  ?  6   A   A "C1'" 1 
ATOM   165  N N9    . A   A 1 8  ? -1.166  7.807   3.504   1.00 84.85  ?  6   A   A N9    1 
ATOM   166  C C8    . A   A 1 8  ? -1.522  7.030   2.443   1.00 84.12  ?  6   A   A C8    1 
ATOM   167  N N7    . A   A 1 8  ? -0.500  6.394   1.909   1.00 87.88  ?  6   A   A N7    1 
ATOM   168  C C5    . A   A 1 8  ? 0.593   6.787   2.658   1.00 87.71  ?  6   A   A C5    1 
ATOM   169  C C6    . A   A 1 8  ? 1.965   6.471   2.600   1.00 89.75  ?  6   A   A C6    1 
ATOM   170  N N6    . A   A 1 8  ? 2.522   5.636   1.714   1.00 90.22  ?  6   A   A N6    1 
ATOM   171  N N1    . A   A 1 8  ? 2.777   7.052   3.499   1.00 87.49  ?  6   A   A N1    1 
ATOM   172  C C2    . A   A 1 8  ? 2.229   7.882   4.377   1.00 86.23  ?  6   A   A C2    1 
ATOM   173  N N3    . A   A 1 8  ? 0.966   8.252   4.531   1.00 87.14  ?  6   A   A N3    1 
ATOM   174  C C4    . A   A 1 8  ? 0.186   7.662   3.634   1.00 85.53  ?  6   A   A C4    1 
ATOM   175  P P     . C   A 1 9  ? -2.167  12.823  2.210   1.00 80.86  ?  7   C   A P     1 
ATOM   176  O OP1   . C   A 1 9  ? -2.661  13.992  2.934   1.00 83.85  ?  7   C   A OP1   1 
ATOM   177  O OP2   . C   A 1 9  ? -1.770  12.976  0.796   1.00 78.97  -1 7   C   A OP2   1 
ATOM   178  O "O5'" . C   A 1 9  ? -0.803  12.512  2.945   1.00 84.33  ?  7   C   A "O5'" 1 
ATOM   179  C "C5'" . C   A 1 9  ? -0.344  13.354  3.980   1.00 85.36  ?  7   C   A "C5'" 1 
ATOM   180  C "C4'" . C   A 1 9  ? 1.146   13.316  4.066   1.00 83.63  ?  7   C   A "C4'" 1 
ATOM   181  O "O4'" . C   A 1 9  ? 1.576   11.940  4.232   1.00 84.68  ?  7   C   A "O4'" 1 
ATOM   182  C "C3'" . C   A 1 9  ? 1.841   13.777  2.807   1.00 87.54  ?  7   C   A "C3'" 1 
ATOM   183  O "O3'" . C   A 1 9  ? 1.959   15.183  2.752   1.00 88.51  ?  7   C   A "O3'" 1 
ATOM   184  C "C2'" . C   A 1 9  ? 3.174   13.046  2.876   1.00 88.86  ?  7   C   A "C2'" 1 
ATOM   185  O "O2'" . C   A 1 9  ? 4.046   13.699  3.773   1.00 91.25  ?  7   C   A "O2'" 1 
ATOM   186  C "C1'" . C   A 1 9  ? 2.758   11.711  3.487   1.00 89.18  ?  7   C   A "C1'" 1 
ATOM   187  N N1    . C   A 1 9  ? 2.511   10.690  2.426   1.00 89.48  ?  7   C   A N1    1 
ATOM   188  C C2    . C   A 1 9  ? 3.580   10.058  1.760   1.00 88.73  ?  7   C   A C2    1 
ATOM   189  O O2    . C   A 1 9  ? 4.738   10.328  2.077   1.00 92.58  ?  7   C   A O2    1 
ATOM   190  N N3    . C   A 1 9  ? 3.368   9.167   0.769   1.00 86.85  ?  7   C   A N3    1 
ATOM   191  C C4    . C   A 1 9  ? 2.128   8.875   0.428   1.00 85.77  ?  7   C   A C4    1 
ATOM   192  N N4    . C   A 1 9  ? 1.934   7.986   -0.534  1.00 85.93  ?  7   C   A N4    1 
ATOM   193  C C5    . C   A 1 9  ? 1.016   9.479   1.065   1.00 88.66  ?  7   C   A C5    1 
ATOM   194  C C6    . C   A 1 9  ? 1.243   10.369  2.040   1.00 89.73  ?  7   C   A C6    1 
ATOM   195  P P     . C   A 1 10 ? 2.534   15.913  1.435   1.00 100.88 ?  8   C   A P     1 
ATOM   196  O OP1   . C   A 1 10 ? 2.703   17.351  1.722   1.00 100.11 ?  8   C   A OP1   1 
ATOM   197  O OP2   . C   A 1 10 ? 1.720   15.456  0.275   1.00 99.56  -1 8   C   A OP2   1 
ATOM   198  O "O5'" . C   A 1 10 ? 4.040   15.427  1.308   1.00 91.96  ?  8   C   A "O5'" 1 
ATOM   199  C "C5'" . C   A 1 10 ? 5.112   16.294  1.630   1.00 93.43  ?  8   C   A "C5'" 1 
ATOM   200  C "C4'" . C   A 1 10 ? 6.311   15.950  0.795   1.00 96.33  ?  8   C   A "C4'" 1 
ATOM   201  O "O4'" . C   A 1 10 ? 6.532   14.520  0.873   1.00 96.06  ?  8   C   A "O4'" 1 
ATOM   202  C "C3'" . C   A 1 10 ? 6.139   16.215  -0.689  1.00 99.82  ?  8   C   A "C3'" 1 
ATOM   203  O "O3'" . C   A 1 10 ? 6.425   17.545  -1.055  1.00 104.71 ?  8   C   A "O3'" 1 
ATOM   204  C "C2'" . C   A 1 10 ? 7.073   15.208  -1.336  1.00 96.59  ?  8   C   A "C2'" 1 
ATOM   205  O "O2'" . C   A 1 10 ? 8.398   15.694  -1.305  1.00 99.82  ?  8   C   A "O2'" 1 
ATOM   206  C "C1'" . C   A 1 10 ? 6.955   14.020  -0.383  1.00 95.49  ?  8   C   A "C1'" 1 
ATOM   207  N N1    . C   A 1 10 ? 5.969   13.015  -0.858  1.00 94.80  ?  8   C   A N1    1 
ATOM   208  C C2    . C   A 1 10 ? 6.288   12.125  -1.891  1.00 91.28  ?  8   C   A C2    1 
ATOM   209  O O2    . C   A 1 10 ? 7.410   12.190  -2.402  1.00 92.23  ?  8   C   A O2    1 
ATOM   210  N N3    . C   A 1 10 ? 5.367   11.219  -2.302  1.00 89.68  ?  8   C   A N3    1 
ATOM   211  C C4    . C   A 1 10 ? 4.165   11.184  -1.718  1.00 91.25  ?  8   C   A C4    1 
ATOM   212  N N4    . C   A 1 10 ? 3.263   10.290  -2.115  1.00 92.01  ?  8   C   A N4    1 
ATOM   213  C C5    . C   A 1 10 ? 3.809   12.070  -0.672  1.00 91.65  ?  8   C   A C5    1 
ATOM   214  C C6    . C   A 1 10 ? 4.730   12.955  -0.278  1.00 94.31  ?  8   C   A C6    1 
ATOM   215  P P     . A   A 1 11 ? 5.597   18.210  -2.256  1.00 111.52 ?  9   A   A P     1 
ATOM   216  O OP1   . A   A 1 11 ? 6.005   19.634  -2.295  1.00 109.64 ?  9   A   A OP1   1 
ATOM   217  O OP2   . A   A 1 11 ? 4.150   17.855  -2.024  1.00 97.68  -1 9   A   A OP2   1 
ATOM   218  O "O5'" . A   A 1 11 ? 6.211   17.537  -3.573  1.00 97.96  ?  9   A   A "O5'" 1 
ATOM   219  C "C5'" . A   A 1 11 ? 7.554   17.790  -3.959  1.00 97.35  ?  9   A   A "C5'" 1 
ATOM   220  C "C4'" . A   A 1 11 ? 7.946   17.001  -5.185  1.00 100.33 ?  9   A   A "C4'" 1 
ATOM   221  O "O4'" . A   A 1 11 ? 8.003   15.588  -4.864  1.00 101.73 ?  9   A   A "O4'" 1 
ATOM   222  C "C3'" . A   A 1 11 ? 6.977   17.058  -6.347  1.00 103.34 ?  9   A   A "C3'" 1 
ATOM   223  O "O3'" . A   A 1 11 ? 7.075   18.229  -7.122  1.00 107.83 ?  9   A   A "O3'" 1 
ATOM   224  C "C2'" . A   A 1 11 ? 7.294   15.785  -7.111  1.00 98.92  ?  9   A   A "C2'" 1 
ATOM   225  O "O2'" . A   A 1 11 ? 8.500   15.929  -7.845  1.00 96.24  ?  9   A   A "O2'" 1 
ATOM   226  C "C1'" . A   A 1 11 ? 7.531   14.824  -5.958  1.00 98.19  ?  9   A   A "C1'" 1 
ATOM   227  N N9    . A   A 1 11 ? 6.289   14.129  -5.540  1.00 94.96  ?  9   A   A N9    1 
ATOM   228  C C8    . A   A 1 11 ? 5.499   14.374  -4.439  1.00 92.53  ?  9   A   A C8    1 
ATOM   229  N N7    . A   A 1 11 ? 4.473   13.570  -4.307  1.00 87.60  ?  9   A   A N7    1 
ATOM   230  C C5    . A   A 1 11 ? 4.587   12.733  -5.401  1.00 88.84  ?  9   A   A C5    1 
ATOM   231  C C6    . A   A 1 11 ? 3.809   11.649  -5.849  1.00 87.27  ?  9   A   A C6    1 
ATOM   232  N N6    . A   A 1 11 ? 2.720   11.237  -5.210  1.00 86.97  ?  9   A   A N6    1 
ATOM   233  N N1    . A   A 1 11 ? 4.179   10.997  -6.981  1.00 86.00  ?  9   A   A N1    1 
ATOM   234  C C2    . A   A 1 11 ? 5.281   11.422  -7.618  1.00 88.28  ?  9   A   A C2    1 
ATOM   235  N N3    . A   A 1 11 ? 6.102   12.430  -7.295  1.00 91.76  ?  9   A   A N3    1 
ATOM   236  C C4    . A   A 1 11 ? 5.696   13.056  -6.167  1.00 92.68  ?  9   A   A C4    1 
ATOM   237  P P     . G   A 1 12 ? 5.723   18.838  -7.738  1.00 117.38 ?  10  G   A P     1 
ATOM   238  O OP1   . G   A 1 12 ? 6.209   20.053  -8.436  1.00 117.00 ?  10  G   A OP1   1 
ATOM   239  O OP2   . G   A 1 12 ? 4.614   18.844  -6.725  1.00 99.90  -1 10  G   A OP2   1 
ATOM   240  O "O5'" . G   A 1 12 ? 5.274   17.789  -8.851  1.00 104.51 ?  10  G   A "O5'" 1 
ATOM   241  C "C5'" . G   A 1 12 ? 6.121   17.497  -9.946  1.00 100.93 ?  10  G   A "C5'" 1 
ATOM   242  C "C4'" . G   A 1 12 ? 5.679   16.237  -10.632 1.00 101.19 ?  10  G   A "C4'" 1 
ATOM   243  O "O4'" . G   A 1 12 ? 5.523   15.180  -9.657  1.00 97.03  ?  10  G   A "O4'" 1 
ATOM   244  C "C3'" . G   A 1 12 ? 4.322   16.290  -11.312 1.00 100.82 ?  10  G   A "C3'" 1 
ATOM   245  O "O3'" . G   A 1 12 ? 4.349   16.940  -12.568 1.00 102.89 ?  10  G   A "O3'" 1 
ATOM   246  C "C2'" . G   A 1 12 ? 3.938   14.818  -11.396 1.00 97.44  ?  10  G   A "C2'" 1 
ATOM   247  O "O2'" . G   A 1 12 ? 4.586   14.179  -12.485 1.00 95.49  ?  10  G   A "O2'" 1 
ATOM   248  C "C1'" . G   A 1 12 ? 4.532   14.276  -10.097 1.00 94.31  ?  10  G   A "C1'" 1 
ATOM   249  N N9    . G   A 1 12 ? 3.507   14.094  -9.060  1.00 90.26  ?  10  G   A N9    1 
ATOM   250  C C8    . G   A 1 12 ? 3.222   14.807  -7.922  1.00 88.41  ?  10  G   A C8    1 
ATOM   251  N N7    . G   A 1 12 ? 2.216   14.274  -7.269  1.00 86.85  ?  10  G   A N7    1 
ATOM   252  C C5    . G   A 1 12 ? 1.832   13.163  -8.025  1.00 83.30  ?  10  G   A C5    1 
ATOM   253  C C6    . G   A 1 12 ? 0.820   12.175  -7.843  1.00 79.91  ?  10  G   A C6    1 
ATOM   254  O O6    . G   A 1 12 ? -0.001  12.070  -6.930  1.00 79.50  ?  10  G   A O6    1 
ATOM   255  N N1    . G   A 1 12 ? 0.800   11.224  -8.865  1.00 79.47  ?  10  G   A N1    1 
ATOM   256  C C2    . G   A 1 12 ? 1.659   11.205  -9.947  1.00 83.85  ?  10  G   A C2    1 
ATOM   257  N N2    . G   A 1 12 ? 1.500   10.210  -10.845 1.00 80.40  ?  10  G   A N2    1 
ATOM   258  N N3    . G   A 1 12 ? 2.615   12.112  -10.128 1.00 87.63  ?  10  G   A N3    1 
ATOM   259  C C4    . G   A 1 12 ? 2.628   13.048  -9.137  1.00 88.04  ?  10  G   A C4    1 
ATOM   260  P P     . G   A 1 13 ? 2.988   17.479  -13.239 1.00 112.16 ?  11  G   A P     1 
ATOM   261  O OP1   . G   A 1 13 ? 3.436   18.363  -14.344 1.00 104.53 ?  11  G   A OP1   1 
ATOM   262  O OP2   . G   A 1 13 ? 2.036   18.009  -12.210 1.00 105.91 -1 11  G   A OP2   1 
ATOM   263  O "O5'" . G   A 1 13 ? 2.306   16.172  -13.846 1.00 99.21  ?  11  G   A "O5'" 1 
ATOM   264  C "C5'" . G   A 1 13 ? 2.910   15.444  -14.894 1.00 93.76  ?  11  G   A "C5'" 1 
ATOM   265  C "C4'" . G   A 1 13 ? 2.096   14.222  -15.208 1.00 95.00  ?  11  G   A "C4'" 1 
ATOM   266  O "O4'" . G   A 1 13 ? 2.072   13.347  -14.051 1.00 92.29  ?  11  G   A "O4'" 1 
ATOM   267  C "C3'" . G   A 1 13 ? 0.626   14.476  -15.492 1.00 92.84  ?  11  G   A "C3'" 1 
ATOM   268  O "O3'" . G   A 1 13 ? 0.378   14.925  -16.807 1.00 92.14  ?  11  G   A "O3'" 1 
ATOM   269  C "C2'" . G   A 1 13 ? -0.008  13.129  -15.172 1.00 90.32  ?  11  G   A "C2'" 1 
ATOM   270  O "O2'" . G   A 1 13 ? 0.228   12.192  -16.211 1.00 91.35  ?  11  G   A "O2'" 1 
ATOM   271  C "C1'" . G   A 1 13 ? 0.817   12.701  -13.965 1.00 89.28  ?  11  G   A "C1'" 1 
ATOM   272  N N9    . G   A 1 13 ? 0.173   13.053  -12.680 1.00 86.82  ?  11  G   A N9    1 
ATOM   273  C C8    . G   A 1 13 ? 0.427   14.135  -11.858 1.00 85.63  ?  11  G   A C8    1 
ATOM   274  N N7    . G   A 1 13 ? -0.301  14.113  -10.775 1.00 80.63  ?  11  G   A N7    1 
ATOM   275  C C5    . G   A 1 13 ? -1.073  12.956  -10.896 1.00 76.74  ?  11  G   A C5    1 
ATOM   276  C C6    . G   A 1 13 ? -2.051  12.381  -10.044 1.00 76.39  ?  11  G   A C6    1 
ATOM   277  O O6    . G   A 1 13 ? -2.473  12.786  -8.966  1.00 77.94  ?  11  G   A O6    1 
ATOM   278  N N1    . G   A 1 13 ? -2.579  11.198  -10.527 1.00 73.02  ?  11  G   A N1    1 
ATOM   279  C C2    . G   A 1 13 ? -2.229  10.622  -11.706 1.00 74.08  ?  11  G   A C2    1 
ATOM   280  N N2    . G   A 1 13 ? -2.879  9.480   -11.992 1.00 72.22  ?  11  G   A N2    1 
ATOM   281  N N3    . G   A 1 13 ? -1.323  11.141  -12.523 1.00 76.10  ?  11  G   A N3    1 
ATOM   282  C C4    . G   A 1 13 ? -0.792  12.294  -12.059 1.00 78.62  ?  11  G   A C4    1 
ATOM   283  P P     . A   A 1 14 ? -0.897  15.847  -17.103 1.00 104.09 ?  12  A   A P     1 
ATOM   284  O OP1   . A   A 1 14 ? -0.716  16.245  -18.517 1.00 100.20 ?  12  A   A OP1   1 
ATOM   285  O OP2   . A   A 1 14 ? -1.099  16.830  -16.007 1.00 103.24 -1 12  A   A OP2   1 
ATOM   286  O "O5'" . A   A 1 14 ? -2.146  14.872  -17.022 1.00 87.16  ?  12  A   A "O5'" 1 
ATOM   287  C "C5'" . A   A 1 14 ? -2.439  14.054  -18.120 1.00 83.42  ?  12  A   A "C5'" 1 
ATOM   288  C "C4'" . A   A 1 14 ? -3.314  12.922  -17.713 1.00 83.29  ?  12  A   A "C4'" 1 
ATOM   289  O "O4'" . A   A 1 14 ? -2.940  12.444  -16.410 1.00 81.51  ?  12  A   A "O4'" 1 
ATOM   290  C "C3'" . A   A 1 14 ? -4.771  13.244  -17.533 1.00 85.11  ?  12  A   A "C3'" 1 
ATOM   291  O "O3'" . A   A 1 14 ? -5.465  13.425  -18.738 1.00 86.18  ?  12  A   A "O3'" 1 
ATOM   292  C "C2'" . A   A 1 14 ? -5.264  12.055  -16.718 1.00 82.69  ?  12  A   A "C2'" 1 
ATOM   293  O "O2'" . A   A 1 14 ? -5.451  10.908  -17.541 1.00 81.57  ?  12  A   A "O2'" 1 
ATOM   294  C "C1'" . A   A 1 14 ? -4.061  11.807  -15.819 1.00 80.70  ?  12  A   A "C1'" 1 
ATOM   295  N N9    . A   A 1 14 ? -4.266  12.288  -14.444 1.00 75.88  ?  12  A   A N9    1 
ATOM   296  C C8    . A   A 1 14 ? -3.729  13.374  -13.801 1.00 76.04  ?  12  A   A C8    1 
ATOM   297  N N7    . A   A 1 14 ? -4.113  13.452  -12.540 1.00 73.23  ?  12  A   A N7    1 
ATOM   298  C C5    . A   A 1 14 ? -4.939  12.354  -12.355 1.00 70.09  ?  12  A   A C5    1 
ATOM   299  C C6    . A   A 1 14 ? -5.646  11.874  -11.244 1.00 68.32  ?  12  A   A C6    1 
ATOM   300  N N6    . A   A 1 14 ? -5.634  12.475  -10.061 1.00 67.59  ?  12  A   A N6    1 
ATOM   301  N N1    . A   A 1 14 ? -6.366  10.742  -11.383 1.00 68.64  ?  12  A   A N1    1 
ATOM   302  C C2    . A   A 1 14 ? -6.354  10.141  -12.580 1.00 71.05  ?  12  A   A C2    1 
ATOM   303  N N3    . A   A 1 14 ? -5.727  10.492  -13.706 1.00 72.36  ?  12  A   A N3    1 
ATOM   304  C C4    . A   A 1 14 ? -5.033  11.625  -13.519 1.00 72.01  ?  12  A   A C4    1 
ATOM   305  P P     . G   A 1 15 ? -6.956  13.984  -18.641 1.00 94.57  ?  13  G   A P     1 
ATOM   306  O OP1   . G   A 1 15 ? -7.333  14.362  -20.024 1.00 92.25  ?  13  G   A OP1   1 
ATOM   307  O OP2   . G   A 1 15 ? -7.007  14.872  -17.432 1.00 85.54  -1 13  G   A OP2   1 
ATOM   308  O "O5'" . G   A 1 15 ? -7.840  12.701  -18.325 1.00 88.92  ?  13  G   A "O5'" 1 
ATOM   309  C "C5'" . G   A 1 15 ? -9.012  12.796  -17.546 1.00 77.79  ?  13  G   A "C5'" 1 
ATOM   310  C "C4'" . G   A 1 15 ? -9.298  11.469  -16.918 1.00 74.43  ?  13  G   A "C4'" 1 
ATOM   311  O "O4'" . G   A 1 15 ? -8.465  11.315  -15.756 1.00 71.65  ?  13  G   A "O4'" 1 
ATOM   312  C "C3'" . G   A 1 15 ? -10.704 11.310  -16.397 1.00 78.05  ?  13  G   A "C3'" 1 
ATOM   313  O "O3'" . G   A 1 15 ? -11.595 10.899  -17.409 1.00 77.38  ?  13  G   A "O3'" 1 
ATOM   314  C "C2'" . G   A 1 15 ? -10.557 10.304  -15.265 1.00 72.93  ?  13  G   A "C2'" 1 
ATOM   315  O "O2'" . G   A 1 15 ? -10.563 8.989   -15.772 1.00 73.24  ?  13  G   A "O2'" 1 
ATOM   316  C "C1'" . G   A 1 15 ? -9.159  10.619  -14.750 1.00 70.51  ?  13  G   A "C1'" 1 
ATOM   317  N N9    . G   A 1 15 ? -9.141  11.436  -13.521 1.00 71.34  ?  13  G   A N9    1 
ATOM   318  C C8    . G   A 1 15 ? -8.499  12.656  -13.376 1.00 68.91  ?  13  G   A C8    1 
ATOM   319  N N7    . G   A 1 15 ? -8.603  13.140  -12.163 1.00 65.98  ?  13  G   A N7    1 
ATOM   320  C C5    . G   A 1 15 ? -9.341  12.175  -11.477 1.00 65.86  ?  13  G   A C5    1 
ATOM   321  C C6    . G   A 1 15 ? -9.764  12.138  -10.131 1.00 66.60  ?  13  G   A C6    1 
ATOM   322  O O6    . G   A 1 15 ? -9.545  12.979  -9.268  1.00 68.59  ?  13  G   A O6    1 
ATOM   323  N N1    . G   A 1 15 ? -10.492 10.998  -9.808  1.00 66.29  ?  13  G   A N1    1 
ATOM   324  C C2    . G   A 1 15 ? -10.777 9.989   -10.687 1.00 67.70  ?  13  G   A C2    1 
ATOM   325  N N2    . G   A 1 15 ? -11.481 8.956   -10.182 1.00 67.52  ?  13  G   A N2    1 
ATOM   326  N N3    . G   A 1 15 ? -10.393 10.007  -11.958 1.00 66.97  ?  13  G   A N3    1 
ATOM   327  C C4    . G   A 1 15 ? -9.681  11.115  -12.285 1.00 68.16  ?  13  G   A C4    1 
ATOM   328  P P     . U   A 1 16 ? -13.087 11.459  -17.384 1.00 84.27  ?  14  U   A P     1 
ATOM   329  O OP1   . U   A 1 16 ? -13.831 10.910  -18.536 1.00 81.36  ?  14  U   A OP1   1 
ATOM   330  O OP2   . U   A 1 16 ? -12.924 12.939  -17.198 1.00 79.71  -1 14  U   A OP2   1 
ATOM   331  O "O5'" . U   A 1 16 ? -13.758 10.707  -16.145 1.00 78.08  ?  14  U   A "O5'" 1 
ATOM   332  C "C5'" . U   A 1 16 ? -13.975 9.313   -16.206 1.00 70.28  ?  14  U   A "C5'" 1 
ATOM   333  C "C4'" . U   A 1 16 ? -14.488 8.778   -14.905 1.00 71.59  ?  14  U   A "C4'" 1 
ATOM   334  O "O4'" . U   A 1 16 ? -13.526 9.038   -13.866 1.00 72.25  ?  14  U   A "O4'" 1 
ATOM   335  C "C3'" . U   A 1 16 ? -15.748 9.422   -14.387 1.00 74.36  ?  14  U   A "C3'" 1 
ATOM   336  O "O3'" . U   A 1 16 ? -16.921 8.938   -15.002 1.00 81.56  ?  14  U   A "O3'" 1 
ATOM   337  C "C2'" . U   A 1 16 ? -15.678 9.144   -12.894 1.00 73.06  ?  14  U   A "C2'" 1 
ATOM   338  O "O2'" . U   A 1 16 ? -16.018 7.802   -12.611 1.00 71.39  ?  14  U   A "O2'" 1 
ATOM   339  C "C1'" . U   A 1 16 ? -14.195 9.294   -12.647 1.00 72.49  ?  14  U   A "C1'" 1 
ATOM   340  N N1    . U   A 1 16 ? -13.788 10.633  -12.178 1.00 70.78  ?  14  U   A N1    1 
ATOM   341  C C2    . U   A 1 16 ? -14.021 10.961  -10.863 1.00 66.92  ?  14  U   A C2    1 
ATOM   342  O O2    . U   A 1 16 ? -14.624 10.231  -10.096 1.00 66.87  ?  14  U   A O2    1 
ATOM   343  N N3    . U   A 1 16 ? -13.518 12.183  -10.510 1.00 65.06  ?  14  U   A N3    1 
ATOM   344  C C4    . U   A 1 16 ? -12.821 13.061  -11.325 1.00 66.87  ?  14  U   A C4    1 
ATOM   345  O O4    . U   A 1 16 ? -12.432 14.134  -10.868 1.00 67.38  ?  14  U   A O4    1 
ATOM   346  C C5    . U   A 1 16 ? -12.611 12.640  -12.671 1.00 66.49  ?  14  U   A C5    1 
ATOM   347  C C6    . U   A 1 16 ? -13.085 11.457  -13.028 1.00 70.12  ?  14  U   A C6    1 
ATOM   348  P P     . C   A 1 17 ? -18.188 9.924   -15.111 1.00 90.87  ?  15  C   A P     1 
ATOM   349  O OP1   . C   A 1 17 ? -19.281 9.258   -15.874 1.00 78.80  ?  15  C   A OP1   1 
ATOM   350  O OP2   . C   A 1 17 ? -17.591 11.229  -15.593 1.00 77.92  -1 15  C   A OP2   1 
ATOM   351  O "O5'" . C   A 1 17 ? -18.747 9.980   -13.606 1.00 78.36  ?  15  C   A "O5'" 1 
ATOM   352  C "C5'" . C   A 1 17 ? -19.418 8.858   -13.049 1.00 76.10  ?  15  C   A "C5'" 1 
ATOM   353  C "C4'" . C   A 1 17 ? -19.489 8.951   -11.548 1.00 77.62  ?  15  C   A "C4'" 1 
ATOM   354  O "O4'" . C   A 1 17 ? -18.190 9.310   -11.044 1.00 78.19  ?  15  C   A "O4'" 1 
ATOM   355  C "C3'" . C   A 1 17 ? -20.402 10.019  -10.968 1.00 77.30  ?  15  C   A "C3'" 1 
ATOM   356  O "O3'" . C   A 1 17 ? -21.744 9.600   -10.872 1.00 82.73  ?  15  C   A "O3'" 1 
ATOM   357  C "C2'" . C   A 1 17 ? -19.792 10.263  -9.606  1.00 74.78  ?  15  C   A "C2'" 1 
ATOM   358  O "O2'" . C   A 1 17 ? -20.094 9.167   -8.758  1.00 77.09  ?  15  C   A "O2'" 1 
ATOM   359  C "C1'" . C   A 1 17 ? -18.326 10.164  -9.934  1.00 75.44  ?  15  C   A "C1'" 1 
ATOM   360  N N1    . C   A 1 17 ? -17.688 11.438  -10.280 1.00 69.87  ?  15  C   A N1    1 
ATOM   361  C C2    . C   A 1 17 ? -17.266 12.202  -9.230  1.00 67.70  ?  15  C   A C2    1 
ATOM   362  O O2    . C   A 1 17 ? -17.562 11.798  -8.107  1.00 69.23  ?  15  C   A O2    1 
ATOM   363  N N3    . C   A 1 17 ? -16.586 13.331  -9.485  1.00 65.74  ?  15  C   A N3    1 
ATOM   364  C C4    . C   A 1 17 ? -16.310 13.662  -10.748 1.00 65.02  ?  15  C   A C4    1 
ATOM   365  N N4    . C   A 1 17 ? -15.629 14.788  -10.978 1.00 62.78  ?  15  C   A N4    1 
ATOM   366  C C5    . C   A 1 17 ? -16.708 12.855  -11.843 1.00 66.45  ?  15  C   A C5    1 
ATOM   367  C C6    . C   A 1 17 ? -17.387 11.749  -11.562 1.00 68.19  ?  15  C   A C6    1 
ATOM   368  P P     . U   A 1 18 ? -22.916 10.694  -10.842 1.00 86.34  ?  16  U   A P     1 
ATOM   369  O OP1   . U   A 1 18 ? -24.180 9.910   -10.786 1.00 82.23  ?  16  U   A OP1   1 
ATOM   370  O OP2   . U   A 1 18 ? -22.614 11.733  -11.876 1.00 77.48  -1 16  U   A OP2   1 
ATOM   371  O "O5'" . U   A 1 18 ? -22.765 11.403  -9.428  1.00 79.18  ?  16  U   A "O5'" 1 
ATOM   372  C "C5'" . U   A 1 18 ? -22.966 10.676  -8.225  1.00 79.62  ?  16  U   A "C5'" 1 
ATOM   373  C "C4'" . U   A 1 18 ? -22.823 11.583  -7.034  1.00 81.52  ?  16  U   A "C4'" 1 
ATOM   374  O "O4'" . U   A 1 18 ? -21.555 12.305  -7.113  1.00 79.98  ?  16  U   A "O4'" 1 
ATOM   375  C "C3'" . U   A 1 18 ? -23.901 12.650  -6.927  1.00 82.01  ?  16  U   A "C3'" 1 
ATOM   376  O "O3'" . U   A 1 18 ? -24.122 12.911  -5.544  1.00 85.96  ?  16  U   A "O3'" 1 
ATOM   377  C "C2'" . U   A 1 18 ? -23.231 13.859  -7.583  1.00 76.84  ?  16  U   A "C2'" 1 
ATOM   378  O "O2'" . U   A 1 18 ? -23.749 15.117  -7.224  1.00 79.61  ?  16  U   A "O2'" 1 
ATOM   379  C "C1'" . U   A 1 18 ? -21.809 13.702  -7.092  1.00 75.85  ?  16  U   A "C1'" 1 
ATOM   380  N N1    . U   A 1 18 ? -20.839 14.389  -7.938  1.00 73.03  ?  16  U   A N1    1 
ATOM   381  C C2    . U   A 1 18 ? -20.149 15.457  -7.385  1.00 71.09  ?  16  U   A C2    1 
ATOM   382  O O2    . U   A 1 18 ? -20.300 15.835  -6.236  1.00 71.95  ?  16  U   A O2    1 
ATOM   383  N N3    . U   A 1 18 ? -19.252 16.067  -8.224  1.00 66.06  ?  16  U   A N3    1 
ATOM   384  C C4    . U   A 1 18 ? -19.003 15.700  -9.536  1.00 66.80  ?  16  U   A C4    1 
ATOM   385  O O4    . U   A 1 18 ? -18.173 16.341  -10.188 1.00 62.12  ?  16  U   A O4    1 
ATOM   386  C C5    . U   A 1 18 ? -19.770 14.585  -10.031 1.00 68.59  ?  16  U   A C5    1 
ATOM   387  C C6    . U   A 1 18 ? -20.653 13.980  -9.234  1.00 72.94  ?  16  U   A C6    1 
ATOM   388  P P     . A   A 1 19 ? -25.614 13.069  -4.998  1.00 90.40  ?  17  A   A P     1 
ATOM   389  O OP1   . A   A 1 19 ? -26.372 11.999  -5.698  1.00 87.64  -1 17  A   A OP1   1 
ATOM   390  O OP2   . A   A 1 19 ? -25.956 14.518  -5.126  1.00 77.63  ?  17  A   A OP2   1 
ATOM   391  O "O5'" . A   A 1 19 ? -25.540 12.639  -3.462  1.00 85.10  ?  17  A   A "O5'" 1 
ATOM   392  C "C5'" . A   A 1 19 ? -25.744 11.286  -3.070  1.00 83.70  ?  17  A   A "C5'" 1 
ATOM   393  C "C4'" . A   A 1 19 ? -24.782 10.892  -1.986  1.00 86.25  ?  17  A   A "C4'" 1 
ATOM   394  O "O4'" . A   A 1 19 ? -23.466 11.396  -2.326  1.00 89.85  ?  17  A   A "O4'" 1 
ATOM   395  C "C3'" . A   A 1 19 ? -25.088 11.459  -0.614  1.00 86.52  ?  17  A   A "C3'" 1 
ATOM   396  O "O3'" . A   A 1 19 ? -24.544 10.555  0.341   1.00 90.50  ?  17  A   A "O3'" 1 
ATOM   397  C "C2'" . A   A 1 19 ? -24.289 12.761  -0.598  1.00 84.28  ?  17  A   A "C2'" 1 
ATOM   398  O "O2'" . A   A 1 19 ? -23.962 13.226  0.693   1.00 82.78  ?  17  A   A "O2'" 1 
ATOM   399  C "C1'" . A   A 1 19 ? -23.039 12.336  -1.342  1.00 87.46  ?  17  A   A "C1'" 1 
ATOM   400  N N9    . A   A 1 19 ? -22.302 13.398  -2.029  1.00 80.28  ?  17  A   A N9    1 
ATOM   401  C C8    . A   A 1 19 ? -22.684 14.142  -3.113  1.00 77.66  ?  17  A   A C8    1 
ATOM   402  N N7    . A   A 1 19 ? -21.735 14.938  -3.552  1.00 76.59  ?  17  A   A N7    1 
ATOM   403  C C5    . A   A 1 19 ? -20.650 14.686  -2.718  1.00 75.57  ?  17  A   A C5    1 
ATOM   404  C C6    . A   A 1 19 ? -19.336 15.202  -2.651  1.00 71.93  ?  17  A   A C6    1 
ATOM   405  N N6    . A   A 1 19 ? -18.846 16.128  -3.471  1.00 67.44  ?  17  A   A N6    1 
ATOM   406  N N1    . A   A 1 19 ? -18.516 14.731  -1.689  1.00 72.95  ?  17  A   A N1    1 
ATOM   407  C C2    . A   A 1 19 ? -18.985 13.788  -0.861  1.00 75.49  ?  17  A   A C2    1 
ATOM   408  N N3    . A   A 1 19 ? -20.193 13.219  -0.823  1.00 77.71  ?  17  A   A N3    1 
ATOM   409  C C4    . A   A 1 19 ? -20.988 13.721  -1.787  1.00 78.32  ?  17  A   A C4    1 
ATOM   410  P P     . U   A 1 20 ? -25.446 9.324   0.825   1.00 101.85 ?  18  U   A P     1 
ATOM   411  O OP1   . U   A 1 20 ? -26.623 9.387   -0.102  1.00 91.42  -1 18  U   A OP1   1 
ATOM   412  O OP2   . U   A 1 20 ? -25.507 9.393   2.324   1.00 89.61  ?  18  U   A OP2   1 
ATOM   413  O "O5'" . U   A 1 20 ? -24.699 7.987   0.358   1.00 96.66  ?  18  U   A "O5'" 1 
ATOM   414  C "C5'" . U   A 1 20 ? -23.288 7.912   0.250   1.00 95.15  ?  18  U   A "C5'" 1 
ATOM   415  C "C4'" . U   A 1 20 ? -22.868 7.221   -1.023  1.00 92.71  ?  18  U   A "C4'" 1 
ATOM   416  O "O4'" . U   A 1 20 ? -22.738 8.184   -2.091  1.00 87.89  ?  18  U   A "O4'" 1 
ATOM   417  C "C3'" . U   A 1 20 ? -21.524 6.526   -0.946  1.00 90.39  ?  18  U   A "C3'" 1 
ATOM   418  O "O3'" . U   A 1 20 ? -21.694 5.201   -0.500  1.00 90.97  ?  18  U   A "O3'" 1 
ATOM   419  C "C2'" . U   A 1 20 ? -20.979 6.592   -2.370  1.00 91.50  ?  18  U   A "C2'" 1 
ATOM   420  O "O2'" . U   A 1 20 ? -21.352 5.437   -3.109  1.00 90.17  ?  18  U   A "O2'" 1 
ATOM   421  C "C1'" . U   A 1 20 ? -21.686 7.822   -2.947  1.00 88.49  ?  18  U   A "C1'" 1 
ATOM   422  N N1    . U   A 1 20 ? -20.817 9.002   -3.098  1.00 85.24  ?  18  U   A N1    1 
ATOM   423  C C2    . U   A 1 20 ? -21.027 9.558   -4.328  1.00 84.93  ?  18  U   A C2    1 
ATOM   424  O O2    . U   A 1 20 ? -21.810 9.068   -5.108  1.00 87.64  ?  18  U   A O2    1 
ATOM   425  N N3    . U   A 1 20 ? -20.335 10.682  -4.620  1.00 80.72  ?  18  U   A N3    1 
ATOM   426  C C4    . U   A 1 20 ? -19.448 11.284  -3.785  1.00 79.02  ?  18  U   A C4    1 
ATOM   427  O O4    . U   A 1 20 ? -18.915 12.304  -4.238  1.00 75.85  ?  18  U   A O4    1 
ATOM   428  C C5    . U   A 1 20 ? -19.271 10.637  -2.499  1.00 79.15  ?  18  U   A C5    1 
ATOM   429  C C6    . U   A 1 20 ? -19.953 9.531   -2.173  1.00 80.13  ?  18  U   A C6    1 
ATOM   430  P P     . A   A 1 21 ? -20.801 4.645   0.701   1.00 101.51 ?  19  A   A P     1 
ATOM   431  O OP1   . A   A 1 21 ? -21.577 3.534   1.328   1.00 94.61  ?  19  A   A OP1   1 
ATOM   432  O OP2   . A   A 1 21 ? -20.300 5.801   1.493   1.00 92.86  -1 19  A   A OP2   1 
ATOM   433  O "O5'" . A   A 1 21 ? -19.551 4.020   -0.054  1.00 95.69  ?  19  A   A "O5'" 1 
ATOM   434  C "C5'" . A   A 1 21 ? -19.752 3.318   -1.270  1.00 93.08  ?  19  A   A "C5'" 1 
ATOM   435  C "C4'" . A   A 1 21 ? -18.521 3.335   -2.127  1.00 89.93  ?  19  A   A "C4'" 1 
ATOM   436  O "O4'" . A   A 1 21 ? -18.528 4.503   -2.995  1.00 88.22  ?  19  A   A "O4'" 1 
ATOM   437  C "C3'" . A   A 1 21 ? -17.177 3.358   -1.371  1.00 87.29  ?  19  A   A "C3'" 1 
ATOM   438  O "O3'" . A   A 1 21 ? -16.266 2.475   -2.005  1.00 91.97  ?  19  A   A "O3'" 1 
ATOM   439  C "C2'" . A   A 1 21 ? -16.648 4.758   -1.639  1.00 86.96  ?  19  A   A "C2'" 1 
ATOM   440  O "O2'" . A   A 1 21 ? -15.229 4.824   -1.645  1.00 81.92  ?  19  A   A "O2'" 1 
ATOM   441  C "C1'" . A   A 1 21 ? -17.223 5.013   -3.029  1.00 86.32  ?  19  A   A "C1'" 1 
ATOM   442  N N9    . A   A 1 21 ? -17.168 6.386   -3.513  1.00 80.62  ?  19  A   A N9    1 
ATOM   443  C C8    . A   A 1 21 ? -16.481 7.407   -2.924  1.00 77.83  ?  19  A   A C8    1 
ATOM   444  N N7    . A   A 1 21 ? -16.509 8.521   -3.608  1.00 79.06  ?  19  A   A N7    1 
ATOM   445  C C5    . A   A 1 21 ? -17.232 8.199   -4.743  1.00 80.63  ?  19  A   A C5    1 
ATOM   446  C C6    . A   A 1 21 ? -17.591 8.976   -5.853  1.00 77.03  ?  19  A   A C6    1 
ATOM   447  N N6    . A   A 1 21 ? -17.244 10.255  -5.973  1.00 72.03  ?  19  A   A N6    1 
ATOM   448  N N1    . A   A 1 21 ? -18.305 8.368   -6.825  1.00 79.37  ?  19  A   A N1    1 
ATOM   449  C C2    . A   A 1 21 ? -18.623 7.069   -6.653  1.00 81.72  ?  19  A   A C2    1 
ATOM   450  N N3    . A   A 1 21 ? -18.347 6.224   -5.652  1.00 81.67  ?  19  A   A N3    1 
ATOM   451  C C4    . A   A 1 21 ? -17.629 6.869   -4.713  1.00 82.76  ?  19  A   A C4    1 
ATOM   452  P P     . A   A 1 22 ? -16.397 0.888   -1.851  1.00 95.26  ?  20  A   A P     1 
ATOM   453  O OP1   . A   A 1 22 ? -17.510 0.549   -0.913  1.00 90.36  ?  20  A   A OP1   1 
ATOM   454  O OP2   . A   A 1 22 ? -14.990 0.467   -1.566  1.00 77.41  -1 20  A   A OP2   1 
ATOM   455  O "O5'" . A   A 1 22 ? -16.813 0.418   -3.319  1.00 87.61  ?  20  A   A "O5'" 1 
ATOM   456  C "C5'" . A   A 1 22 ? -16.028 0.787   -4.444  1.00 85.39  ?  20  A   A "C5'" 1 
ATOM   457  C "C4'" . A   A 1 22 ? -16.885 1.088   -5.639  1.00 83.93  ?  20  A   A "C4'" 1 
ATOM   458  O "O4'" . A   A 1 22 ? -17.257 2.487   -5.636  1.00 86.89  ?  20  A   A "O4'" 1 
ATOM   459  C "C3'" . A   A 1 22 ? -16.227 0.885   -6.990  1.00 85.03  ?  20  A   A "C3'" 1 
ATOM   460  O "O3'" . A   A 1 22 ? -16.296 -0.464  -7.393  1.00 92.80  ?  20  A   A "O3'" 1 
ATOM   461  C "C2'" . A   A 1 22 ? -17.044 1.788   -7.898  1.00 87.40  ?  20  A   A "C2'" 1 
ATOM   462  O "O2'" . A   A 1 22 ? -18.264 1.151   -8.244  1.00 88.85  ?  20  A   A "O2'" 1 
ATOM   463  C "C1'" . A   A 1 22 ? -17.362 2.956   -6.965  1.00 86.70  ?  20  A   A "C1'" 1 
ATOM   464  N N9    . A   A 1 22 ? -16.465 4.121   -7.159  1.00 83.66  ?  20  A   A N9    1 
ATOM   465  C C8    . A   A 1 22 ? -15.454 4.563   -6.340  1.00 82.75  ?  20  A   A C8    1 
ATOM   466  N N7    . A   A 1 22 ? -14.841 5.639   -6.783  1.00 78.80  ?  20  A   A N7    1 
ATOM   467  C C5    . A   A 1 22 ? -15.491 5.940   -7.966  1.00 79.50  ?  20  A   A C5    1 
ATOM   468  C C6    . A   A 1 22 ? -15.316 6.980   -8.907  1.00 80.42  ?  20  A   A C6    1 
ATOM   469  N N6    . A   A 1 22 ? -14.393 7.936   -8.794  1.00 77.66  ?  20  A   A N6    1 
ATOM   470  N N1    . A   A 1 22 ? -16.127 7.016   -9.987  1.00 79.96  ?  20  A   A N1    1 
ATOM   471  C C2    . A   A 1 22 ? -17.041 6.038   -10.083 1.00 81.56  ?  20  A   A C2    1 
ATOM   472  N N3    . A   A 1 22 ? -17.302 5.008   -9.266  1.00 80.31  ?  20  A   A N3    1 
ATOM   473  C C4    . A   A 1 22 ? -16.488 5.016   -8.206  1.00 80.21  ?  20  A   A C4    1 
ATOM   474  P P     . A   A 1 23 ? -15.025 -1.249  -7.990  1.00 97.75  ?  21  A   A P     1 
ATOM   475  O OP1   . A   A 1 23 ? -15.564 -2.619  -8.137  1.00 89.21  ?  21  A   A OP1   1 
ATOM   476  O OP2   . A   A 1 23 ? -13.759 -0.987  -7.237  1.00 88.61  -1 21  A   A OP2   1 
ATOM   477  O "O5'" . A   A 1 23 ? -14.882 -0.696  -9.468  1.00 86.97  ?  21  A   A "O5'" 1 
ATOM   478  C "C5'" . A   A 1 23 ? -15.794 -1.105  -10.458 1.00 83.65  ?  21  A   A "C5'" 1 
ATOM   479  C "C4'" . A   A 1 23 ? -15.706 -0.164  -11.605 1.00 81.44  ?  21  A   A "C4'" 1 
ATOM   480  O "O4'" . A   A 1 23 ? -15.995 1.149   -11.103 1.00 83.14  ?  21  A   A "O4'" 1 
ATOM   481  C "C3'" . A   A 1 23 ? -14.319 -0.030  -12.195 1.00 84.79  ?  21  A   A "C3'" 1 
ATOM   482  O "O3'" . A   A 1 23 ? -14.022 -1.024  -13.149 1.00 89.33  ?  21  A   A "O3'" 1 
ATOM   483  C "C2'" . A   A 1 23 ? -14.329 1.374   -12.772 1.00 85.92  ?  21  A   A "C2'" 1 
ATOM   484  O "O2'" . A   A 1 23 ? -15.000 1.402   -14.028 1.00 88.76  ?  21  A   A "O2'" 1 
ATOM   485  C "C1'" . A   A 1 23 ? -15.174 2.103   -11.741 1.00 85.25  ?  21  A   A "C1'" 1 
ATOM   486  N N9    . A   A 1 23 ? -14.362 2.762   -10.708 1.00 84.45  ?  21  A   A N9    1 
ATOM   487  C C8    . A   A 1 23 ? -14.137 2.333   -9.424  1.00 84.08  ?  21  A   A C8    1 
ATOM   488  N N7    . A   A 1 23 ? -13.394 3.161   -8.731  1.00 83.70  ?  21  A   A N7    1 
ATOM   489  C C5    . A   A 1 23 ? -13.126 4.204   -9.613  1.00 81.05  ?  21  A   A C5    1 
ATOM   490  C C6    . A   A 1 23 ? -12.390 5.402   -9.483  1.00 79.53  ?  21  A   A C6    1 
ATOM   491  N N6    . A   A 1 23 ? -11.754 5.751   -8.365  1.00 79.32  ?  21  A   A N6    1 
ATOM   492  N N1    . A   A 1 23 ? -12.310 6.232   -10.549 1.00 77.68  ?  21  A   A N1    1 
ATOM   493  C C2    . A   A 1 23 ? -12.949 5.855   -11.671 1.00 80.45  ?  21  A   A C2    1 
ATOM   494  N N3    . A   A 1 23 ? -13.676 4.756   -11.924 1.00 81.31  ?  21  A   A N3    1 
ATOM   495  C C4    . A   A 1 23 ? -13.721 3.967   -10.837 1.00 81.79  ?  21  A   A C4    1 
ATOM   496  P P     . A   A 1 24 ? -12.503 -1.488  -13.342 1.00 88.03  ?  22  A   A P     1 
ATOM   497  O OP1   . A   A 1 24 ? -12.385 -1.938  -14.743 1.00 89.48  ?  22  A   A OP1   1 
ATOM   498  O OP2   . A   A 1 24 ? -12.153 -2.335  -12.161 1.00 81.55  -1 22  A   A OP2   1 
ATOM   499  O "O5'" . A   A 1 24 ? -11.664 -0.138  -13.284 1.00 83.54  ?  22  A   A "O5'" 1 
ATOM   500  C "C5'" . A   A 1 24 ? -10.588 0.089   -14.174 1.00 79.00  ?  22  A   A "C5'" 1 
ATOM   501  C "C4'" . A   A 1 24 ? -10.446 1.550   -14.499 1.00 78.99  ?  22  A   A "C4'" 1 
ATOM   502  O "O4'" . A   A 1 24 ? -11.039 2.359   -13.458 1.00 79.60  ?  22  A   A "O4'" 1 
ATOM   503  C "C3'" . A   A 1 24 ? -9.019  2.042   -14.589 1.00 77.51  ?  22  A   A "C3'" 1 
ATOM   504  O "O3'" . A   A 1 24 ? -8.475  1.767   -15.852 1.00 77.68  ?  22  A   A "O3'" 1 
ATOM   505  C "C2'" . A   A 1 24 ? -9.131  3.534   -14.285 1.00 78.94  ?  22  A   A "C2'" 1 
ATOM   506  O "O2'" . A   A 1 24 ? -9.431  4.270   -15.466 1.00 77.70  ?  22  A   A "O2'" 1 
ATOM   507  C "C1'" . A   A 1 24 ? -10.338 3.576   -13.336 1.00 77.57  ?  22  A   A "C1'" 1 
ATOM   508  N N9    . A   A 1 24 ? -9.999  3.788   -11.909 1.00 76.54  ?  22  A   A N9    1 
ATOM   509  C C8    . A   A 1 24 ? -10.246 2.924   -10.863 1.00 76.54  ?  22  A   A C8    1 
ATOM   510  N N7    . A   A 1 24 ? -9.869  3.369   -9.684  1.00 76.42  ?  22  A   A N7    1 
ATOM   511  C C5    . A   A 1 24 ? -9.355  4.630   -9.965  1.00 76.56  ?  22  A   A C5    1 
ATOM   512  C C6    . A   A 1 24 ? -8.805  5.629   -9.135  1.00 75.21  ?  22  A   A C6    1 
ATOM   513  N N6    . A   A 1 24 ? -8.692  5.504   -7.807  1.00 71.16  ?  22  A   A N6    1 
ATOM   514  N N1    . A   A 1 24 ? -8.389  6.780   -9.728  1.00 75.98  ?  22  A   A N1    1 
ATOM   515  C C2    . A   A 1 24 ? -8.531  6.918   -11.061 1.00 73.44  ?  22  A   A C2    1 
ATOM   516  N N3    . A   A 1 24 ? -9.048  6.057   -11.942 1.00 73.90  ?  22  A   A N3    1 
ATOM   517  C C4    . A   A 1 24 ? -9.443  4.916   -11.328 1.00 76.74  ?  22  A   A C4    1 
ATOM   518  P P     . U   A 1 25 ? -7.037  1.102   -15.939 1.00 84.87  ?  23  U   A P     1 
ATOM   519  O OP1   . U   A 1 25 ? -6.745  0.824   -17.370 1.00 79.79  ?  23  U   A OP1   1 
ATOM   520  O OP2   . U   A 1 25 ? -7.001  0.003   -14.925 1.00 79.70  -1 23  U   A OP2   1 
ATOM   521  O "O5'" . U   A 1 25 ? -6.110  2.323   -15.537 1.00 78.86  ?  23  U   A "O5'" 1 
ATOM   522  C "C5'" . U   A 1 25 ? -5.944  3.397   -16.439 1.00 73.72  ?  23  U   A "C5'" 1 
ATOM   523  C "C4'" . U   A 1 25 ? -5.255  4.555   -15.783 1.00 71.56  ?  23  U   A "C4'" 1 
ATOM   524  O "O4'" . U   A 1 25 ? -6.041  4.958   -14.652 1.00 73.73  ?  23  U   A "O4'" 1 
ATOM   525  C "C3'" . U   A 1 25 ? -3.895  4.293   -15.177 1.00 74.52  ?  23  U   A "C3'" 1 
ATOM   526  O "O3'" . U   A 1 25 ? -2.842  4.240   -16.120 1.00 78.82  ?  23  U   A "O3'" 1 
ATOM   527  C "C2'" . U   A 1 25 ? -3.758  5.407   -14.144 1.00 71.12  ?  23  U   A "C2'" 1 
ATOM   528  O "O2'" . U   A 1 25 ? -3.250  6.592   -14.726 1.00 70.03  ?  23  U   A "O2'" 1 
ATOM   529  C "C1'" . U   A 1 25 ? -5.218  5.615   -13.717 1.00 72.57  ?  23  U   A "C1'" 1 
ATOM   530  N N1    . U   A 1 25 ? -5.497  5.037   -12.394 1.00 73.60  ?  23  U   A N1    1 
ATOM   531  C C2    . U   A 1 25 ? -5.117  5.745   -11.273 1.00 72.62  ?  23  U   A C2    1 
ATOM   532  O O2    . U   A 1 25 ? -4.569  6.830   -11.339 1.00 72.22  ?  23  U   A O2    1 
ATOM   533  N N3    . U   A 1 25 ? -5.408  5.127   -10.083 1.00 72.26  ?  23  U   A N3    1 
ATOM   534  C C4    . U   A 1 25 ? -6.030  3.909   -9.924  1.00 72.93  ?  23  U   A C4    1 
ATOM   535  O O4    . U   A 1 25 ? -6.220  3.449   -8.802  1.00 75.80  ?  23  U   A O4    1 
ATOM   536  C C5    . U   A 1 25 ? -6.400  3.266   -11.142 1.00 73.38  ?  23  U   A C5    1 
ATOM   537  C C6    . U   A 1 25 ? -6.136  3.831   -12.320 1.00 72.47  ?  23  U   A C6    1 
ATOM   538  P P     . U   A 1 26 ? -2.115  2.832   -16.388 1.00 79.56  ?  24  U   A P     1 
ATOM   539  O OP1   . U   A 1 26 ? -1.487  2.355   -15.108 1.00 72.60  ?  24  U   A OP1   1 
ATOM   540  O OP2   . U   A 1 26 ? -1.338  3.002   -17.632 1.00 73.25  -1 24  U   A OP2   1 
ATOM   541  O "O5'" . U   A 1 26 ? -3.329  1.885   -16.785 1.00 74.77  ?  24  U   A "O5'" 1 
ATOM   542  C "C5'" . U   A 1 26 ? -3.301  0.496   -16.507 1.00 79.98  ?  24  U   A "C5'" 1 
ATOM   543  C "C4'" . U   A 1 26 ? -3.073  -0.300  -17.768 1.00 79.21  ?  24  U   A "C4'" 1 
ATOM   544  O "O4'" . U   A 1 26 ? -1.776  0.024   -18.318 1.00 78.59  ?  24  U   A "O4'" 1 
ATOM   545  C "C3'" . U   A 1 26 ? -3.039  -1.803  -17.615 1.00 72.18  ?  24  U   A "C3'" 1 
ATOM   546  O "O3'" . U   A 1 26 ? -4.327  -2.354  -17.598 1.00 72.59  ?  24  U   A "O3'" 1 
ATOM   547  C "C2'" . U   A 1 26 ? -2.233  -2.225  -18.821 1.00 74.69  ?  24  U   A "C2'" 1 
ATOM   548  O "O2'" . U   A 1 26 ? -3.020  -2.090  -19.986 1.00 78.17  ?  24  U   A "O2'" 1 
ATOM   549  C "C1'" . U   A 1 26 ? -1.196  -1.121  -18.872 1.00 75.95  ?  24  U   A "C1'" 1 
ATOM   550  N N1    . U   A 1 26 ? -0.029  -1.424  -18.049 1.00 79.55  ?  24  U   A N1    1 
ATOM   551  C C2    . U   A 1 26 ? 0.936   -2.209  -18.631 1.00 81.55  ?  24  U   A C2    1 
ATOM   552  O O2    . U   A 1 26 ? 0.797   -2.644  -19.765 1.00 78.66  ?  24  U   A O2    1 
ATOM   553  N N3    . U   A 1 26 ? 2.024   -2.450  -17.823 1.00 80.37  ?  24  U   A N3    1 
ATOM   554  C C4    . U   A 1 26 ? 2.189   -1.962  -16.541 1.00 77.85  ?  24  U   A C4    1 
ATOM   555  O O4    . U   A 1 26 ? 3.198   -2.229  -15.915 1.00 74.79  ?  24  U   A O4    1 
ATOM   556  C C5    . U   A 1 26 ? 1.126   -1.162  -16.027 1.00 78.64  ?  24  U   A C5    1 
ATOM   557  C C6    . U   A 1 26 ? 0.068   -0.913  -16.785 1.00 76.53  ?  24  U   A C6    1 
ATOM   558  P P     . C   A 1 27 ? -4.589  -3.609  -16.660 1.00 71.31  ?  25  C   A P     1 
ATOM   559  O OP1   . C   A 1 27 ? -6.048  -3.829  -16.479 1.00 66.16  ?  25  C   A OP1   1 
ATOM   560  O OP2   . C   A 1 27 ? -3.620  -3.468  -15.546 1.00 71.93  -1 25  C   A OP2   1 
ATOM   561  O "O5'" . C   A 1 27 ? -4.024  -4.816  -17.511 1.00 74.40  ?  25  C   A "O5'" 1 
ATOM   562  C "C5'" . C   A 1 27 ? -4.510  -5.069  -18.812 1.00 72.72  ?  25  C   A "C5'" 1 
ATOM   563  C "C4'" . C   A 1 27 ? -3.640  -6.055  -19.527 1.00 73.19  ?  25  C   A "C4'" 1 
ATOM   564  O "O4'" . C   A 1 27 ? -2.330  -5.473  -19.740 1.00 77.78  ?  25  C   A "O4'" 1 
ATOM   565  C "C3'" . C   A 1 27 ? -3.348  -7.360  -18.793 1.00 75.64  ?  25  C   A "C3'" 1 
ATOM   566  O "O3'" . C   A 1 27 ? -4.410  -8.305  -18.893 1.00 73.97  ?  25  C   A "O3'" 1 
ATOM   567  C "C2'" . C   A 1 27 ? -2.068  -7.811  -19.473 1.00 76.01  ?  25  C   A "C2'" 1 
ATOM   568  O "O2'" . C   A 1 27 ? -2.378  -8.274  -20.774 1.00 79.23  ?  25  C   A "O2'" 1 
ATOM   569  C "C1'" . C   A 1 27 ? -1.341  -6.480  -19.646 1.00 76.84  ?  25  C   A "C1'" 1 
ATOM   570  N N1    . C   A 1 27 ? -0.462  -6.174  -18.498 1.00 77.91  ?  25  C   A N1    1 
ATOM   571  C C2    . C   A 1 27 ? 0.736   -6.850  -18.364 1.00 80.84  ?  25  C   A C2    1 
ATOM   572  O O2    . C   A 1 27 ? 1.041   -7.687  -19.210 1.00 80.89  ?  25  C   A O2    1 
ATOM   573  N N3    . C   A 1 27 ? 1.548   -6.583  -17.325 1.00 82.55  ?  25  C   A N3    1 
ATOM   574  C C4    . C   A 1 27 ? 1.198   -5.675  -16.439 1.00 79.18  ?  25  C   A C4    1 
ATOM   575  N N4    . C   A 1 27 ? 2.034   -5.458  -15.435 1.00 83.50  ?  25  C   A N4    1 
ATOM   576  C C5    . C   A 1 27 ? -0.010  -4.954  -16.545 1.00 78.41  ?  25  C   A C5    1 
ATOM   577  C C6    . C   A 1 27 ? -0.797  -5.233  -17.579 1.00 78.22  ?  25  C   A C6    1 
ATOM   578  P P     . C   A 1 28 ? -4.665  -9.423  -17.757 1.00 78.24  ?  26  C   A P     1 
ATOM   579  O OP1   . C   A 1 28 ? -5.949  -10.096 -18.052 1.00 66.11  ?  26  C   A OP1   1 
ATOM   580  O OP2   . C   A 1 28 ? -4.385  -8.930  -16.390 1.00 77.78  -1 26  C   A OP2   1 
ATOM   581  O "O5'" . C   A 1 28 ? -3.478  -10.454 -17.988 1.00 78.75  ?  26  C   A "O5'" 1 
ATOM   582  C "C5'" . C   A 1 28 ? -3.527  -11.405 -19.036 1.00 76.72  ?  26  C   A "C5'" 1 
ATOM   583  C "C4'" . C   A 1 28 ? -2.365  -12.351 -18.962 1.00 75.69  ?  26  C   A "C4'" 1 
ATOM   584  O "O4'" . C   A 1 28 ? -1.130  -11.595 -19.009 1.00 77.24  ?  26  C   A "O4'" 1 
ATOM   585  C "C3'" . C   A 1 28 ? -2.269  -13.156 -17.682 1.00 75.08  ?  26  C   A "C3'" 1 
ATOM   586  O "O3'" . C   A 1 28 ? -3.069  -14.311 -17.734 1.00 71.09  ?  26  C   A "O3'" 1 
ATOM   587  C "C2'" . C   A 1 28 ? -0.782  -13.459 -17.575 1.00 77.69  ?  26  C   A "C2'" 1 
ATOM   588  O "O2'" . C   A 1 28 ? -0.448  -14.565 -18.406 1.00 78.37  ?  26  C   A "O2'" 1 
ATOM   589  C "C1'" . C   A 1 28 ? -0.163  -12.192 -18.174 1.00 77.23  ?  26  C   A "C1'" 1 
ATOM   590  N N1    . C   A 1 28 ? 0.259   -11.188 -17.165 1.00 77.92  ?  26  C   A N1    1 
ATOM   591  C C2    . C   A 1 28 ? 1.552   -11.232 -16.649 1.00 77.51  ?  26  C   A C2    1 
ATOM   592  O O2    . C   A 1 28 ? 2.304   -12.132 -17.024 1.00 79.49  ?  26  C   A O2    1 
ATOM   593  N N3    . C   A 1 28 ? 1.940   -10.298 -15.753 1.00 79.49  ?  26  C   A N3    1 
ATOM   594  C C4    . C   A 1 28 ? 1.086   -9.343  -15.383 1.00 81.95  ?  26  C   A C4    1 
ATOM   595  N N4    . C   A 1 28 ? 1.502   -8.442  -14.507 1.00 84.20  ?  26  C   A N4    1 
ATOM   596  C C5    . C   A 1 28 ? -0.239  -9.243  -15.897 1.00 80.64  ?  26  C   A C5    1 
ATOM   597  C C6    . C   A 1 28 ? -0.598  -10.179 -16.785 1.00 80.63  ?  26  C   A C6    1 
ATOM   598  P P     . C   A 1 29 ? -3.515  -15.026 -16.382 1.00 79.11  ?  27  C   A P     1 
ATOM   599  O OP1   . C   A 1 29 ? -4.405  -16.176 -16.701 1.00 76.05  ?  27  C   A OP1   1 
ATOM   600  O OP2   . C   A 1 29 ? -3.998  -13.970 -15.450 1.00 80.42  -1 27  C   A OP2   1 
ATOM   601  O "O5'" . C   A 1 29 ? -2.153  -15.582 -15.796 1.00 76.32  ?  27  C   A "O5'" 1 
ATOM   602  C "C5'" . C   A 1 29 ? -1.541  -16.720 -16.356 1.00 75.30  ?  27  C   A "C5'" 1 
ATOM   603  C "C4'" . C   A 1 29 ? -0.236  -17.022 -15.675 1.00 80.21  ?  27  C   A "C4'" 1 
ATOM   604  O "O4'" . C   A 1 29 ? 0.638   -15.872 -15.735 1.00 82.45  ?  27  C   A "O4'" 1 
ATOM   605  C "C3'" . C   A 1 29 ? -0.319  -17.342 -14.202 1.00 80.01  ?  27  C   A "C3'" 1 
ATOM   606  O "O3'" . C   A 1 29 ? -0.668  -18.689 -13.984 1.00 82.21  ?  27  C   A "O3'" 1 
ATOM   607  C "C2'" . C   A 1 29 ? 1.078   -17.013 -13.708 1.00 83.15  ?  27  C   A "C2'" 1 
ATOM   608  O "O2'" . C   A 1 29 ? 1.957   -18.076 -14.019 1.00 83.01  ?  27  C   A "O2'" 1 
ATOM   609  C "C1'" . C   A 1 29 ? 1.446   -15.823 -14.585 1.00 80.77  ?  27  C   A "C1'" 1 
ATOM   610  N N1    . C   A 1 29 ? 1.215   -14.531 -13.920 1.00 81.80  ?  27  C   A N1    1 
ATOM   611  C C2    . C   A 1 29 ? 2.208   -14.006 -13.106 1.00 84.53  ?  27  C   A C2    1 
ATOM   612  O O2    . C   A 1 29 ? 3.242   -14.680 -12.961 1.00 84.39  ?  27  C   A O2    1 
ATOM   613  N N3    . C   A 1 29 ? 1.990   -12.796 -12.515 1.00 84.99  ?  27  C   A N3    1 
ATOM   614  C C4    . C   A 1 29 ? 0.842   -12.147 -12.735 1.00 81.07  ?  27  C   A C4    1 
ATOM   615  N N4    . C   A 1 29 ? 0.638   -10.977 -12.164 1.00 81.38  ?  27  C   A N4    1 
ATOM   616  C C5    . C   A 1 29 ? -0.180  -12.662 -13.565 1.00 81.18  ?  27  C   A C5    1 
ATOM   617  C C6    . C   A 1 29 ? 0.052   -13.846 -14.134 1.00 83.44  ?  27  C   A C6    1 
ATOM   618  P P     . A   A 1 30 ? -1.429  -19.104 -12.642 1.00 89.82  ?  28  A   A P     1 
ATOM   619  O OP1   . A   A 1 30 ? -1.795  -20.529 -12.724 1.00 89.33  ?  28  A   A OP1   1 
ATOM   620  O OP2   . A   A 1 30 ? -2.491  -18.115 -12.350 1.00 79.02  -1 28  A   A OP2   1 
ATOM   621  O "O5'" . A   A 1 30 ? -0.288  -19.008 -11.546 1.00 87.17  ?  28  A   A "O5'" 1 
ATOM   622  C "C5'" . A   A 1 30 ? 0.884   -19.772 -11.694 1.00 84.01  ?  28  A   A "C5'" 1 
ATOM   623  C "C4'" . A   A 1 30 ? 1.854   -19.471 -10.595 1.00 91.97  ?  28  A   A "C4'" 1 
ATOM   624  O "O4'" . A   A 1 30 ? 2.396   -18.145 -10.782 1.00 92.81  ?  28  A   A "O4'" 1 
ATOM   625  C "C3'" . A   A 1 30 ? 1.268   -19.460 -9.190  1.00 95.97  ?  28  A   A "C3'" 1 
ATOM   626  O "O3'" . A   A 1 30 ? 1.219   -20.774 -8.653  1.00 96.64  ?  28  A   A "O3'" 1 
ATOM   627  C "C2'" . A   A 1 30 ? 2.214   -18.530 -8.446  1.00 98.30  ?  28  A   A "C2'" 1 
ATOM   628  O "O2'" . A   A 1 30 ? 3.407   -19.226 -8.108  1.00 89.78  ?  28  A   A "O2'" 1 
ATOM   629  C "C1'" . A   A 1 30 ? 2.558   -17.511 -9.535  1.00 96.87  ?  28  A   A "C1'" 1 
ATOM   630  N N9    . A   A 1 30 ? 1.712   -16.299 -9.543  1.00 89.65  ?  28  A   A N9    1 
ATOM   631  C C8    . A   A 1 30 ? 0.602   -16.067 -10.302 1.00 86.04  ?  28  A   A C8    1 
ATOM   632  N N7    . A   A 1 30 ? 0.105   -14.867 -10.159 1.00 85.66  ?  28  A   A N7    1 
ATOM   633  C C5    . A   A 1 30 ? 0.959   -14.276 -9.257  1.00 86.66  ?  28  A   A C5    1 
ATOM   634  C C6    . A   A 1 30 ? 0.985   -13.008 -8.686  1.00 86.51  ?  28  A   A C6    1 
ATOM   635  N N6    . A   A 1 30 ? 0.076   -12.101 -8.968  1.00 87.02  ?  28  A   A N6    1 
ATOM   636  N N1    . A   A 1 30 ? 1.961   -12.686 -7.821  1.00 86.74  ?  28  A   A N1    1 
ATOM   637  C C2    . A   A 1 30 ? 2.867   -13.623 -7.560  1.00 88.74  ?  28  A   A C2    1 
ATOM   638  N N3    . A   A 1 30 ? 2.959   -14.860 -8.038  1.00 90.86  ?  28  A   A N3    1 
ATOM   639  C C4    . A   A 1 30 ? 1.959   -15.129 -8.883  1.00 89.11  ?  28  A   A C4    1 
ATOM   640  P P     . C   A 1 31 ? 0.273   -21.176 -7.416  1.00 101.99 ?  29  C   A P     1 
ATOM   641  O OP1   . C   A 1 31 ? 0.745   -22.545 -7.110  1.00 104.79 ?  29  C   A OP1   1 
ATOM   642  O OP2   . C   A 1 31 ? -1.175  -20.870 -7.554  1.00 81.84  -1 29  C   A OP2   1 
ATOM   643  O "O5'" . C   A 1 31 ? 0.821   -20.287 -6.230  1.00 106.43 ?  29  C   A "O5'" 1 
ATOM   644  C "C5'" . C   A 1 31 ? 1.979   -20.654 -5.488  1.00 97.35  ?  29  C   A "C5'" 1 
ATOM   645  C "C4'" . C   A 1 31 ? 2.036   -19.821 -4.244  1.00 99.39  ?  29  C   A "C4'" 1 
ATOM   646  O "O4'" . C   A 1 31 ? 1.925   -18.433 -4.654  1.00 100.45 ?  29  C   A "O4'" 1 
ATOM   647  C "C3'" . C   A 1 31 ? 0.875   -20.063 -3.265  1.00 101.69 ?  29  C   A "C3'" 1 
ATOM   648  O "O3'" . C   A 1 31 ? 1.268   -19.731 -1.940  1.00 105.54 ?  29  C   A "O3'" 1 
ATOM   649  C "C2'" . C   A 1 31 ? -0.129  -19.005 -3.665  1.00 96.82  ?  29  C   A "C2'" 1 
ATOM   650  O "O2'" . C   A 1 31 ? -0.989  -18.651 -2.608  1.00 95.57  ?  29  C   A "O2'" 1 
ATOM   651  C "C1'" . C   A 1 31 ? 0.799   -17.849 -4.029  1.00 99.75  ?  29  C   A "C1'" 1 
ATOM   652  N N1    . C   A 1 31 ? 0.196   -16.857 -4.921  1.00 99.93  ?  29  C   A N1    1 
ATOM   653  C C2    . C   A 1 31 ? 0.382   -15.522 -4.568  1.00 98.14  ?  29  C   A C2    1 
ATOM   654  O O2    . C   A 1 31 ? 1.074   -15.291 -3.569  1.00 97.59  ?  29  C   A O2    1 
ATOM   655  N N3    . C   A 1 31 ? -0.174  -14.541 -5.316  1.00 96.68  ?  29  C   A N3    1 
ATOM   656  C C4    . C   A 1 31 ? -0.903  -14.880 -6.372  1.00 95.11  ?  29  C   A C4    1 
ATOM   657  N N4    . C   A 1 31 ? -1.432  -13.900 -7.086  1.00 92.80  ?  29  C   A N4    1 
ATOM   658  C C5    . C   A 1 31 ? -1.118  -16.240 -6.751  1.00 99.31  ?  29  C   A C5    1 
ATOM   659  C C6    . C   A 1 31 ? -0.559  -17.202 -6.001  1.00 99.27  ?  29  C   A C6    1 
ATOM   660  P P     . U   A 1 32 ? 2.116   -20.728 -1.026  1.00 108.25 ?  30  U   A P     1 
ATOM   661  O OP1   . U   A 1 32 ? 3.072   -21.542 -1.843  1.00 92.95  ?  30  U   A OP1   1 
ATOM   662  O OP2   . U   A 1 32 ? 1.075   -21.273 -0.094  1.00 99.97  -1 30  U   A OP2   1 
ATOM   663  O "O5'" . U   A 1 32 ? 3.078   -19.736 -0.232  1.00 105.69 ?  30  U   A "O5'" 1 
ATOM   664  C "C5'" . U   A 1 32 ? 4.094   -19.007 -0.907  1.00 97.77  ?  30  U   A "C5'" 1 
ATOM   665  C "C4'" . U   A 1 32 ? 4.075   -17.554 -0.502  1.00 99.34  ?  30  U   A "C4'" 1 
ATOM   666  O "O4'" . U   A 1 32 ? 2.865   -16.922 -0.985  1.00 102.19 ?  30  U   A "O4'" 1 
ATOM   667  C "C3'" . U   A 1 32 ? 4.048   -17.269 0.989   1.00 101.19 ?  30  U   A "C3'" 1 
ATOM   668  O "O3'" . U   A 1 32 ? 5.323   -17.372 1.594   1.00 101.55 ?  30  U   A "O3'" 1 
ATOM   669  C "C2'" . U   A 1 32 ? 3.480   -15.861 1.044   1.00 96.87  ?  30  U   A "C2'" 1 
ATOM   670  O "O2'" . U   A 1 32 ? 4.476   -14.918 0.705   1.00 98.56  ?  30  U   A "O2'" 1 
ATOM   671  C "C1'" . U   A 1 32 ? 2.482   -15.891 -0.103  1.00 96.35  ?  30  U   A "C1'" 1 
ATOM   672  N N1    . U   A 1 32 ? 1.130   -16.139 0.396   1.00 94.85  ?  30  U   A N1    1 
ATOM   673  C C2    . U   A 1 32 ? 0.522   -14.996 0.843   1.00 99.48  ?  30  U   A C2    1 
ATOM   674  O O2    . U   A 1 32 ? 1.064   -13.904 0.798   1.00 99.74  ?  30  U   A O2    1 
ATOM   675  N N3    . U   A 1 32 ? -0.741  -15.159 1.334   1.00 99.43  ?  30  U   A N3    1 
ATOM   676  C C4    . U   A 1 32 ? -1.419  -16.354 1.420   1.00 98.38  ?  30  U   A C4    1 
ATOM   677  O O4    . U   A 1 32 ? -2.559  -16.325 1.893   1.00 99.37  ?  30  U   A O4    1 
ATOM   678  C C5    . U   A 1 32 ? -0.700  -17.504 0.930   1.00 99.94  ?  30  U   A C5    1 
ATOM   679  C C6    . U   A 1 32 ? 0.539   -17.369 0.446   1.00 98.21  ?  30  U   A C6    1 
ATOM   680  P P     . G   A 1 33 ? 5.446   -17.878 3.113   1.00 102.31 ?  31  G   A P     1 
ATOM   681  O OP1   . G   A 1 33 ? 6.826   -18.431 3.169   1.00 85.83  -1 31  G   A OP1   1 
ATOM   682  O OP2   . G   A 1 33 ? 4.199   -18.605 3.520   1.00 97.12  ?  31  G   A OP2   1 
ATOM   683  O "O5'" . G   A 1 33 ? 5.327   -16.562 4.000   1.00 95.17  ?  31  G   A "O5'" 1 
ATOM   684  C "C5'" . G   A 1 33 ? 4.742   -16.628 5.291   1.00 89.59  ?  31  G   A "C5'" 1 
ATOM   685  C "C4'" . G   A 1 33 ? 4.641   -15.267 5.916   1.00 85.51  ?  31  G   A "C4'" 1 
ATOM   686  O "O4'" . G   A 1 33 ? 5.878   -14.553 5.733   1.00 87.99  ?  31  G   A "O4'" 1 
ATOM   687  C "C3'" . G   A 1 33 ? 3.608   -14.362 5.305   1.00 85.74  ?  31  G   A "C3'" 1 
ATOM   688  O "O3'" . G   A 1 33 ? 2.342   -14.621 5.845   1.00 91.75  ?  31  G   A "O3'" 1 
ATOM   689  C "C2'" . G   A 1 33 ? 4.115   -12.971 5.636   1.00 85.16  ?  31  G   A "C2'" 1 
ATOM   690  O "O2'" . G   A 1 33 ? 3.730   -12.609 6.954   1.00 83.99  ?  31  G   A "O2'" 1 
ATOM   691  C "C1'" . G   A 1 33 ? 5.622   -13.176 5.628   1.00 85.63  ?  31  G   A "C1'" 1 
ATOM   692  N N9    . G   A 1 33 ? 6.318   -12.652 4.443   1.00 87.27  ?  31  G   A N9    1 
ATOM   693  C C8    . G   A 1 33 ? 7.056   -13.415 3.583   1.00 89.22  ?  31  G   A C8    1 
ATOM   694  N N7    . G   A 1 33 ? 7.640   -12.717 2.651   1.00 90.82  ?  31  G   A N7    1 
ATOM   695  C C5    . G   A 1 33 ? 7.284   -11.404 2.915   1.00 87.97  ?  31  G   A C5    1 
ATOM   696  C C6    . G   A 1 33 ? 7.627   -10.205 2.234   1.00 86.63  ?  31  G   A C6    1 
ATOM   697  O O6    . G   A 1 33 ? 8.323   -10.030 1.223   1.00 86.81  ?  31  G   A O6    1 
ATOM   698  N N1    . G   A 1 33 ? 7.061   -9.105  2.853   1.00 86.35  ?  31  G   A N1    1 
ATOM   699  C C2    . G   A 1 33 ? 6.266   -9.127  3.969   1.00 85.50  ?  31  G   A C2    1 
ATOM   700  N N2    . G   A 1 33 ? 5.823   -7.917  4.387   1.00 88.72  ?  31  G   A N2    1 
ATOM   701  N N3    . G   A 1 33 ? 5.938   -10.240 4.610   1.00 85.02  ?  31  G   A N3    1 
ATOM   702  C C4    . G   A 1 33 ? 6.478   -11.340 4.036   1.00 87.25  ?  31  G   A C4    1 
ATOM   703  P P     . A   A 1 34 ? 1.165   -15.006 4.846   1.00 101.29 ?  32  A   A P     1 
ATOM   704  O OP1   . A   A 1 34 ? -0.019  -15.365 5.691   1.00 87.64  ?  32  A   A OP1   1 
ATOM   705  O OP2   . A   A 1 34 ? 1.803   -15.967 3.865   1.00 94.97  -1 32  A   A OP2   1 
ATOM   706  O "O5'" . A   A 1 34 ? 0.819   -13.610 4.150   1.00 91.46  ?  32  A   A "O5'" 1 
ATOM   707  C "C5'" . A   A 1 34 ? 0.085   -12.647 4.880   1.00 90.55  ?  32  A   A "C5'" 1 
ATOM   708  C "C4'" . A   A 1 34 ? 0.277   -11.242 4.371   1.00 90.33  ?  32  A   A "C4'" 1 
ATOM   709  O "O4'" . A   A 1 34 ? 1.679   -10.897 4.373   1.00 86.86  ?  32  A   A "O4'" 1 
ATOM   710  C "C3'" . A   A 1 34 ? -0.160  -10.965 2.949   1.00 93.57  ?  32  A   A "C3'" 1 
ATOM   711  O "O3'" . A   A 1 34 ? -1.558  -10.782 2.807   1.00 95.42  ?  32  A   A "O3'" 1 
ATOM   712  C "C2'" . A   A 1 34 ? 0.641   -9.720  2.608   1.00 93.12  ?  32  A   A "C2'" 1 
ATOM   713  O "O2'" . A   A 1 34 ? 0.077   -8.563  3.201   1.00 88.24  ?  32  A   A "O2'" 1 
ATOM   714  C "C1'" . A   A 1 34 ? 1.956   -10.026 3.304   1.00 86.73  ?  32  A   A "C1'" 1 
ATOM   715  N N9    . A   A 1 34 ? 2.836   -10.725 2.381   1.00 85.63  ?  32  A   A N9    1 
ATOM   716  C C8    . A   A 1 34 ? 2.950   -12.066 2.162   1.00 89.21  ?  32  A   A C8    1 
ATOM   717  N N7    . A   A 1 34 ? 3.837   -12.341 1.235   1.00 90.09  ?  32  A   A N7    1 
ATOM   718  C C5    . A   A 1 34 ? 4.318   -11.099 0.825   1.00 88.84  ?  32  A   A C5    1 
ATOM   719  C C6    . A   A 1 34 ? 5.275   -10.684 -0.125  1.00 85.77  ?  32  A   A C6    1 
ATOM   720  N N6    . A   A 1 34 ? 5.976   -11.500 -0.892  1.00 88.94  ?  32  A   A N6    1 
ATOM   721  N N1    . A   A 1 34 ? 5.511   -9.367  -0.278  1.00 87.26  ?  32  A   A N1    1 
ATOM   722  C C2    . A   A 1 34 ? 4.807   -8.516  0.493   1.00 91.66  ?  32  A   A C2    1 
ATOM   723  N N3    . A   A 1 34 ? 3.876   -8.771  1.421   1.00 90.00  ?  32  A   A N3    1 
ATOM   724  C C4    . A   A 1 34 ? 3.685   -10.096 1.530   1.00 88.75  ?  32  A   A C4    1 
ATOM   725  P P     . U   A 1 35 ? -2.446  -11.857 2.006   1.00 101.30 ?  33  U   A P     1 
ATOM   726  O OP1   . U   A 1 35 ? -3.815  -11.282 1.988   1.00 91.37  ?  33  U   A OP1   1 
ATOM   727  O OP2   . U   A 1 35 ? -2.220  -13.221 2.554   1.00 99.21  -1 33  U   A OP2   1 
ATOM   728  O "O5'" . U   A 1 35 ? -1.785  -11.951 0.555   1.00 96.03  ?  33  U   A "O5'" 1 
ATOM   729  C "C5'" . U   A 1 35 ? -1.344  -10.792 -0.139  1.00 95.09  ?  33  U   A "C5'" 1 
ATOM   730  C "C4'" . U   A 1 35 ? -2.191  -10.502 -1.347  1.00 95.57  ?  33  U   A "C4'" 1 
ATOM   731  O "O4'" . U   A 1 35 ? -2.025  -11.564 -2.322  1.00 95.93  ?  33  U   A "O4'" 1 
ATOM   732  C "C3'" . U   A 1 35 ? -3.692  -10.370 -1.090  1.00 92.16  ?  33  U   A "C3'" 1 
ATOM   733  O "O3'" . U   A 1 35 ? -4.213  -9.296  -1.867  1.00 86.77  ?  33  U   A "O3'" 1 
ATOM   734  C "C2'" . U   A 1 35 ? -4.241  -11.705 -1.584  1.00 93.37  ?  33  U   A "C2'" 1 
ATOM   735  O "O2'" . U   A 1 35 ? -5.578  -11.665 -2.020  1.00 96.35  ?  33  U   A "O2'" 1 
ATOM   736  C "C1'" . U   A 1 35 ? -3.291  -12.028 -2.729  1.00 94.54  ?  33  U   A "C1'" 1 
ATOM   737  N N1    . U   A 1 35 ? -3.172  -13.453 -3.003  1.00 94.35  ?  33  U   A N1    1 
ATOM   738  C C2    . U   A 1 35 ? -3.891  -13.967 -4.044  1.00 96.45  ?  33  U   A C2    1 
ATOM   739  O O2    . U   A 1 35 ? -4.617  -13.293 -4.736  1.00 97.66  ?  33  U   A O2    1 
ATOM   740  N N3    . U   A 1 35 ? -3.742  -15.310 -4.245  1.00 99.56  ?  33  U   A N3    1 
ATOM   741  C C4    . U   A 1 35 ? -2.957  -16.158 -3.513  1.00 95.71  ?  33  U   A C4    1 
ATOM   742  O O4    . U   A 1 35 ? -2.929  -17.341 -3.801  1.00 98.96  ?  33  U   A O4    1 
ATOM   743  C C5    . U   A 1 35 ? -2.237  -15.541 -2.457  1.00 97.63  ?  33  U   A C5    1 
ATOM   744  C C6    . U   A 1 35 ? -2.366  -14.232 -2.236  1.00 97.31  ?  33  U   A C6    1 
ATOM   745  P P     . G   A 1 36 ? -4.120  -7.789  -1.304  1.00 98.00  ?  34  G   A P     1 
ATOM   746  O OP1   . G   A 1 36 ? -5.086  -7.676  -0.172  1.00 88.00  ?  34  G   A OP1   1 
ATOM   747  O OP2   . G   A 1 36 ? -4.230  -6.839  -2.434  1.00 96.03  -1 34  G   A OP2   1 
ATOM   748  O "O5'" . G   A 1 36 ? -2.601  -7.635  -0.814  1.00 97.02  ?  34  G   A "O5'" 1 
ATOM   749  C "C5'" . G   A 1 36 ? -2.188  -6.561  0.023   1.00 95.91  ?  34  G   A "C5'" 1 
ATOM   750  C "C4'" . G   A 1 36 ? -0.689  -6.481  0.118   1.00 91.65  ?  34  G   A "C4'" 1 
ATOM   751  O "O4'" . G   A 1 36 ? -0.142  -7.783  -0.210  1.00 92.92  ?  34  G   A "O4'" 1 
ATOM   752  C "C3'" . G   A 1 36 ? -0.024  -5.518  -0.860  1.00 93.16  ?  34  G   A "C3'" 1 
ATOM   753  O "O3'" . G   A 1 36 ? 0.103   -4.216  -0.340  1.00 87.28  ?  34  G   A "O3'" 1 
ATOM   754  C "C2'" . G   A 1 36 ? 1.313   -6.182  -1.154  1.00 100.52 ?  34  G   A "C2'" 1 
ATOM   755  O "O2'" . G   A 1 36 ? 2.242   -5.945  -0.095  1.00 98.99  ?  34  G   A "O2'" 1 
ATOM   756  C "C1'" . G   A 1 36 ? 0.915   -7.650  -1.135  1.00 96.66  ?  34  G   A "C1'" 1 
ATOM   757  N N9    . G   A 1 36 ? 0.374   -8.122  -2.427  1.00 98.02  ?  34  G   A N9    1 
ATOM   758  C C8    . G   A 1 36 ? -0.405  -7.509  -3.388  1.00 97.23  ?  34  G   A C8    1 
ATOM   759  N N7    . G   A 1 36 ? -0.722  -8.320  -4.375  1.00 93.06  ?  34  G   A N7    1 
ATOM   760  C C5    . G   A 1 36 ? -0.150  -9.531  -4.029  1.00 90.75  ?  34  G   A C5    1 
ATOM   761  C C6    . G   A 1 36 ? -0.141  -10.791 -4.666  1.00 90.87  ?  34  G   A C6    1 
ATOM   762  O O6    . G   A 1 36 ? -0.657  -11.158 -5.714  1.00 91.58  ?  34  G   A O6    1 
ATOM   763  N N1    . G   A 1 36 ? 0.570   -11.717 -3.944  1.00 91.65  ?  34  G   A N1    1 
ATOM   764  C C2    . G   A 1 36 ? 1.189   -11.466 -2.759  1.00 92.62  ?  34  G   A C2    1 
ATOM   765  N N2    . G   A 1 36 ? 1.822   -12.481 -2.191  1.00 95.79  ?  34  G   A N2    1 
ATOM   766  N N3    . G   A 1 36 ? 1.199   -10.317 -2.144  1.00 94.61  ?  34  G   A N3    1 
ATOM   767  C C4    . G   A 1 36 ? 0.514   -9.409  -2.838  1.00 94.90  ?  34  G   A C4    1 
ATOM   768  P P     . A   A 1 37 ? -1.151  -3.237  -0.438  1.00 101.11 ?  35  A   A P     1 
ATOM   769  O OP1   . A   A 1 37 ? -2.128  -3.851  -1.363  1.00 104.33 ?  35  A   A OP1   1 
ATOM   770  O OP2   . A   A 1 37 ? -0.593  -1.891  -0.663  1.00 99.39  -1 35  A   A OP2   1 
ATOM   771  O "O5'" . A   A 1 37 ? -1.802  -3.285  1.005   1.00 90.66  ?  35  A   A "O5'" 1 
ATOM   772  C "C5'" . A   A 1 37 ? -0.938  -3.298  2.125   1.00 92.59  ?  35  A   A "C5'" 1 
ATOM   773  C "C4'" . A   A 1 37 ? -1.604  -2.754  3.351   1.00 89.93  ?  35  A   A "C4'" 1 
ATOM   774  O "O4'" . A   A 1 37 ? -0.618  -2.642  4.402   1.00 90.96  ?  35  A   A "O4'" 1 
ATOM   775  C "C3'" . A   A 1 37 ? -2.215  -1.384  3.171   1.00 87.51  ?  35  A   A "C3'" 1 
ATOM   776  O "O3'" . A   A 1 37 ? -3.499  -1.349  3.766   1.00 93.39  ?  35  A   A "O3'" 1 
ATOM   777  C "C2'" . A   A 1 37 ? -1.251  -0.432  3.877   1.00 87.04  ?  35  A   A "C2'" 1 
ATOM   778  O "O2'" . A   A 1 37 ? -1.873  0.644   4.548   1.00 87.02  ?  35  A   A "O2'" 1 
ATOM   779  C "C1'" . A   A 1 37 ? -0.539  -1.321  4.881   1.00 90.49  ?  35  A   A "C1'" 1 
ATOM   780  N N9    . A   A 1 37 ? 0.878   -0.982  4.948   1.00 86.94  ?  35  A   A N9    1 
ATOM   781  C C8    . A   A 1 37 ? 1.827   -1.405  4.066   1.00 83.78  ?  35  A   A C8    1 
ATOM   782  N N7    . A   A 1 37 ? 3.020   -0.942  4.351   1.00 86.92  ?  35  A   A N7    1 
ATOM   783  C C5    . A   A 1 37 ? 2.835   -0.129  5.474   1.00 87.74  ?  35  A   A C5    1 
ATOM   784  C C6    . A   A 1 37 ? 3.715   0.658   6.267   1.00 87.55  ?  35  A   A C6    1 
ATOM   785  N N6    . A   A 1 37 ? 5.042   0.787   6.073   1.00 86.41  ?  35  A   A N6    1 
ATOM   786  N N1    . A   A 1 37 ? 3.176   1.315   7.308   1.00 83.93  ?  35  A   A N1    1 
ATOM   787  C C2    . A   A 1 37 ? 1.873   1.177   7.536   1.00 81.50  ?  35  A   A C2    1 
ATOM   788  N N3    . A   A 1 37 ? 0.960   0.477   6.884   1.00 81.93  ?  35  A   A N3    1 
ATOM   789  C C4    . A   A 1 37 ? 1.508   -0.158  5.850   1.00 84.64  ?  35  A   A C4    1 
ATOM   790  P P     . G   A 1 38 ? -4.725  -0.839  2.847   1.00 99.25  ?  36  G   A P     1 
ATOM   791  O OP1   . G   A 1 38 ? -6.045  -0.976  3.509   1.00 88.19  ?  36  G   A OP1   1 
ATOM   792  O OP2   . G   A 1 38 ? -4.455  -1.262  1.430   1.00 86.27  -1 36  G   A OP2   1 
ATOM   793  O "O5'" . G   A 1 38 ? -4.521  0.717   2.846   1.00 82.34  ?  36  G   A "O5'" 1 
ATOM   794  C "C5'" . G   A 1 38 ? -4.046  1.271   1.664   1.00 79.20  ?  36  G   A "C5'" 1 
ATOM   795  C "C4'" . G   A 1 38 ? -3.331  2.523   1.926   1.00 73.66  ?  36  G   A "C4'" 1 
ATOM   796  O "O4'" . G   A 1 38 ? -2.053  2.208   2.525   1.00 79.15  ?  36  G   A "O4'" 1 
ATOM   797  C "C3'" . G   A 1 38 ? -3.043  3.220   0.620   1.00 77.40  ?  36  G   A "C3'" 1 
ATOM   798  O "O3'" . G   A 1 38 ? -3.134  4.616   0.796   1.00 78.99  ?  36  G   A "O3'" 1 
ATOM   799  C "C2'" . G   A 1 38 ? -1.623  2.815   0.315   1.00 77.97  ?  36  G   A "C2'" 1 
ATOM   800  O "O2'" . G   A 1 38 ? -0.926  3.726   -0.521  1.00 77.16  ?  36  G   A "O2'" 1 
ATOM   801  C "C1'" . G   A 1 38 ? -1.031  2.725   1.717   1.00 81.92  ?  36  G   A "C1'" 1 
ATOM   802  N N9    . G   A 1 38 ? 0.185   1.914   1.709   1.00 83.62  ?  36  G   A N9    1 
ATOM   803  C C8    . G   A 1 38 ? 0.358   0.907   0.810   1.00 82.83  ?  36  G   A C8    1 
ATOM   804  N N7    . G   A 1 38 ? 1.549   0.412   0.832   1.00 84.52  ?  36  G   A N7    1 
ATOM   805  C C5    . G   A 1 38 ? 2.231   1.169   1.764   1.00 84.64  ?  36  G   A C5    1 
ATOM   806  C C6    . G   A 1 38 ? 3.590   1.073   2.186   1.00 85.51  ?  36  G   A C6    1 
ATOM   807  O O6    . G   A 1 38 ? 4.481   0.290   1.829   1.00 78.88  ?  36  G   A O6    1 
ATOM   808  N N1    . G   A 1 38 ? 3.871   2.029   3.146   1.00 86.89  ?  36  G   A N1    1 
ATOM   809  C C2    . G   A 1 38 ? 2.979   2.945   3.629   1.00 85.49  ?  36  G   A C2    1 
ATOM   810  N N2    . G   A 1 38 ? 3.499   3.759   4.549   1.00 87.19  ?  36  G   A N2    1 
ATOM   811  N N3    . G   A 1 38 ? 1.719   3.054   3.237   1.00 83.87  ?  36  G   A N3    1 
ATOM   812  C C4    . G   A 1 38 ? 1.410   2.132   2.302   1.00 82.73  ?  36  G   A C4    1 
ATOM   813  P P     . A   A 1 39 ? -4.379  5.379   0.175   1.00 74.20  ?  37  A   A P     1 
ATOM   814  O OP1   . A   A 1 39 ? -3.787  6.723   -0.167  1.00 66.32  -1 37  A   A OP1   1 
ATOM   815  O OP2   . A   A 1 39 ? -5.543  5.121   1.093   1.00 71.21  ?  37  A   A OP2   1 
ATOM   816  O "O5'" . A   A 1 39 ? -4.720  4.562   -1.154  1.00 70.56  ?  37  A   A "O5'" 1 
ATOM   817  C "C5'" . A   A 1 39 ? -3.903  4.691   -2.313  1.00 70.99  ?  37  A   A "C5'" 1 
ATOM   818  C "C4'" . A   A 1 39 ? -4.698  4.537   -3.583  1.00 71.32  ?  37  A   A "C4'" 1 
ATOM   819  O "O4'" . A   A 1 39 ? -5.533  5.703   -3.771  1.00 72.95  ?  37  A   A "O4'" 1 
ATOM   820  C "C3'" . A   A 1 39 ? -3.887  4.444   -4.875  1.00 71.54  ?  37  A   A "C3'" 1 
ATOM   821  O "O3'" . A   A 1 39 ? -3.537  3.112   -5.153  1.00 75.80  ?  37  A   A "O3'" 1 
ATOM   822  C "C2'" . A   A 1 39 ? -4.874  4.927   -5.903  1.00 69.53  ?  37  A   A "C2'" 1 
ATOM   823  O "O2'" . A   A 1 39 ? -5.808  3.891   -6.130  1.00 68.41  ?  37  A   A "O2'" 1 
ATOM   824  C "C1'" . A   A 1 39 ? -5.586  6.030   -5.137  1.00 71.44  ?  37  A   A "C1'" 1 
ATOM   825  N N9    . A   A 1 39 ? -4.918  7.316   -5.315  1.00 67.69  ?  37  A   A N9    1 
ATOM   826  C C8    . A   A 1 39 ? -4.414  8.117   -4.341  1.00 67.88  ?  37  A   A C8    1 
ATOM   827  N N7    . A   A 1 39 ? -3.875  9.205   -4.832  1.00 69.13  ?  37  A   A N7    1 
ATOM   828  C C5    . A   A 1 39 ? -4.055  9.101   -6.199  1.00 67.45  ?  37  A   A C5    1 
ATOM   829  C C6    . A   A 1 39 ? -3.699  9.928   -7.272  1.00 68.93  ?  37  A   A C6    1 
ATOM   830  N N6    . A   A 1 39 ? -3.065  11.076  -7.095  1.00 71.43  ?  37  A   A N6    1 
ATOM   831  N N1    . A   A 1 39 ? -3.996  9.552   -8.533  1.00 67.06  ?  37  A   A N1    1 
ATOM   832  C C2    . A   A 1 39 ? -4.628  8.388   -8.672  1.00 69.70  ?  37  A   A C2    1 
ATOM   833  N N3    . A   A 1 39 ? -5.020  7.517   -7.736  1.00 71.38  ?  37  A   A N3    1 
ATOM   834  C C4    . A   A 1 39 ? -4.694  7.936   -6.508  1.00 68.65  ?  37  A   A C4    1 
ATOM   835  P P     . C   A 1 40 ? -2.041  2.622   -5.420  1.00 75.80  ?  38  C   A P     1 
ATOM   836  O OP1   . C   A 1 40 ? -2.458  1.205   -5.279  1.00 67.24  ?  38  C   A OP1   1 
ATOM   837  O OP2   . C   A 1 40 ? -0.945  3.205   -4.596  1.00 68.05  -1 38  C   A OP2   1 
ATOM   838  O "O5'" . C   A 1 40 ? -1.733  3.062   -6.915  1.00 71.15  ?  38  C   A "O5'" 1 
ATOM   839  C "C5'" . C   A 1 40 ? -2.626  2.772   -7.972  1.00 68.51  ?  38  C   A "C5'" 1 
ATOM   840  C "C4'" . C   A 1 40 ? -2.251  3.577   -9.181  1.00 69.64  ?  38  C   A "C4'" 1 
ATOM   841  O "O4'" . C   A 1 40 ? -2.778  4.896   -8.995  1.00 73.12  ?  38  C   A "O4'" 1 
ATOM   842  C "C3'" . C   A 1 40 ? -0.758  3.816   -9.393  1.00 72.68  ?  38  C   A "C3'" 1 
ATOM   843  O "O3'" . C   A 1 40 ? -0.131  2.786   -10.115 1.00 80.40  ?  38  C   A "O3'" 1 
ATOM   844  C "C2'" . C   A 1 40 ? -0.734  5.111   -10.173 1.00 72.61  ?  38  C   A "C2'" 1 
ATOM   845  O "O2'" . C   A 1 40 ? -1.043  4.873   -11.538 1.00 75.06  ?  38  C   A "O2'" 1 
ATOM   846  C "C1'" . C   A 1 40 ? -1.903  5.849   -9.555  1.00 72.12  ?  38  C   A "C1'" 1 
ATOM   847  N N1    . C   A 1 40 ? -1.495  6.789   -8.502  1.00 70.51  ?  38  C   A N1    1 
ATOM   848  C C2    . C   A 1 40 ? -0.883  7.975   -8.913  1.00 72.33  ?  38  C   A C2    1 
ATOM   849  O O2    . C   A 1 40 ? -0.652  8.172   -10.119 1.00 70.79  ?  38  C   A O2    1 
ATOM   850  N N3    . C   A 1 40 ? -0.539  8.874   -7.978  1.00 71.98  ?  38  C   A N3    1 
ATOM   851  C C4    . C   A 1 40 ? -0.802  8.597   -6.707  1.00 70.35  ?  38  C   A C4    1 
ATOM   852  N N4    . C   A 1 40 ? -0.441  9.525   -5.835  1.00 73.15  ?  38  C   A N4    1 
ATOM   853  C C5    . C   A 1 40 ? -1.434  7.398   -6.267  1.00 68.75  ?  38  C   A C5    1 
ATOM   854  C C6    . C   A 1 40 ? -1.784  6.517   -7.198  1.00 68.96  ?  38  C   A C6    1 
ATOM   855  P P     . U   A 1 41 ? 1.216   2.086   -9.596  1.00 76.51  ?  39  U   A P     1 
ATOM   856  O OP1   . U   A 1 41 ? 1.077   0.805   -10.346 1.00 69.26  ?  39  U   A OP1   1 
ATOM   857  O OP2   . U   A 1 41 ? 1.259   2.080   -8.111  1.00 76.71  -1 39  U   A OP2   1 
ATOM   858  O "O5'" . U   A 1 41 ? 2.404   3.011   -10.135 1.00 67.08  ?  39  U   A "O5'" 1 
ATOM   859  C "C5'" . U   A 1 41 ? 2.611   3.171   -11.525 1.00 69.54  ?  39  U   A "C5'" 1 
ATOM   860  C "C4'" . U   A 1 41 ? 3.561   4.303   -11.825 1.00 76.13  ?  39  U   A "C4'" 1 
ATOM   861  O "O4'" . U   A 1 41 ? 2.879   5.561   -11.621 1.00 83.90  ?  39  U   A "O4'" 1 
ATOM   862  C "C3'" . U   A 1 41 ? 4.808   4.426   -10.954 1.00 83.93  ?  39  U   A "C3'" 1 
ATOM   863  O "O3'" . U   A 1 41 ? 5.864   3.553   -11.328 1.00 87.76  ?  39  U   A "O3'" 1 
ATOM   864  C "C2'" . U   A 1 41 ? 5.172   5.894   -11.119 1.00 82.99  ?  39  U   A "C2'" 1 
ATOM   865  O "O2'" . U   A 1 41 ? 5.800   6.114   -12.373 1.00 80.70  ?  39  U   A "O2'" 1 
ATOM   866  C "C1'" . U   A 1 41 ? 3.791   6.535   -11.152 1.00 80.92  ?  39  U   A "C1'" 1 
ATOM   867  N N1    . U   A 1 41 ? 3.366   6.955   -9.803  1.00 78.97  ?  39  U   A N1    1 
ATOM   868  C C2    . U   A 1 41 ? 3.790   8.204   -9.405  1.00 82.48  ?  39  U   A C2    1 
ATOM   869  O O2    . U   A 1 41 ? 4.473   8.918   -10.124 1.00 86.22  ?  39  U   A O2    1 
ATOM   870  N N3    . U   A 1 41 ? 3.383   8.584   -8.149  1.00 81.01  ?  39  U   A N3    1 
ATOM   871  C C4    . U   A 1 41 ? 2.612   7.829   -7.278  1.00 82.40  ?  39  U   A C4    1 
ATOM   872  O O4    . U   A 1 41 ? 2.330   8.298   -6.167  1.00 79.34  ?  39  U   A O4    1 
ATOM   873  C C5    . U   A 1 41 ? 2.212   6.532   -7.776  1.00 81.42  ?  39  U   A C5    1 
ATOM   874  C C6    . U   A 1 41 ? 2.595   6.145   -8.997  1.00 78.96  ?  39  U   A C6    1 
ATOM   875  P P     . G   A 1 42 ? 6.808   2.837   -10.236 1.00 84.31  ?  40  G   A P     1 
ATOM   876  O OP1   . G   A 1 42 ? 7.646   2.015   -11.127 1.00 87.65  ?  40  G   A OP1   1 
ATOM   877  O OP2   . G   A 1 42 ? 6.072   2.215   -9.104  1.00 81.79  -1 40  G   A OP2   1 
ATOM   878  O "O5'" . G   A 1 42 ? 7.721   3.998   -9.644  1.00 84.56  ?  40  G   A "O5'" 1 
ATOM   879  C "C5'" . G   A 1 42 ? 8.763   4.543   -10.429 1.00 82.98  ?  40  G   A "C5'" 1 
ATOM   880  C "C4'" . G   A 1 42 ? 9.397   5.705   -9.728  1.00 88.52  ?  40  G   A "C4'" 1 
ATOM   881  O "O4'" . G   A 1 42 ? 8.446   6.803   -9.681  1.00 93.18  ?  40  G   A "O4'" 1 
ATOM   882  C "C3'" . G   A 1 42 ? 9.747   5.494   -8.267  1.00 93.32  ?  40  G   A "C3'" 1 
ATOM   883  O "O3'" . G   A 1 42 ? 10.917  4.747   -8.029  1.00 89.77  ?  40  G   A "O3'" 1 
ATOM   884  C "C2'" . G   A 1 42 ? 9.827   6.921   -7.754  1.00 95.10  ?  40  G   A "C2'" 1 
ATOM   885  O "O2'" . G   A 1 42 ? 11.050  7.535   -8.146  1.00 96.10  ?  40  G   A "O2'" 1 
ATOM   886  C "C1'" . G   A 1 42 ? 8.649   7.557   -8.496  1.00 91.63  ?  40  G   A "C1'" 1 
ATOM   887  N N9    . G   A 1 42 ? 7.455   7.471   -7.636  1.00 90.36  ?  40  G   A N9    1 
ATOM   888  C C8    . G   A 1 42 ? 6.426   6.552   -7.588  1.00 89.94  ?  40  G   A C8    1 
ATOM   889  N N7    . G   A 1 42 ? 5.575   6.793   -6.602  1.00 88.23  ?  40  G   A N7    1 
ATOM   890  C C5    . G   A 1 42 ? 6.095   7.918   -5.956  1.00 89.04  ?  40  G   A C5    1 
ATOM   891  C C6    . G   A 1 42 ? 5.643   8.658   -4.825  1.00 89.54  ?  40  G   A C6    1 
ATOM   892  O O6    . G   A 1 42 ? 4.631   8.459   -4.129  1.00 87.92  ?  40  G   A O6    1 
ATOM   893  N N1    . G   A 1 42 ? 6.510   9.723   -4.532  1.00 90.57  ?  40  G   A N1    1 
ATOM   894  C C2    . G   A 1 42 ? 7.658   10.045  -5.235  1.00 90.89  ?  40  G   A C2    1 
ATOM   895  N N2    . G   A 1 42 ? 8.386   11.097  -4.824  1.00 92.56  ?  40  G   A N2    1 
ATOM   896  N N3    . G   A 1 42 ? 8.077   9.368   -6.284  1.00 91.44  ?  40  G   A N3    1 
ATOM   897  C C4    . G   A 1 42 ? 7.260   8.331   -6.581  1.00 91.23  ?  40  G   A C4    1 
ATOM   898  P P     . G   A 1 43 ? 11.066  3.937   -6.642  1.00 94.13  ?  41  G   A P     1 
ATOM   899  O OP1   . G   A 1 43 ? 12.416  3.381   -6.856  1.00 92.54  ?  41  G   A OP1   1 
ATOM   900  O OP2   . G   A 1 43 ? 9.915   3.022   -6.364  1.00 85.63  -1 41  G   A OP2   1 
ATOM   901  O "O5'" . G   A 1 43 ? 11.090  5.044   -5.473  1.00 90.09  ?  41  G   A "O5'" 1 
ATOM   902  C "C5'" . G   A 1 43 ? 12.153  5.984   -5.368  1.00 87.88  ?  41  G   A "C5'" 1 
ATOM   903  C "C4'" . G   A 1 43 ? 11.891  7.043   -4.326  1.00 89.94  ?  41  G   A "C4'" 1 
ATOM   904  O "O4'" . G   A 1 43 ? 10.602  7.662   -4.558  1.00 97.10  ?  41  G   A "O4'" 1 
ATOM   905  C "C3'" . G   A 1 43 ? 11.788  6.584   -2.880  1.00 95.51  ?  41  G   A "C3'" 1 
ATOM   906  O "O3'" . G   A 1 43 ? 13.019  6.318   -2.260  1.00 98.82  ?  41  G   A "O3'" 1 
ATOM   907  C "C2'" . G   A 1 43 ? 11.056  7.738   -2.226  1.00 96.85  ?  41  G   A "C2'" 1 
ATOM   908  O "O2'" . G   A 1 43 ? 11.942  8.832   -2.029  1.00 97.89  ?  41  G   A "O2'" 1 
ATOM   909  C "C1'" . G   A 1 43 ? 10.052  8.095   -3.318  1.00 95.70  ?  41  G   A "C1'" 1 
ATOM   910  N N9    . G   A 1 43 ? 8.767   7.417   -3.080  1.00 88.01  ?  41  G   A N9    1 
ATOM   911  C C8    . G   A 1 43 ? 8.279   6.310   -3.716  1.00 88.81  ?  41  G   A C8    1 
ATOM   912  N N7    . G   A 1 43 ? 7.110   5.952   -3.263  1.00 87.77  ?  41  G   A N7    1 
ATOM   913  C C5    . G   A 1 43 ? 6.818   6.866   -2.258  1.00 88.19  ?  41  G   A C5    1 
ATOM   914  C C6    . G   A 1 43 ? 5.671   6.985   -1.412  1.00 88.50  ?  41  G   A C6    1 
ATOM   915  O O6    . G   A 1 43 ? 4.652   6.279   -1.360  1.00 82.61  ?  41  G   A O6    1 
ATOM   916  N N1    . G   A 1 43 ? 5.790   8.060   -0.541  1.00 88.17  ?  41  G   A N1    1 
ATOM   917  C C2    . G   A 1 43 ? 6.868   8.904   -0.504  1.00 90.39  ?  41  G   A C2    1 
ATOM   918  N N2    . G   A 1 43 ? 6.777   9.872   0.409   1.00 88.12  ?  41  G   A N2    1 
ATOM   919  N N3    . G   A 1 43 ? 7.940   8.818   -1.289  1.00 90.74  ?  41  G   A N3    1 
ATOM   920  C C4    . G   A 1 43 ? 7.844   7.776   -2.134  1.00 87.81  ?  41  G   A C4    1 
ATOM   921  P P     . A   A 1 44 ? 13.176  4.952   -1.438  1.00 98.21  ?  42  A   A P     1 
ATOM   922  O OP1   . A   A 1 44 ? 14.532  4.525   -1.847  1.00 84.36  ?  42  A   A OP1   1 
ATOM   923  O OP2   . A   A 1 44 ? 11.955  4.105   -1.656  1.00 98.26  -1 42  A   A OP2   1 
ATOM   924  O "O5'" . A   A 1 44 ? 13.080  5.358   0.104   1.00 92.42  ?  42  A   A "O5'" 1 
ATOM   925  C "C5'" . A   A 1 44 ? 13.589  6.591   0.577   1.00 91.57  ?  42  A   A "C5'" 1 
ATOM   926  C "C4'" . A   A 1 44 ? 12.652  7.220   1.573   1.00 96.56  ?  42  A   A "C4'" 1 
ATOM   927  O "O4'" . A   A 1 44 ? 11.426  7.631   0.906   1.00 95.83  ?  42  A   A "O4'" 1 
ATOM   928  C "C3'" . A   A 1 44 ? 12.172  6.340   2.726   1.00 96.30  ?  42  A   A "C3'" 1 
ATOM   929  O "O3'" . A   A 1 44 ? 13.111  6.236   3.786   1.00 96.76  ?  42  A   A "O3'" 1 
ATOM   930  C "C2'" . A   A 1 44 ? 10.889  7.036   3.154   1.00 91.81  ?  42  A   A "C2'" 1 
ATOM   931  O "O2'" . A   A 1 44 ? 11.192  8.137   3.996   1.00 90.13  ?  42  A   A "O2'" 1 
ATOM   932  C "C1'" . A   A 1 44 ? 10.336  7.531   1.802   1.00 95.17  ?  42  A   A "C1'" 1 
ATOM   933  N N9    . A   A 1 44 ? 9.388   6.537   1.278   1.00 94.22  ?  42  A   A N9    1 
ATOM   934  C C8    . A   A 1 44 ? 9.627   5.541   0.359   1.00 92.40  ?  42  A   A C8    1 
ATOM   935  N N7    . A   A 1 44 ? 8.589   4.765   0.156   1.00 90.54  ?  42  A   A N7    1 
ATOM   936  C C5    . A   A 1 44 ? 7.624   5.272   1.007   1.00 90.11  ?  42  A   A C5    1 
ATOM   937  C C6    . A   A 1 44 ? 6.303   4.884   1.265   1.00 91.35  ?  42  A   A C6    1 
ATOM   938  N N6    . A   A 1 44 ? 5.743   3.846   0.645   1.00 90.59  ?  42  A   A N6    1 
ATOM   939  N N1    . A   A 1 44 ? 5.588   5.601   2.178   1.00 90.21  ?  42  A   A N1    1 
ATOM   940  C C2    . A   A 1 44 ? 6.186   6.631   2.790   1.00 87.74  ?  42  A   A C2    1 
ATOM   941  N N3    . A   A 1 44 ? 7.426   7.093   2.626   1.00 88.01  ?  42  A   A N3    1 
ATOM   942  C C4    . A   A 1 44 ? 8.098   6.360   1.716   1.00 91.35  ?  42  A   A C4    1 
ATOM   943  P P     . C   A 1 45 ? 13.362  4.837   4.544   1.00 101.74 ?  43  C   A P     1 
ATOM   944  O OP1   . C   A 1 45 ? 14.643  4.999   5.267   1.00 101.67 ?  43  C   A OP1   1 
ATOM   945  O OP2   . C   A 1 45 ? 13.169  3.725   3.580   1.00 93.12  -1 43  C   A OP2   1 
ATOM   946  O "O5'" . C   A 1 45 ? 12.231  4.756   5.663   1.00 90.73  ?  43  C   A "O5'" 1 
ATOM   947  C "C5'" . C   A 1 45 ? 11.850  5.912   6.377   1.00 87.14  ?  43  C   A "C5'" 1 
ATOM   948  C "C4'" . C   A 1 45 ? 10.423  5.793   6.816   1.00 89.18  ?  43  C   A "C4'" 1 
ATOM   949  O "O4'" . C   A 1 45 ? 9.546   5.819   5.675   1.00 85.03  ?  43  C   A "O4'" 1 
ATOM   950  C "C3'" . C   A 1 45 ? 10.085  4.492   7.505   1.00 89.07  ?  43  C   A "C3'" 1 
ATOM   951  O "O3'" . C   A 1 45 ? 10.399  4.535   8.872   1.00 92.80  ?  43  C   A "O3'" 1 
ATOM   952  C "C2'" . C   A 1 45 ? 8.594   4.343   7.283   1.00 82.24  ?  43  C   A "C2'" 1 
ATOM   953  O "O2'" . C   A 1 45 ? 7.895   4.983   8.325   1.00 75.46  ?  43  C   A "O2'" 1 
ATOM   954  C "C1'" . C   A 1 45 ? 8.381   5.079   5.957   1.00 84.38  ?  43  C   A "C1'" 1 
ATOM   955  N N1    . C   A 1 45 ? 8.156   4.134   4.848   1.00 88.40  ?  43  C   A N1    1 
ATOM   956  C C2    . C   A 1 45 ? 6.907   3.496   4.724   1.00 87.66  ?  43  C   A C2    1 
ATOM   957  O O2    . C   A 1 45 ? 5.993   3.741   5.538   1.00 84.66  ?  43  C   A O2    1 
ATOM   958  N N3    . C   A 1 45 ? 6.733   2.619   3.701   1.00 87.98  ?  43  C   A N3    1 
ATOM   959  C C4    . C   A 1 45 ? 7.731   2.385   2.848   1.00 85.13  ?  43  C   A C4    1 
ATOM   960  N N4    . C   A 1 45 ? 7.509   1.520   1.866   1.00 88.50  ?  43  C   A N4    1 
ATOM   961  C C5    . C   A 1 45 ? 8.997   3.023   2.961   1.00 85.09  ?  43  C   A C5    1 
ATOM   962  C C6    . C   A 1 45 ? 9.172   3.886   3.967   1.00 86.84  ?  43  C   A C6    1 
ATOM   963  P P     . G   A 1 46 ? 10.887  3.202   9.588   1.00 93.34  ?  44  G   A P     1 
ATOM   964  O OP1   . G   A 1 46 ? 10.919  3.432   11.062  1.00 93.49  -1 44  G   A OP1   1 
ATOM   965  O OP2   . G   A 1 46 ? 12.016  2.773   8.718   1.00 84.77  ?  44  G   A OP2   1 
ATOM   966  O "O5'" . G   A 1 46 ? 9.683   2.184   9.418   1.00 86.89  ?  44  G   A "O5'" 1 
ATOM   967  C "C5'" . G   A 1 46 ? 8.563   2.233   10.283  1.00 78.68  ?  44  G   A "C5'" 1 
ATOM   968  C "C4'" . G   A 1 46 ? 7.512   1.329   9.739   1.00 77.57  ?  44  G   A "C4'" 1 
ATOM   969  O "O4'" . G   A 1 46 ? 7.629   1.344   8.293   1.00 83.44  ?  44  G   A "O4'" 1 
ATOM   970  C "C3'" . G   A 1 46 ? 7.628   -0.122  10.163  1.00 73.46  ?  44  G   A "C3'" 1 
ATOM   971  O "O3'" . G   A 1 46 ? 6.335   -0.634  10.334  1.00 75.49  ?  44  G   A "O3'" 1 
ATOM   972  C "C2'" . G   A 1 46 ? 8.275   -0.809  8.954   1.00 82.85  ?  44  G   A "C2'" 1 
ATOM   973  O "O2'" . G   A 1 46 ? 7.910   -2.169  8.764   1.00 80.93  ?  44  G   A "O2'" 1 
ATOM   974  C "C1'" . G   A 1 46 ? 7.761   0.025   7.801   1.00 83.90  ?  44  G   A "C1'" 1 
ATOM   975  N N9    . G   A 1 46 ? 8.656   -0.001  6.638   1.00 82.28  ?  44  G   A N9    1 
ATOM   976  C C8    . G   A 1 46 ? 9.953   0.434   6.510   1.00 79.83  ?  44  G   A C8    1 
ATOM   977  N N7    . G   A 1 46 ? 10.433  0.238   5.306   1.00 79.95  ?  44  G   A N7    1 
ATOM   978  C C5    . G   A 1 46 ? 9.403   -0.386  4.608   1.00 82.67  ?  44  G   A C5    1 
ATOM   979  C C6    . G   A 1 46 ? 9.310   -0.851  3.267   1.00 80.55  ?  44  G   A C6    1 
ATOM   980  O O6    . G   A 1 46 ? 10.173  -0.805  2.397   1.00 79.78  ?  44  G   A O6    1 
ATOM   981  N N1    . G   A 1 46 ? 8.072   -1.402  2.966   1.00 77.01  ?  44  G   A N1    1 
ATOM   982  C C2    . G   A 1 46 ? 7.046   -1.490  3.873   1.00 81.49  ?  44  G   A C2    1 
ATOM   983  N N2    . G   A 1 46 ? 5.910   -2.047  3.460   1.00 81.22  ?  44  G   A N2    1 
ATOM   984  N N3    . G   A 1 46 ? 7.100   -1.066  5.121   1.00 83.17  ?  44  G   A N3    1 
ATOM   985  C C4    . G   A 1 46 ? 8.302   -0.530  5.420   1.00 83.94  ?  44  G   A C4    1 
ATOM   986  P P     . A   A 1 47 ? 5.890   -1.100  11.785  1.00 86.61  ?  45  A   A P     1 
ATOM   987  O OP1   . A   A 1 47 ? 6.134   0.140   12.576  1.00 88.45  ?  45  A   A OP1   1 
ATOM   988  O OP2   . A   A 1 47 ? 6.505   -2.422  12.053  1.00 79.97  -1 45  A   A OP2   1 
ATOM   989  O "O5'" . A   A 1 47 ? 4.330   -1.468  11.688  1.00 85.55  ?  45  A   A "O5'" 1 
ATOM   990  C "C5'" . A   A 1 47 ? 3.305   -0.643  12.225  1.00 81.08  ?  45  A   A "C5'" 1 
ATOM   991  C "C4'" . A   A 1 47 ? 1.980   -0.934  11.562  1.00 81.97  ?  45  A   A "C4'" 1 
ATOM   992  O "O4'" . A   A 1 47 ? 2.066   -0.631  10.154  1.00 82.48  ?  45  A   A "O4'" 1 
ATOM   993  C "C3'" . A   A 1 47 ? 1.541   -2.383  11.618  1.00 83.34  ?  45  A   A "C3'" 1 
ATOM   994  O "O3'" . A   A 1 47 ? 0.820   -2.655  12.789  1.00 86.95  ?  45  A   A "O3'" 1 
ATOM   995  C "C2'" . A   A 1 47 ? 0.714   -2.580  10.354  1.00 83.86  ?  45  A   A "C2'" 1 
ATOM   996  O "O2'" . A   A 1 47 ? -0.652  -2.240  10.557  1.00 85.14  ?  45  A   A "O2'" 1 
ATOM   997  C "C1'" . A   A 1 47 ? 1.347   -1.578  9.399   1.00 83.87  ?  45  A   A "C1'" 1 
ATOM   998  N N9    . A   A 1 47 ? 2.283   -2.194  8.457   1.00 82.09  ?  45  A   A N9    1 
ATOM   999  C C8    . A   A 1 47 ? 3.609   -1.892  8.331   1.00 84.89  ?  45  A   A C8    1 
ATOM   1000 N N7    . A   A 1 47 ? 4.240   -2.548  7.387   1.00 87.00  ?  45  A   A N7    1 
ATOM   1001 C C5    . A   A 1 47 ? 3.235   -3.321  6.846   1.00 84.29  ?  45  A   A C5    1 
ATOM   1002 C C6    . A   A 1 47 ? 3.273   -4.232  5.790   1.00 83.15  ?  45  A   A C6    1 
ATOM   1003 N N6    . A   A 1 47 ? 4.385   -4.528  5.101   1.00 87.14  ?  45  A   A N6    1 
ATOM   1004 N N1    . A   A 1 47 ? 2.111   -4.839  5.496   1.00 82.34  ?  45  A   A N1    1 
ATOM   1005 C C2    . A   A 1 47 ? 1.012   -4.531  6.215   1.00 86.19  ?  45  A   A C2    1 
ATOM   1006 N N3    . A   A 1 47 ? 0.845   -3.684  7.230   1.00 85.92  ?  45  A   A N3    1 
ATOM   1007 C C4    . A   A 1 47 ? 2.023   -3.110  7.491   1.00 83.86  ?  45  A   A C4    1 
ATOM   1008 P P     . A   A 1 48 ? 1.356   -3.801  13.753  1.00 92.27  ?  46  A   A P     1 
ATOM   1009 O OP1   . A   A 1 48 ? 0.905   -3.612  15.162  1.00 90.74  ?  46  A   A OP1   1 
ATOM   1010 O OP2   . A   A 1 48 ? 2.820   -3.722  13.458  1.00 92.50  -1 46  A   A OP2   1 
ATOM   1011 O "O5'" . A   A 1 48 ? 0.675   -5.122  13.168  1.00 80.32  ?  46  A   A "O5'" 1 
ATOM   1012 C "C5'" . A   A 1 48 ? -0.718  -5.188  12.920  1.00 77.82  ?  46  A   A "C5'" 1 
ATOM   1013 C "C4'" . A   A 1 48 ? -1.009  -6.122  11.783  1.00 80.20  ?  46  A   A "C4'" 1 
ATOM   1014 O "O4'" . A   A 1 48 ? -0.410  -5.581  10.588  1.00 83.58  ?  46  A   A "O4'" 1 
ATOM   1015 C "C3'" . A   A 1 48 ? -0.382  -7.494  11.921  1.00 88.26  ?  46  A   A "C3'" 1 
ATOM   1016 O "O3'" . A   A 1 48 ? -1.159  -8.389  12.692  1.00 88.06  ?  46  A   A "O3'" 1 
ATOM   1017 C "C2'" . A   A 1 48 ? -0.181  -7.944  10.479  1.00 87.79  ?  46  A   A "C2'" 1 
ATOM   1018 O "O2'" . A   A 1 48 ? -1.382  -8.491  9.964   1.00 87.11  ?  46  A   A "O2'" 1 
ATOM   1019 C "C1'" . A   A 1 48 ? 0.082   -6.622  9.773   1.00 83.99  ?  46  A   A "C1'" 1 
ATOM   1020 N N9    . A   A 1 48 ? 1.493   -6.347  9.487   1.00 83.10  ?  46  A   A N9    1 
ATOM   1021 C C8    . A   A 1 48 ? 2.311   -5.469  10.141  1.00 85.41  ?  46  A   A C8    1 
ATOM   1022 N N7    . A   A 1 48 ? 3.517   -5.370  9.635   1.00 85.38  ?  46  A   A N7    1 
ATOM   1023 C C5    . A   A 1 48 ? 3.480   -6.230  8.548   1.00 82.50  ?  46  A   A C5    1 
ATOM   1024 C C6    . A   A 1 48 ? 4.445   -6.572  7.578   1.00 80.59  ?  46  A   A C6    1 
ATOM   1025 N N6    . A   A 1 48 ? 5.679   -6.069  7.528   1.00 81.28  ?  46  A   A N6    1 
ATOM   1026 N N1    . A   A 1 48 ? 4.081   -7.459  6.635   1.00 79.38  ?  46  A   A N1    1 
ATOM   1027 C C2    . A   A 1 48 ? 2.834   -7.957  6.672   1.00 82.76  ?  46  A   A C2    1 
ATOM   1028 N N3    . A   A 1 48 ? 1.833   -7.715  7.528   1.00 83.48  ?  46  A   A N3    1 
ATOM   1029 C C4    . A   A 1 48 ? 2.231   -6.830  8.450   1.00 83.31  ?  46  A   A C4    1 
ATOM   1030 P P     . A   A 1 49 ? -0.408  -9.513  13.565  1.00 92.73  ?  47  A   A P     1 
ATOM   1031 O OP1   . A   A 1 49 ? -1.402  -10.398 14.230  1.00 85.14  ?  47  A   A OP1   1 
ATOM   1032 O OP2   . A   A 1 49 ? 0.634   -8.802  14.354  1.00 88.72  -1 47  A   A OP2   1 
ATOM   1033 O "O5'" . A   A 1 49 ? 0.304   -10.428 12.474  1.00 86.31  ?  47  A   A "O5'" 1 
ATOM   1034 C "C5'" . A   A 1 49 ? -0.440  -11.406 11.771  1.00 81.88  ?  47  A   A "C5'" 1 
ATOM   1035 C "C4'" . A   A 1 49 ? 0.346   -11.921 10.606  1.00 82.39  ?  47  A   A "C4'" 1 
ATOM   1036 O "O4'" . A   A 1 49 ? 0.869   -10.803 9.863   1.00 86.64  ?  47  A   A "O4'" 1 
ATOM   1037 C "C3'" . A   A 1 49 ? 1.579   -12.719 10.947  1.00 82.40  ?  47  A   A "C3'" 1 
ATOM   1038 O "O3'" . A   A 1 49 ? 1.276   -14.048 11.258  1.00 84.62  ?  47  A   A "O3'" 1 
ATOM   1039 C "C2'" . A   A 1 49 ? 2.429   -12.567 9.702   1.00 80.63  ?  47  A   A "C2'" 1 
ATOM   1040 O "O2'" . A   A 1 49 ? 1.929   -13.388 8.654   1.00 80.46  ?  47  A   A "O2'" 1 
ATOM   1041 C "C1'" . A   A 1 49 ? 2.129   -11.130 9.330   1.00 81.44  ?  47  A   A "C1'" 1 
ATOM   1042 N N9    . A   A 1 49 ? 3.082   -10.168 9.873   1.00 80.81  ?  47  A   A N9    1 
ATOM   1043 C C8    . A   A 1 49 ? 2.896   -9.284  10.903  1.00 82.97  ?  47  A   A C8    1 
ATOM   1044 N N7    . A   A 1 49 ? 3.925   -8.500  11.097  1.00 82.28  ?  47  A   A N7    1 
ATOM   1045 C C5    . A   A 1 49 ? 4.813   -8.899  10.105  1.00 79.09  ?  47  A   A C5    1 
ATOM   1046 C C6    . A   A 1 49 ? 6.097   -8.464  9.748   1.00 77.76  ?  47  A   A C6    1 
ATOM   1047 N N6    . A   A 1 49 ? 6.741   -7.493  10.397  1.00 76.80  ?  47  A   A N6    1 
ATOM   1048 N N1    . A   A 1 49 ? 6.700   -9.071  8.702   1.00 74.25  ?  47  A   A N1    1 
ATOM   1049 C C2    . A   A 1 49 ? 6.040   -10.046 8.063   1.00 76.48  ?  47  A   A C2    1 
ATOM   1050 N N3    . A   A 1 49 ? 4.835   -10.550 8.295   1.00 75.71  ?  47  A   A N3    1 
ATOM   1051 C C4    . A   A 1 49 ? 4.293   -9.920  9.341   1.00 78.17  ?  47  A   A C4    1 
ATOM   1052 P P     . G   A 1 50 ? 2.038   -14.712 12.479  1.00 87.12  ?  48  G   A P     1 
ATOM   1053 O OP1   . G   A 1 50 ? 1.163   -15.844 12.873  1.00 82.25  ?  48  G   A OP1   1 
ATOM   1054 O OP2   . G   A 1 50 ? 2.403   -13.620 13.441  1.00 82.52  -1 48  G   A OP2   1 
ATOM   1055 O "O5'" . G   A 1 50 ? 3.384   -15.240 11.811  1.00 77.74  ?  48  G   A "O5'" 1 
ATOM   1056 C "C5'" . G   A 1 50 ? 3.335   -16.155 10.741  1.00 75.20  ?  48  G   A "C5'" 1 
ATOM   1057 C "C4'" . G   A 1 50 ? 4.591   -16.086 9.925   1.00 79.36  ?  48  G   A "C4'" 1 
ATOM   1058 O "O4'" . G   A 1 50 ? 4.721   -14.772 9.345   1.00 80.18  ?  48  G   A "O4'" 1 
ATOM   1059 C "C3'" . G   A 1 50 ? 5.903   -16.265 10.663  1.00 80.88  ?  48  G   A "C3'" 1 
ATOM   1060 O "O3'" . G   A 1 50 ? 6.215   -17.608 10.952  1.00 86.70  ?  48  G   A "O3'" 1 
ATOM   1061 C "C2'" . G   A 1 50 ? 6.878   -15.635 9.695   1.00 78.65  ?  48  G   A "C2'" 1 
ATOM   1062 O "O2'" . G   A 1 50 ? 7.022   -16.460 8.554   1.00 79.96  ?  48  G   A "O2'" 1 
ATOM   1063 C "C1'" . G   A 1 50 ? 6.088   -14.423 9.273   1.00 77.34  ?  48  G   A "C1'" 1 
ATOM   1064 N N9    . G   A 1 50 ? 6.318   -13.322 10.203  1.00 76.71  ?  48  G   A N9    1 
ATOM   1065 C C8    . G   A 1 50 ? 5.521   -12.929 11.252  1.00 79.97  ?  48  G   A C8    1 
ATOM   1066 N N7    . G   A 1 50 ? 6.006   -11.890 11.872  1.00 79.86  ?  48  G   A N7    1 
ATOM   1067 C C5    . G   A 1 50 ? 7.186   -11.619 11.179  1.00 73.03  ?  48  G   A C5    1 
ATOM   1068 C C6    . G   A 1 50 ? 8.136   -10.603 11.394  1.00 72.99  ?  48  G   A C6    1 
ATOM   1069 O O6    . G   A 1 50 ? 8.096   -9.734  12.274  1.00 80.09  ?  48  G   A O6    1 
ATOM   1070 N N1    . G   A 1 50 ? 9.166   -10.646 10.476  1.00 70.13  ?  48  G   A N1    1 
ATOM   1071 C C2    . G   A 1 50 ? 9.262   -11.591 9.467   1.00 77.16  ?  48  G   A C2    1 
ATOM   1072 N N2    . G   A 1 50 ? 10.346  -11.499 8.665   1.00 72.45  ?  48  G   A N2    1 
ATOM   1073 N N3    . G   A 1 50 ? 8.371   -12.558 9.250   1.00 74.93  ?  48  G   A N3    1 
ATOM   1074 C C4    . G   A 1 50 ? 7.382   -12.493 10.151  1.00 72.27  ?  48  G   A C4    1 
ATOM   1075 P P     . A   A 1 51 ? 6.869   -17.988 12.362  1.00 89.68  ?  49  A   A P     1 
ATOM   1076 O OP1   . A   A 1 51 ? 6.786   -19.468 12.421  1.00 81.65  ?  49  A   A OP1   1 
ATOM   1077 O OP2   . A   A 1 51 ? 6.313   -17.096 13.432  1.00 79.86  -1 49  A   A OP2   1 
ATOM   1078 O "O5'" . A   A 1 51 ? 8.410   -17.692 12.142  1.00 79.90  ?  49  A   A "O5'" 1 
ATOM   1079 C "C5'" . A   A 1 51 ? 9.109   -18.412 11.157  1.00 75.53  ?  49  A   A "C5'" 1 
ATOM   1080 C "C4'" . A   A 1 51 ? 10.323  -17.657 10.709  1.00 79.90  ?  49  A   A "C4'" 1 
ATOM   1081 O "O4'" . A   A 1 51 ? 9.935   -16.317 10.327  1.00 82.48  ?  49  A   A "O4'" 1 
ATOM   1082 C "C3'" . A   A 1 51 ? 11.402  -17.421 11.751  1.00 82.56  ?  49  A   A "C3'" 1 
ATOM   1083 O "O3'" . A   A 1 51 ? 12.223  -18.539 11.991  1.00 82.53  ?  49  A   A "O3'" 1 
ATOM   1084 C "C2'" . A   A 1 51 ? 12.153  -16.237 11.170  1.00 82.19  ?  49  A   A "C2'" 1 
ATOM   1085 O "O2'" . A   A 1 51 ? 12.994  -16.640 10.090  1.00 76.33  ?  49  A   A "O2'" 1 
ATOM   1086 C "C1'" . A   A 1 51 ? 10.988  -15.415 10.620  1.00 79.75  ?  49  A   A "C1'" 1 
ATOM   1087 N N9    . A   A 1 51 ? 10.505  -14.457 11.623  1.00 72.25  ?  49  A   A N9    1 
ATOM   1088 C C8    . A   A 1 51 ? 9.363   -14.545 12.367  1.00 76.35  ?  49  A   A C8    1 
ATOM   1089 N N7    . A   A 1 51 ? 9.206   -13.520 13.171  1.00 76.94  ?  49  A   A N7    1 
ATOM   1090 C C5    . A   A 1 51 ? 10.325  -12.736 12.943  1.00 71.74  ?  49  A   A C5    1 
ATOM   1091 C C6    . A   A 1 51 ? 10.752  -11.527 13.485  1.00 69.80  ?  49  A   A C6    1 
ATOM   1092 N N6    . A   A 1 51 ? 10.079  -10.891 14.423  1.00 71.44  ?  49  A   A N6    1 
ATOM   1093 N N1    . A   A 1 51 ? 11.896  -10.986 13.049  1.00 70.13  ?  49  A   A N1    1 
ATOM   1094 C C2    . A   A 1 51 ? 12.566  -11.658 12.115  1.00 71.94  ?  49  A   A C2    1 
ATOM   1095 N N3    . A   A 1 51 ? 12.270  -12.807 11.522  1.00 70.71  ?  49  A   A N3    1 
ATOM   1096 C C4    . A   A 1 51 ? 11.127  -13.302 11.991  1.00 71.11  ?  49  A   A C4    1 
ATOM   1097 P P     . C   A 1 52 ? 12.571  -18.942 13.498  1.00 84.70  ?  50  C   A P     1 
ATOM   1098 O OP1   . C   A 1 52 ? 13.085  -20.321 13.330  1.00 86.75  ?  50  C   A OP1   1 
ATOM   1099 O OP2   . C   A 1 52 ? 11.432  -18.710 14.436  1.00 82.03  -1 50  C   A OP2   1 
ATOM   1100 O "O5'" . C   A 1 52 ? 13.693  -17.884 13.915  1.00 82.36  ?  50  C   A "O5'" 1 
ATOM   1101 C "C5'" . C   A 1 52 ? 14.927  -17.803 13.223  1.00 77.33  ?  50  C   A "C5'" 1 
ATOM   1102 C "C4'" . C   A 1 52 ? 15.673  -16.534 13.555  1.00 81.45  ?  50  C   A "C4'" 1 
ATOM   1103 O "O4'" . C   A 1 52 ? 14.863  -15.402 13.159  1.00 82.47  ?  50  C   A "O4'" 1 
ATOM   1104 C "C3'" . C   A 1 52 ? 15.983  -16.240 15.025  1.00 81.69  ?  50  C   A "C3'" 1 
ATOM   1105 O "O3'" . C   A 1 52 ? 17.093  -16.931 15.568  1.00 79.61  ?  50  C   A "O3'" 1 
ATOM   1106 C "C2'" . C   A 1 52 ? 16.205  -14.743 14.995  1.00 81.64  ?  50  C   A "C2'" 1 
ATOM   1107 O "O2'" . C   A 1 52 ? 17.463  -14.444 14.400  1.00 84.98  ?  50  C   A "O2'" 1 
ATOM   1108 C "C1'" . C   A 1 52 ? 15.103  -14.318 14.034  1.00 78.97  ?  50  C   A "C1'" 1 
ATOM   1109 N N1    . C   A 1 52 ? 13.872  -14.027 14.778  1.00 73.26  ?  50  C   A N1    1 
ATOM   1110 C C2    . C   A 1 52 ? 13.813  -12.749 15.340  1.00 74.73  ?  50  C   A C2    1 
ATOM   1111 O O2    . C   A 1 52 ? 14.752  -11.961 15.170  1.00 75.23  ?  50  C   A O2    1 
ATOM   1112 N N3    . C   A 1 52 ? 12.738  -12.382 16.059  1.00 72.89  ?  50  C   A N3    1 
ATOM   1113 C C4    . C   A 1 52 ? 11.762  -13.264 16.211  1.00 71.27  ?  50  C   A C4    1 
ATOM   1114 N N4    . C   A 1 52 ? 10.744  -12.832 16.933  1.00 70.05  ?  50  C   A N4    1 
ATOM   1115 C C5    . C   A 1 52 ? 11.794  -14.589 15.654  1.00 75.29  ?  50  C   A C5    1 
ATOM   1116 C C6    . C   A 1 52 ? 12.876  -14.943 14.944  1.00 74.78  ?  50  C   A C6    1 
ATOM   1117 P P     . A   A 1 53 ? 17.137  -17.235 17.152  1.00 85.53  ?  51  A   A P     1 
ATOM   1118 O OP1   . A   A 1 53 ? 18.182  -18.278 17.273  1.00 86.82  ?  51  A   A OP1   1 
ATOM   1119 O OP2   . A   A 1 53 ? 15.791  -17.483 17.715  1.00 84.86  -1 51  A   A OP2   1 
ATOM   1120 O "O5'" . A   A 1 53 ? 17.606  -15.867 17.829  1.00 77.37  ?  51  A   A "O5'" 1 
ATOM   1121 C "C5'" . A   A 1 53 ? 18.796  -15.245 17.395  1.00 76.00  ?  51  A   A "C5'" 1 
ATOM   1122 C "C4'" . A   A 1 53 ? 19.010  -13.921 18.056  1.00 71.59  ?  51  A   A "C4'" 1 
ATOM   1123 O "O4'" . A   A 1 53 ? 17.988  -13.006 17.606  1.00 78.75  ?  51  A   A "O4'" 1 
ATOM   1124 C "C3'" . A   A 1 53 ? 18.890  -13.870 19.568  1.00 72.99  ?  51  A   A "C3'" 1 
ATOM   1125 O "O3'" . A   A 1 53 ? 20.036  -14.348 20.260  1.00 76.65  ?  51  A   A "O3'" 1 
ATOM   1126 C "C2'" . A   A 1 53 ? 18.648  -12.389 19.791  1.00 75.02  ?  51  A   A "C2'" 1 
ATOM   1127 O "O2'" . A   A 1 53 ? 19.849  -11.662 19.587  1.00 75.88  ?  51  A   A "O2'" 1 
ATOM   1128 C "C1'" . A   A 1 53 ? 17.714  -12.069 18.625  1.00 77.19  ?  51  A   A "C1'" 1 
ATOM   1129 N N9    . A   A 1 53 ? 16.299  -12.156 19.034  1.00 73.98  ?  51  A   A N9    1 
ATOM   1130 C C8    . A   A 1 53 ? 15.377  -13.142 18.806  1.00 74.08  ?  51  A   A C8    1 
ATOM   1131 N N7    . A   A 1 53 ? 14.212  -12.904 19.358  1.00 71.73  ?  51  A   A N7    1 
ATOM   1132 C C5    . A   A 1 53 ? 14.383  -11.677 19.986  1.00 73.28  ?  51  A   A C5    1 
ATOM   1133 C C6    . A   A 1 53 ? 13.520  -10.866 20.739  1.00 73.78  ?  51  A   A C6    1 
ATOM   1134 N N6    . A   A 1 53 ? 12.252  -11.190 20.991  1.00 70.29  ?  51  A   A N6    1 
ATOM   1135 N N1    . A   A 1 53 ? 14.007  -9.713  21.235  1.00 72.48  ?  51  A   A N1    1 
ATOM   1136 C C2    . A   A 1 53 ? 15.275  -9.390  20.980  1.00 72.51  ?  51  A   A C2    1 
ATOM   1137 N N3    . A   A 1 53 ? 16.178  -10.046 20.274  1.00 72.47  ?  51  A   A N3    1 
ATOM   1138 C C4    . A   A 1 53 ? 15.663  -11.205 19.804  1.00 73.73  ?  51  A   A C4    1 
ATOM   1139 P P     . U   A 1 54 ? 19.914  -15.258 21.598  1.00 77.45  ?  52  U   A P     1 
ATOM   1140 O OP1   . U   A 1 54 ? 21.181  -16.013 21.479  1.00 77.71  ?  52  U   A OP1   1 
ATOM   1141 O OP2   . U   A 1 54 ? 18.628  -15.980 21.805  1.00 69.10  -1 52  U   A OP2   1 
ATOM   1142 O "O5'" . U   A 1 54 ? 20.030  -14.245 22.821  1.00 69.83  ?  52  U   A "O5'" 1 
ATOM   1143 C "C5'" . U   A 1 54 ? 20.986  -13.212 22.796  1.00 68.46  ?  52  U   A "C5'" 1 
ATOM   1144 C "C4'" . U   A 1 54 ? 20.485  -12.018 23.539  1.00 73.50  ?  52  U   A "C4'" 1 
ATOM   1145 O "O4'" . U   A 1 54 ? 19.414  -11.377 22.795  1.00 75.15  ?  52  U   A "O4'" 1 
ATOM   1146 C "C3'" . U   A 1 54 ? 19.876  -12.272 24.902  1.00 71.52  ?  52  U   A "C3'" 1 
ATOM   1147 O "O3'" . U   A 1 54 ? 20.854  -12.411 25.901  1.00 71.53  ?  52  U   A "O3'" 1 
ATOM   1148 C "C2'" . U   A 1 54 ? 19.046  -11.017 25.104  1.00 74.75  ?  52  U   A "C2'" 1 
ATOM   1149 O "O2'" . U   A 1 54 ? 19.906  -9.936  25.424  1.00 76.40  ?  52  U   A "O2'" 1 
ATOM   1150 C "C1'" . U   A 1 54 ? 18.504  -10.783 23.697  1.00 73.43  ?  52  U   A "C1'" 1 
ATOM   1151 N N1    . U   A 1 54 ? 17.177  -11.411 23.535  1.00 73.36  ?  52  U   A N1    1 
ATOM   1152 C C2    . U   A 1 54 ? 16.067  -10.802 24.107  1.00 74.24  ?  52  U   A C2    1 
ATOM   1153 O O2    . U   A 1 54 ? 16.109  -9.760  24.743  1.00 73.52  ?  52  U   A O2    1 
ATOM   1154 N N3    . U   A 1 54 ? 14.890  -11.477 23.899  1.00 74.09  ?  52  U   A N3    1 
ATOM   1155 C C4    . U   A 1 54 ? 14.731  -12.663 23.208  1.00 73.61  ?  52  U   A C4    1 
ATOM   1156 O O4    . U   A 1 54 ? 13.624  -13.175 23.101  1.00 74.46  ?  52  U   A O4    1 
ATOM   1157 C C5    . U   A 1 54 ? 15.918  -13.210 22.653  1.00 72.10  ?  52  U   A C5    1 
ATOM   1158 C C6    . U   A 1 54 ? 17.073  -12.583 22.839  1.00 72.52  ?  52  U   A C6    1 
ATOM   1159 P P     . G   A 1 55 ? 20.486  -12.972 27.365  1.00 74.78  ?  53  G   A P     1 
ATOM   1160 O OP1   . G   A 1 55 ? 21.734  -12.862 28.172  1.00 80.35  ?  53  G   A OP1   1 
ATOM   1161 O OP2   . G   A 1 55 ? 19.763  -14.250 27.178  1.00 67.44  -1 53  G   A OP2   1 
ATOM   1162 O "O5'" . G   A 1 55 ? 19.515  -11.913 28.044  1.00 73.93  ?  53  G   A "O5'" 1 
ATOM   1163 C "C5'" . G   A 1 55 ? 20.009  -10.713 28.619  1.00 75.43  ?  53  G   A "C5'" 1 
ATOM   1164 C "C4'" . G   A 1 55 ? 18.883  -9.897  29.200  1.00 77.47  ?  53  G   A "C4'" 1 
ATOM   1165 O "O4'" . G   A 1 55 ? 17.882  -9.655  28.181  1.00 76.12  ?  53  G   A "O4'" 1 
ATOM   1166 C "C3'" . G   A 1 55 ? 18.113  -10.585 30.310  1.00 79.00  ?  53  G   A "C3'" 1 
ATOM   1167 O "O3'" . G   A 1 55 ? 18.745  -10.467 31.562  1.00 82.56  ?  53  G   A "O3'" 1 
ATOM   1168 C "C2'" . G   A 1 55 ? 16.749  -9.920  30.246  1.00 75.77  ?  53  G   A "C2'" 1 
ATOM   1169 O "O2'" . G   A 1 55 ? 16.787  -8.643  30.856  1.00 77.11  ?  53  G   A "O2'" 1 
ATOM   1170 C "C1'" . G   A 1 55 ? 16.592  -9.719  28.748  1.00 76.64  ?  53  G   A "C1'" 1 
ATOM   1171 N N9    . G   A 1 55 ? 15.840  -10.811 28.112  1.00 72.69  ?  53  G   A N9    1 
ATOM   1172 C C8    . G   A 1 55 ? 16.330  -11.793 27.319  1.00 72.82  ?  53  G   A C8    1 
ATOM   1173 N N7    . G   A 1 55 ? 15.412  -12.600 26.884  1.00 73.93  ?  53  G   A N7    1 
ATOM   1174 C C5    . G   A 1 55 ? 14.236  -12.107 27.410  1.00 73.64  ?  53  G   A C5    1 
ATOM   1175 C C6    . G   A 1 55 ? 12.898  -12.562 27.269  1.00 74.86  ?  53  G   A C6    1 
ATOM   1176 O O6    . G   A 1 55 ? 12.462  -13.528 26.644  1.00 74.50  ?  53  G   A O6    1 
ATOM   1177 N N1    . G   A 1 55 ? 11.995  -11.764 27.950  1.00 74.92  ?  53  G   A N1    1 
ATOM   1178 C C2    . G   A 1 55 ? 12.336  -10.666 28.687  1.00 76.36  ?  53  G   A C2    1 
ATOM   1179 N N2    . G   A 1 55 ? 11.302  -10.053 29.263  1.00 78.03  ?  53  G   A N2    1 
ATOM   1180 N N3    . G   A 1 55 ? 13.579  -10.216 28.839  1.00 79.29  ?  53  G   A N3    1 
ATOM   1181 C C4    . G   A 1 55 ? 14.481  -10.992 28.169  1.00 76.33  ?  53  G   A C4    1 
ATOM   1182 P P     . U   A 1 56 ? 18.425  -11.535 32.717  1.00 85.96  ?  54  U   A P     1 
ATOM   1183 O OP1   . U   A 1 56 ? 19.085  -11.027 33.949  1.00 84.27  ?  54  U   A OP1   1 
ATOM   1184 O OP2   . U   A 1 56 ? 18.582  -12.930 32.180  1.00 69.67  -1 54  U   A OP2   1 
ATOM   1185 O "O5'" . U   A 1 56 ? 16.904  -11.264 33.068  1.00 82.26  ?  54  U   A "O5'" 1 
ATOM   1186 C "C5'" . U   A 1 56 ? 16.565  -10.291 34.032  1.00 81.47  ?  54  U   A "C5'" 1 
ATOM   1187 C "C4'" . U   A 1 56 ? 15.091  -10.318 34.241  1.00 83.06  ?  54  U   A "C4'" 1 
ATOM   1188 O "O4'" . U   A 1 56 ? 14.461  -10.330 32.935  1.00 82.45  ?  54  U   A "O4'" 1 
ATOM   1189 C "C3'" . U   A 1 56 ? 14.568  -11.581 34.901  1.00 85.81  ?  54  U   A "C3'" 1 
ATOM   1190 O "O3'" . U   A 1 56 ? 14.690  -11.571 36.313  1.00 87.93  ?  54  U   A "O3'" 1 
ATOM   1191 C "C2'" . U   A 1 56 ? 13.134  -11.637 34.408  1.00 83.41  ?  54  U   A "C2'" 1 
ATOM   1192 O "O2'" . U   A 1 56 ? 12.340  -10.716 35.134  1.00 87.08  ?  54  U   A "O2'" 1 
ATOM   1193 C "C1'" . U   A 1 56 ? 13.288  -11.109 32.978  1.00 81.57  ?  54  U   A "C1'" 1 
ATOM   1194 N N1    . U   A 1 56 ? 13.387  -12.197 31.979  1.00 81.73  ?  54  U   A N1    1 
ATOM   1195 C C2    . U   A 1 56 ? 12.205  -12.811 31.625  1.00 78.71  ?  54  U   A C2    1 
ATOM   1196 O O2    . U   A 1 56 ? 11.148  -12.498 32.087  1.00 77.02  ?  54  U   A O2    1 
ATOM   1197 N N3    . U   A 1 56 ? 12.280  -13.818 30.711  1.00 79.21  ?  54  U   A N3    1 
ATOM   1198 C C4    . U   A 1 56 ? 13.418  -14.266 30.113  1.00 74.59  ?  54  U   A C4    1 
ATOM   1199 O O4    . U   A 1 56 ? 13.295  -15.174 29.323  1.00 74.11  ?  54  U   A O4    1 
ATOM   1200 C C5    . U   A 1 56 ? 14.613  -13.589 30.499  1.00 75.30  ?  54  U   A C5    1 
ATOM   1201 C C6    . U   A 1 56 ? 14.573  -12.599 31.401  1.00 79.02  ?  54  U   A C6    1 
ATOM   1202 P P     . A   A 1 57 ? 15.019  -12.925 37.160  1.00 94.46  ?  55  A   A P     1 
ATOM   1203 O OP1   . A   A 1 57 ? 15.338  -12.520 38.546  1.00 99.16  ?  55  A   A OP1   1 
ATOM   1204 O OP2   . A   A 1 57 ? 15.993  -13.767 36.410  1.00 84.72  -1 55  A   A OP2   1 
ATOM   1205 O "O5'" . A   A 1 57 ? 13.618  -13.678 37.221  1.00 91.99  ?  55  A   A "O5'" 1 
ATOM   1206 C "C5'" . A   A 1 57 ? 12.504  -13.086 37.907  1.00 92.35  ?  55  A   A "C5'" 1 
ATOM   1207 C "C4'" . A   A 1 57 ? 11.231  -13.822 37.571  1.00 87.75  ?  55  A   A "C4'" 1 
ATOM   1208 O "O4'" . A   A 1 57 ? 10.920  -13.653 36.165  1.00 91.66  ?  55  A   A "O4'" 1 
ATOM   1209 C "C3'" . A   A 1 57 ? 11.277  -15.334 37.744  1.00 85.62  ?  55  A   A "C3'" 1 
ATOM   1210 O "O3'" . A   A 1 57 ? 11.091  -15.711 39.099  1.00 91.96  ?  55  A   A "O3'" 1 
ATOM   1211 C "C2'" . A   A 1 57 ? 10.115  -15.773 36.864  1.00 84.13  ?  55  A   A "C2'" 1 
ATOM   1212 O "O2'" . A   A 1 57 ? 8.868   -15.596 37.499  1.00 85.88  ?  55  A   A "O2'" 1 
ATOM   1213 C "C1'" . A   A 1 57 ? 10.243  -14.804 35.688  1.00 86.74  ?  55  A   A "C1'" 1 
ATOM   1214 N N9    . A   A 1 57 ? 11.006  -15.366 34.576  1.00 85.06  ?  55  A   A N9    1 
ATOM   1215 C C8    . A   A 1 57 ? 12.343  -15.220 34.300  1.00 85.16  ?  55  A   A C8    1 
ATOM   1216 N N7    . A   A 1 57 ? 12.736  -15.867 33.231  1.00 87.79  ?  55  A   A N7    1 
ATOM   1217 C C5    . A   A 1 57 ? 11.582  -16.487 32.774  1.00 85.94  ?  55  A   A C5    1 
ATOM   1218 C C6    . A   A 1 57 ? 11.331  -17.322 31.673  1.00 87.63  ?  55  A   A C6    1 
ATOM   1219 N N6    . A   A 1 57 ? 12.266  -17.693 30.796  1.00 86.63  ?  55  A   A N6    1 
ATOM   1220 N N1    . A   A 1 57 ? 10.068  -17.769 31.501  1.00 87.74  ?  55  A   A N1    1 
ATOM   1221 C C2    . A   A 1 57 ? 9.132   -17.401 32.383  1.00 80.34  ?  55  A   A C2    1 
ATOM   1222 N N3    . A   A 1 57 ? 9.244   -16.617 33.452  1.00 75.50  ?  55  A   A N3    1 
ATOM   1223 C C4    . A   A 1 57 ? 10.510  -16.188 33.594  1.00 82.96  ?  55  A   A C4    1 
ATOM   1224 O "O5'" . A   B 2 1  ? 3.243   -17.102 25.672  1.00 76.63  ?  1   A   B "O5'" 1 
ATOM   1225 C "C5'" . A   B 2 1  ? 2.324   -17.085 26.747  1.00 76.73  ?  1   A   B "C5'" 1 
ATOM   1226 C "C4'" . A   B 2 1  ? 2.860   -16.293 27.915  1.00 77.92  ?  1   A   B "C4'" 1 
ATOM   1227 O "O4'" . A   B 2 1  ? 4.028   -16.955 28.456  1.00 75.35  ?  1   A   B "O4'" 1 
ATOM   1228 C "C3'" . A   B 2 1  ? 3.362   -14.891 27.623  1.00 75.35  ?  1   A   B "C3'" 1 
ATOM   1229 O "O3'" . A   B 2 1  ? 2.336   -13.951 27.397  1.00 70.68  ?  1   A   B "O3'" 1 
ATOM   1230 C "C2'" . A   B 2 1  ? 4.285   -14.613 28.819  1.00 75.93  ?  1   A   B "C2'" 1 
ATOM   1231 O "O2'" . A   B 2 1  ? 3.593   -14.251 30.004  1.00 72.60  ?  1   A   B "O2'" 1 
ATOM   1232 C "C1'" . A   B 2 1  ? 4.885   -15.998 29.050  1.00 78.45  ?  1   A   B "C1'" 1 
ATOM   1233 N N9    . A   B 2 1  ? 6.244   -16.134 28.488  1.00 77.48  ?  1   A   B N9    1 
ATOM   1234 C C8    . A   B 2 1  ? 6.683   -16.791 27.375  1.00 76.05  ?  1   A   B C8    1 
ATOM   1235 N N7    . A   B 2 1  ? 7.992   -16.695 27.222  1.00 79.18  ?  1   A   B N7    1 
ATOM   1236 C C5    . A   B 2 1  ? 8.430   -15.943 28.299  1.00 74.52  ?  1   A   B C5    1 
ATOM   1237 C C6    . A   B 2 1  ? 9.690   -15.492 28.715  1.00 77.33  ?  1   A   B C6    1 
ATOM   1238 N N6    . A   B 2 1  ? 10.828  -15.727 28.071  1.00 77.79  ?  1   A   B N6    1 
ATOM   1239 N N1    . A   B 2 1  ? 9.759   -14.759 29.847  1.00 80.87  ?  1   A   B N1    1 
ATOM   1240 C C2    . A   B 2 1  ? 8.627   -14.487 30.511  1.00 80.89  ?  1   A   B C2    1 
ATOM   1241 N N3    . A   B 2 1  ? 7.381   -14.845 30.216  1.00 81.03  ?  1   A   B N3    1 
ATOM   1242 C C4    . A   B 2 1  ? 7.362   -15.590 29.087  1.00 77.87  ?  1   A   B C4    1 
ATOM   1243 P P     . C   B 2 2  ? 2.416   -12.990 26.110  1.00 74.35  ?  2   C   B P     1 
ATOM   1244 O OP1   . C   B 2 2  ? 1.022   -12.619 25.830  1.00 80.61  ?  2   C   B OP1   1 
ATOM   1245 O OP2   . C   B 2 2  ? 3.084   -13.598 24.957  1.00 73.05  -1 2   C   B OP2   1 
ATOM   1246 O "O5'" . C   B 2 2  ? 3.231   -11.731 26.662  1.00 70.93  ?  2   C   B "O5'" 1 
ATOM   1247 C "C5'" . C   B 2 2  ? 2.766   -11.065 27.825  1.00 67.57  ?  2   C   B "C5'" 1 
ATOM   1248 C "C4'" . C   B 2 2  ? 3.876   -10.442 28.621  1.00 65.47  ?  2   C   B "C4'" 1 
ATOM   1249 O "O4'" . C   B 2 2  ? 4.722   -11.475 29.151  1.00 71.26  ?  2   C   B "O4'" 1 
ATOM   1250 C "C3'" . C   B 2 2  ? 4.830   -9.537  27.866  1.00 67.59  ?  2   C   B "C3'" 1 
ATOM   1251 O "O3'" . C   B 2 2  ? 4.338   -8.236  27.703  1.00 74.15  ?  2   C   B "O3'" 1 
ATOM   1252 C "C2'" . C   B 2 2  ? 6.070   -9.580  28.732  1.00 67.54  ?  2   C   B "C2'" 1 
ATOM   1253 O "O2'" . C   B 2 2  ? 5.947   -8.761  29.870  1.00 65.92  ?  2   C   B "O2'" 1 
ATOM   1254 C "C1'" . C   B 2 2  ? 6.061   -11.031 29.176  1.00 73.93  ?  2   C   B "C1'" 1 
ATOM   1255 N N1    . C   B 2 2  ? 6.842   -11.808 28.199  1.00 74.30  ?  2   C   B N1    1 
ATOM   1256 C C2    . C   B 2 2  ? 8.234   -11.770 28.344  1.00 74.39  ?  2   C   B C2    1 
ATOM   1257 O O2    . C   B 2 2  ? 8.697   -11.160 29.324  1.00 73.06  ?  2   C   B O2    1 
ATOM   1258 N N3    . C   B 2 2  ? 9.021   -12.422 27.441  1.00 75.69  ?  2   C   B N3    1 
ATOM   1259 C C4    . C   B 2 2  ? 8.454   -13.081 26.424  1.00 73.71  ?  2   C   B C4    1 
ATOM   1260 N N4    . C   B 2 2  ? 9.226   -13.720 25.540  1.00 66.11  ?  2   C   B N4    1 
ATOM   1261 C C5    . C   B 2 2  ? 7.031   -13.087 26.257  1.00 76.95  ?  2   C   B C5    1 
ATOM   1262 C C6    . C   B 2 2  ? 6.260   -12.438 27.138  1.00 72.88  ?  2   C   B C6    1 
ATOM   1263 P P     . A   B 2 3  ? 4.655   -7.384  26.382  1.00 72.15  ?  3   A   B P     1 
ATOM   1264 O OP1   . A   B 2 3  ? 3.638   -6.309  26.574  1.00 66.08  ?  3   A   B OP1   1 
ATOM   1265 O OP2   . A   B 2 3  ? 4.625   -8.202  25.135  1.00 59.22  -1 3   A   B OP2   1 
ATOM   1266 O "O5'" . A   B 2 3  ? 6.089   -6.759  26.666  1.00 64.85  ?  3   A   B "O5'" 1 
ATOM   1267 C "C5'" . A   B 2 3  ? 6.296   -6.108  27.901  1.00 65.81  ?  3   A   B "C5'" 1 
ATOM   1268 C "C4'" . A   B 2 3  ? 7.710   -5.665  28.048  1.00 69.64  ?  3   A   B "C4'" 1 
ATOM   1269 O "O4'" . A   B 2 3  ? 8.517   -6.816  28.392  1.00 78.70  ?  3   A   B "O4'" 1 
ATOM   1270 C "C3'" . A   B 2 3  ? 8.351   -5.122  26.786  1.00 70.80  ?  3   A   B "C3'" 1 
ATOM   1271 O "O3'" . A   B 2 3  ? 8.088   -3.751  26.594  1.00 68.54  ?  3   A   B "O3'" 1 
ATOM   1272 C "C2'" . A   B 2 3  ? 9.822   -5.411  27.017  1.00 71.82  ?  3   A   B "C2'" 1 
ATOM   1273 O "O2'" . A   B 2 3  ? 10.337  -4.481  27.954  1.00 74.11  ?  3   A   B "O2'" 1 
ATOM   1274 C "C1'" . A   B 2 3  ? 9.744   -6.768  27.705  1.00 73.51  ?  3   A   B "C1'" 1 
ATOM   1275 N N9    . A   B 2 3  ? 9.748   -7.883  26.744  1.00 72.37  ?  3   A   B N9    1 
ATOM   1276 C C8    . A   B 2 3  ? 8.660   -8.532  26.219  1.00 72.55  ?  3   A   B C8    1 
ATOM   1277 N N7    . A   B 2 3  ? 8.977   -9.498  25.393  1.00 72.87  ?  3   A   B N7    1 
ATOM   1278 C C5    . A   B 2 3  ? 10.372  -9.490  25.385  1.00 71.86  ?  3   A   B C5    1 
ATOM   1279 C C6    . A   B 2 3  ? 11.339  -10.261 24.713  1.00 72.73  ?  3   A   B C6    1 
ATOM   1280 N N6    . A   B 2 3  ? 11.095  -11.265 23.877  1.00 72.73  ?  3   A   B N6    1 
ATOM   1281 N N1    . A   B 2 3  ? 12.624  -9.980  24.931  1.00 74.32  ?  3   A   B N1    1 
ATOM   1282 C C2    . A   B 2 3  ? 12.916  -8.988  25.770  1.00 74.79  ?  3   A   B C2    1 
ATOM   1283 N N3    . A   B 2 3  ? 12.123  -8.189  26.461  1.00 72.04  ?  3   A   B N3    1 
ATOM   1284 C C4    . A   B 2 3  ? 10.849  -8.503  26.221  1.00 71.75  ?  3   A   B C4    1 
ATOM   1285 P P     . U   B 2 4  ? 7.978   -3.159  25.106  1.00 72.99  ?  4   U   B P     1 
ATOM   1286 O OP1   . U   B 2 4  ? 7.477   -1.798  25.383  1.00 66.93  ?  4   U   B OP1   1 
ATOM   1287 O OP2   . U   B 2 4  ? 7.300   -4.118  24.164  1.00 62.77  -1 4   U   B OP2   1 
ATOM   1288 O "O5'" . U   B 2 4  ? 9.492   -2.996  24.614  1.00 71.03  ?  4   U   B "O5'" 1 
ATOM   1289 C "C5'" . U   B 2 4  ? 10.445  -2.330  25.425  1.00 70.74  ?  4   U   B "C5'" 1 
ATOM   1290 C "C4'" . U   B 2 4  ? 11.828  -2.535  24.891  1.00 69.29  ?  4   U   B "C4'" 1 
ATOM   1291 O "O4'" . U   B 2 4  ? 12.215  -3.903  25.113  1.00 72.42  ?  4   U   B "O4'" 1 
ATOM   1292 C "C3'" . U   B 2 4  ? 11.950  -2.355  23.399  1.00 70.91  ?  4   U   B "C3'" 1 
ATOM   1293 O "O3'" . U   B 2 4  ? 12.101  -0.998  23.041  1.00 70.73  ?  4   U   B "O3'" 1 
ATOM   1294 C "C2'" . U   B 2 4  ? 13.139  -3.246  23.034  1.00 69.18  ?  4   U   B "C2'" 1 
ATOM   1295 O "O2'" . U   B 2 4  ? 14.383  -2.607  23.285  1.00 68.95  ?  4   U   B "O2'" 1 
ATOM   1296 C "C1'" . U   B 2 4  ? 12.981  -4.378  24.028  1.00 71.22  ?  4   U   B "C1'" 1 
ATOM   1297 N N1    . U   B 2 4  ? 12.293  -5.555  23.463  1.00 72.43  ?  4   U   B N1    1 
ATOM   1298 C C2    . U   B 2 4  ? 12.970  -6.454  22.643  1.00 72.69  ?  4   U   B C2    1 
ATOM   1299 O O2    . U   B 2 4  ? 14.119  -6.342  22.275  1.00 74.20  ?  4   U   B O2    1 
ATOM   1300 N N3    . U   B 2 4  ? 12.250  -7.526  22.218  1.00 71.79  ?  4   U   B N3    1 
ATOM   1301 C C4    . U   B 2 4  ? 10.947  -7.781  22.537  1.00 71.93  ?  4   U   B C4    1 
ATOM   1302 O O4    . U   B 2 4  ? 10.436  -8.785  22.073  1.00 73.06  ?  4   U   B O4    1 
ATOM   1303 C C5    . U   B 2 4  ? 10.309  -6.825  23.391  1.00 71.46  ?  4   U   B C5    1 
ATOM   1304 C C6    . U   B 2 4  ? 10.986  -5.765  23.824  1.00 71.26  ?  4   U   B C6    1 
ATOM   1305 P P     . G   B 2 5  ? 12.057  -0.576  21.496  1.00 71.84  ?  5   G   B P     1 
ATOM   1306 O OP1   . G   B 2 5  ? 12.446  0.857   21.437  1.00 62.50  ?  5   G   B OP1   1 
ATOM   1307 O OP2   . G   B 2 5  ? 10.874  -1.207  20.857  1.00 70.81  -1 5   G   B OP2   1 
ATOM   1308 O "O5'" . G   B 2 5  ? 13.259  -1.374  20.838  1.00 70.20  ?  5   G   B "O5'" 1 
ATOM   1309 C "C5'" . G   B 2 5  ? 13.154  -1.889  19.538  1.00 66.48  ?  5   G   B "C5'" 1 
ATOM   1310 C "C4'" . G   B 2 5  ? 14.250  -2.867  19.275  1.00 70.04  ?  5   G   B "C4'" 1 
ATOM   1311 O "O4'" . G   B 2 5  ? 13.957  -4.117  19.939  1.00 70.27  ?  5   G   B "O4'" 1 
ATOM   1312 C "C3'" . G   B 2 5  ? 14.406  -3.233  17.822  1.00 67.34  ?  5   G   B "C3'" 1 
ATOM   1313 O "O3'" . G   B 2 5  ? 15.209  -2.287  17.150  1.00 72.03  ?  5   G   B "O3'" 1 
ATOM   1314 C "C2'" . G   B 2 5  ? 15.019  -4.624  17.868  1.00 69.87  ?  5   G   B "C2'" 1 
ATOM   1315 O "O2'" . G   B 2 5  ? 16.428  -4.540  17.940  1.00 70.85  ?  5   G   B "O2'" 1 
ATOM   1316 C "C1'" . G   B 2 5  ? 14.476  -5.187  19.188  1.00 69.26  ?  5   G   B "C1'" 1 
ATOM   1317 N N9    . G   B 2 5  ? 13.415  -6.191  18.993  1.00 69.55  ?  5   G   B N9    1 
ATOM   1318 C C8    . G   B 2 5  ? 12.124  -6.090  19.423  1.00 69.92  ?  5   G   B C8    1 
ATOM   1319 N N7    . G   B 2 5  ? 11.381  -7.124  19.123  1.00 68.31  ?  5   G   B N7    1 
ATOM   1320 C C5    . G   B 2 5  ? 12.233  -7.975  18.450  1.00 71.89  ?  5   G   B C5    1 
ATOM   1321 C C6    . G   B 2 5  ? 12.000  -9.273  17.893  1.00 74.70  ?  5   G   B C6    1 
ATOM   1322 O O6    . G   B 2 5  ? 10.967  -9.939  17.857  1.00 73.79  ?  5   G   B O6    1 
ATOM   1323 N N1    . G   B 2 5  ? 13.138  -9.834  17.323  1.00 74.14  ?  5   G   B N1    1 
ATOM   1324 C C2    . G   B 2 5  ? 14.349  -9.209  17.277  1.00 73.37  ?  5   G   B C2    1 
ATOM   1325 N N2    . G   B 2 5  ? 15.295  -9.923  16.661  1.00 74.11  ?  5   G   B N2    1 
ATOM   1326 N N3    . G   B 2 5  ? 14.595  -7.999  17.793  1.00 75.49  ?  5   G   B N3    1 
ATOM   1327 C C4    . G   B 2 5  ? 13.500  -7.427  18.373  1.00 72.57  ?  5   G   B C4    1 
ATOM   1328 P P     . U   B 2 6  ? 15.048  -2.092  15.564  1.00 80.88  ?  6   U   B P     1 
ATOM   1329 O OP1   . U   B 2 6  ? 15.751  -0.860  15.090  1.00 71.37  ?  6   U   B OP1   1 
ATOM   1330 O OP2   . U   B 2 6  ? 13.628  -2.353  15.285  1.00 74.16  -1 6   U   B OP2   1 
ATOM   1331 O "O5'" . U   B 2 6  ? 15.705  -3.381  14.923  1.00 70.72  ?  6   U   B "O5'" 1 
ATOM   1332 C "C5'" . U   B 2 6  ? 17.094  -3.480  14.789  1.00 70.30  ?  6   U   B "C5'" 1 
ATOM   1333 C "C4'" . U   B 2 6  ? 17.426  -4.755  14.086  1.00 75.24  ?  6   U   B "C4'" 1 
ATOM   1334 O "O4'" . U   B 2 6  ? 16.926  -5.870  14.856  1.00 74.68  ?  6   U   B "O4'" 1 
ATOM   1335 C "C3'" . U   B 2 6  ? 16.779  -4.921  12.735  1.00 71.29  ?  6   U   B "C3'" 1 
ATOM   1336 O "O3'" . U   B 2 6  ? 17.513  -4.272  11.725  1.00 68.48  ?  6   U   B "O3'" 1 
ATOM   1337 C "C2'" . U   B 2 6  ? 16.730  -6.426  12.564  1.00 68.26  ?  6   U   B "C2'" 1 
ATOM   1338 O "O2'" . U   B 2 6  ? 17.988  -6.899  12.161  1.00 73.62  ?  6   U   B "O2'" 1 
ATOM   1339 C "C1'" . U   B 2 6  ? 16.518  -6.898  13.996  1.00 70.19  ?  6   U   B "C1'" 1 
ATOM   1340 N N1    . U   B 2 6  ? 15.111  -7.189  14.290  1.00 73.01  ?  6   U   B N1    1 
ATOM   1341 C C2    . U   B 2 6  ? 14.621  -8.377  13.823  1.00 72.09  ?  6   U   B C2    1 
ATOM   1342 O O2    . U   B 2 6  ? 15.288  -9.140  13.179  1.00 73.77  ?  6   U   B O2    1 
ATOM   1343 N N3    . U   B 2 6  ? 13.317  -8.629  14.108  1.00 74.08  ?  6   U   B N3    1 
ATOM   1344 C C4    . U   B 2 6  ? 12.484  -7.805  14.824  1.00 72.67  ?  6   U   B C4    1 
ATOM   1345 O O4    . U   B 2 6  ? 11.338  -8.188  15.014  1.00 72.23  ?  6   U   B O4    1 
ATOM   1346 C C5    . U   B 2 6  ? 13.068  -6.585  15.291  1.00 71.70  ?  6   U   B C5    1 
ATOM   1347 C C6    . U   B 2 6  ? 14.341  -6.315  15.013  1.00 72.43  ?  6   U   B C6    1 
ATOM   1348 P P     . C   B 2 7  ? 16.724  -3.735  10.462  1.00 79.53  ?  7   C   B P     1 
ATOM   1349 O OP1   . C   B 2 7  ? 17.572  -2.847  9.624   1.00 72.17  ?  7   C   B OP1   1 
ATOM   1350 O OP2   . C   B 2 7  ? 15.420  -3.250  11.036  1.00 77.27  -1 7   C   B OP2   1 
ATOM   1351 O "O5'" . C   B 2 7  ? 16.422  -5.061  9.652   1.00 69.77  ?  7   C   B "O5'" 1 
ATOM   1352 C "C5'" . C   B 2 7  ? 17.450  -5.750  8.990   1.00 65.07  ?  7   C   B "C5'" 1 
ATOM   1353 C "C4'" . C   B 2 7  ? 16.932  -7.048  8.457   1.00 69.50  ?  7   C   B "C4'" 1 
ATOM   1354 O "O4'" . C   B 2 7  ? 16.288  -7.765  9.530   1.00 74.12  ?  7   C   B "O4'" 1 
ATOM   1355 C "C3'" . C   B 2 7  ? 15.845  -6.907  7.425   1.00 75.70  ?  7   C   B "C3'" 1 
ATOM   1356 O "O3'" . C   B 2 7  ? 16.336  -6.637  6.142   1.00 77.98  ?  7   C   B "O3'" 1 
ATOM   1357 C "C2'" . C   B 2 7  ? 15.070  -8.210  7.541   1.00 75.99  ?  7   C   B "C2'" 1 
ATOM   1358 O "O2'" . C   B 2 7  ? 15.690  -9.258  6.822   1.00 73.45  ?  7   C   B "O2'" 1 
ATOM   1359 C "C1'" . C   B 2 7  ? 15.195  -8.504  9.030   1.00 73.81  ?  7   C   B "C1'" 1 
ATOM   1360 N N1    . C   B 2 7  ? 13.979  -8.144  9.793   1.00 74.58  ?  7   C   B N1    1 
ATOM   1361 C C2    . C   B 2 7  ? 12.909  -9.045  9.710   1.00 76.65  ?  7   C   B C2    1 
ATOM   1362 O O2    . C   B 2 7  ? 13.026  -10.049 8.998   1.00 75.26  ?  7   C   B O2    1 
ATOM   1363 N N3    . C   B 2 7  ? 11.765  -8.808  10.397  1.00 76.63  ?  7   C   B N3    1 
ATOM   1364 C C4    . C   B 2 7  ? 11.689  -7.721  11.149  1.00 73.25  ?  7   C   B C4    1 
ATOM   1365 N N4    . C   B 2 7  ? 10.535  -7.585  11.781  1.00 73.54  ?  7   C   B N4    1 
ATOM   1366 C C5    . C   B 2 7  ? 12.756  -6.768  11.259  1.00 72.44  ?  7   C   B C5    1 
ATOM   1367 C C6    . C   B 2 7  ? 13.882  -7.012  10.567  1.00 72.51  ?  7   C   B C6    1 
ATOM   1368 P P     . U   B 2 8  ? 15.516  -5.593  5.267   1.00 88.74  ?  8   U   B P     1 
ATOM   1369 O OP1   . U   B 2 8  ? 16.369  -5.218  4.102   1.00 83.04  ?  8   U   B OP1   1 
ATOM   1370 O OP2   . U   B 2 8  ? 15.066  -4.533  6.227   1.00 76.51  -1 8   U   B OP2   1 
ATOM   1371 O "O5'" . U   B 2 8  ? 14.326  -6.502  4.730   1.00 79.85  ?  8   U   B "O5'" 1 
ATOM   1372 C "C5'" . U   B 2 8  ? 14.636  -7.618  3.910   1.00 74.51  ?  8   U   B "C5'" 1 
ATOM   1373 C "C4'" . U   B 2 8  ? 13.444  -8.506  3.704   1.00 75.91  ?  8   U   B "C4'" 1 
ATOM   1374 O "O4'" . U   B 2 8  ? 12.946  -8.919  4.986   1.00 77.31  ?  8   U   B "O4'" 1 
ATOM   1375 C "C3'" . U   B 2 8  ? 12.245  -7.862  3.031   1.00 84.06  ?  8   U   B "C3'" 1 
ATOM   1376 O "O3'" . U   B 2 8  ? 12.354  -7.873  1.626   1.00 86.19  ?  8   U   B "O3'" 1 
ATOM   1377 C "C2'" . U   B 2 8  ? 11.058  -8.669  3.550   1.00 81.26  ?  8   U   B "C2'" 1 
ATOM   1378 O "O2'" . U   B 2 8  ? 10.806  -9.810  2.757   1.00 81.81  ?  8   U   B "O2'" 1 
ATOM   1379 C "C1'" . U   B 2 8  ? 11.551  -9.118  4.921   1.00 79.14  ?  8   U   B "C1'" 1 
ATOM   1380 N N1    . U   B 2 8  ? 10.911  -8.347  5.996   1.00 80.35  ?  8   U   B N1    1 
ATOM   1381 C C2    . U   B 2 8  ? 9.676   -8.819  6.382   1.00 79.77  ?  8   U   B C2    1 
ATOM   1382 O O2    . U   B 2 8  ? 9.166   -9.809  5.870   1.00 80.42  ?  8   U   B O2    1 
ATOM   1383 N N3    . U   B 2 8  ? 9.089   -8.090  7.386   1.00 77.02  ?  8   U   B N3    1 
ATOM   1384 C C4    . U   B 2 8  ? 9.621   -6.973  7.990   1.00 74.99  ?  8   U   B C4    1 
ATOM   1385 O O4    . U   B 2 8  ? 8.972   -6.445  8.872   1.00 77.74  ?  8   U   B O4    1 
ATOM   1386 C C5    . U   B 2 8  ? 10.901  -6.537  7.531   1.00 77.23  ?  8   U   B C5    1 
ATOM   1387 C C6    . U   B 2 8  ? 11.501  -7.232  6.557   1.00 80.35  ?  8   U   B C6    1 
ATOM   1388 P P     . DC  B 2 9  ? 12.413  -6.493  0.810   1.00 87.06  ?  9   DC  B P     1 
ATOM   1389 O OP1   . DC  B 2 9  ? 13.007  -6.864  -0.493  1.00 92.57  ?  9   DC  B OP1   1 
ATOM   1390 O OP2   . DC  B 2 9  ? 13.242  -5.370  1.339   1.00 81.19  ?  9   DC  B OP2   1 
ATOM   1391 O "O5'" . DC  B 2 9  ? 10.859  -6.134  0.594   1.00 79.42  ?  9   DC  B "O5'" 1 
ATOM   1392 C "C5'" . DC  B 2 9  ? 9.945   -7.144  0.230   1.00 78.30  ?  9   DC  B "C5'" 1 
ATOM   1393 C "C4'" . DC  B 2 9  ? 8.554   -6.757  0.651   1.00 83.09  ?  9   DC  B "C4'" 1 
ATOM   1394 O "O4'" . DC  B 2 9  ? 8.522   -6.707  2.091   1.00 86.90  ?  9   DC  B "O4'" 1 
ATOM   1395 C "C3'" . DC  B 2 9  ? 8.082   -5.380  0.147   1.00 82.35  ?  9   DC  B "C3'" 1 
ATOM   1396 O "O3'" . DC  B 2 9  ? 6.939   -5.513  -0.678  1.00 84.02  ?  9   DC  B "O3'" 1 
ATOM   1397 C "C2'" . DC  B 2 9  ? 7.733   -4.599  1.405   1.00 87.85  ?  9   DC  B "C2'" 1 
ATOM   1398 C "C1'" . DC  B 2 9  ? 7.685   -5.653  2.514   1.00 86.52  ?  9   DC  B "C1'" 1 
ATOM   1399 N N1    . DC  B 2 9  ? 8.205   -5.092  3.817   1.00 83.09  ?  9   DC  B N1    1 
ATOM   1400 C C2    . DC  B 2 9  ? 9.530   -4.566  3.863   1.00 83.71  ?  9   DC  B C2    1 
ATOM   1401 O O2    . DC  B 2 9  ? 10.245  -4.624  2.857   1.00 87.07  ?  9   DC  B O2    1 
ATOM   1402 N N3    . DC  B 2 9  ? 9.992   -4.028  5.000   1.00 77.43  ?  9   DC  B N3    1 
ATOM   1403 C C4    . DC  B 2 9  ? 9.216   -3.980  6.054   1.00 81.17  ?  9   DC  B C4    1 
ATOM   1404 N N4    . DC  B 2 9  ? 9.736   -3.430  7.139   1.00 82.86  ?  9   DC  B N4    1 
ATOM   1405 C C5    . DC  B 2 9  ? 7.849   -4.482  6.045   1.00 82.96  ?  9   DC  B C5    1 
ATOM   1406 C C6    . DC  B 2 9  ? 7.388   -5.026  4.910   1.00 78.23  ?  9   DC  B C6    1 
ATOM   1407 P P     . U   B 2 10 ? 5.690   -4.495  -0.550  1.00 88.19  ?  10  U   B P     1 
ATOM   1408 O OP1   . U   B 2 10 ? 6.265   -3.192  -0.977  1.00 80.36  -1 10  U   B OP1   1 
ATOM   1409 O OP2   . U   B 2 10 ? 4.881   -4.650  0.706   1.00 81.69  ?  10  U   B OP2   1 
ATOM   1410 O "O5'" . U   B 2 10 ? 4.671   -5.046  -1.637  1.00 88.46  ?  10  U   B "O5'" 1 
ATOM   1411 C "C5'" . U   B 2 10 ? 5.136   -5.477  -2.905  1.00 89.05  ?  10  U   B "C5'" 1 
ATOM   1412 C "C4'" . U   B 2 10 ? 5.543   -6.919  -2.875  1.00 84.30  ?  10  U   B "C4'" 1 
ATOM   1413 O "O4'" . U   B 2 10 ? 4.370   -7.764  -2.809  1.00 87.30  ?  10  U   B "O4'" 1 
ATOM   1414 C "C3'" . U   B 2 10 ? 6.306   -7.429  -4.078  1.00 81.56  ?  10  U   B "C3'" 1 
ATOM   1415 O "O3'" . U   B 2 10 ? 7.671   -7.091  -4.012  1.00 82.75  ?  10  U   B "O3'" 1 
ATOM   1416 C "C2'" . U   B 2 10 ? 6.076   -8.922  -3.992  1.00 84.02  ?  10  U   B "C2'" 1 
ATOM   1417 O "O2'" . U   B 2 10 ? 6.952   -9.504  -3.045  1.00 82.15  ?  10  U   B "O2'" 1 
ATOM   1418 C "C1'" . U   B 2 10 ? 4.631   -8.978  -3.464  1.00 87.72  ?  10  U   B "C1'" 1 
ATOM   1419 N N1    . U   B 2 10 ? 3.688   -9.077  -4.586  1.00 90.41  ?  10  U   B N1    1 
ATOM   1420 C C2    . U   B 2 10 ? 3.739   -10.256 -5.298  1.00 89.82  ?  10  U   B C2    1 
ATOM   1421 O O2    . U   B 2 10 ? 4.465   -11.181 -5.017  1.00 93.09  ?  10  U   B O2    1 
ATOM   1422 N N3    . U   B 2 10 ? 2.909   -10.338 -6.363  1.00 88.68  ?  10  U   B N3    1 
ATOM   1423 C C4    . U   B 2 10 ? 2.055   -9.355  -6.777  1.00 91.34  ?  10  U   B C4    1 
ATOM   1424 O O4    . U   B 2 10 ? 1.382   -9.617  -7.771  1.00 90.75  ?  10  U   B O4    1 
ATOM   1425 C C5    . U   B 2 10 ? 2.055   -8.140  -5.996  1.00 88.66  ?  10  U   B C5    1 
ATOM   1426 C C6    . U   B 2 10 ? 2.865   -8.033  -4.939  1.00 88.73  ?  10  U   B C6    1 
ATOM   1427 P P     . G   B 2 11 ? 8.549   -6.920  -5.340  1.00 87.11  ?  11  G   B P     1 
ATOM   1428 O OP1   . G   B 2 11 ? 9.939   -6.583  -4.928  1.00 82.53  ?  11  G   B OP1   1 
ATOM   1429 O OP2   . G   B 2 11 ? 7.820   -6.101  -6.322  1.00 81.96  -1 11  G   B OP2   1 
ATOM   1430 O "O5'" . G   B 2 11 ? 8.647   -8.376  -5.943  1.00 84.37  ?  11  G   B "O5'" 1 
ATOM   1431 C "C5'" . G   B 2 11 ? 9.701   -9.215  -5.548  1.00 78.51  ?  11  G   B "C5'" 1 
ATOM   1432 C "C4'" . G   B 2 11 ? 9.507   -10.578 -6.107  1.00 77.83  ?  11  G   B "C4'" 1 
ATOM   1433 O "O4'" . G   B 2 11 ? 8.140   -10.997 -5.893  1.00 83.33  ?  11  G   B "O4'" 1 
ATOM   1434 C "C3'" . G   B 2 11 ? 9.663   -10.676 -7.596  1.00 79.44  ?  11  G   B "C3'" 1 
ATOM   1435 O "O3'" . G   B 2 11 ? 11.000  -10.692 -8.014  1.00 83.15  ?  11  G   B "O3'" 1 
ATOM   1436 C "C2'" . G   B 2 11 ? 8.919   -11.953 -7.904  1.00 82.90  ?  11  G   B "C2'" 1 
ATOM   1437 O "O2'" . G   B 2 11 ? 9.676   -13.073 -7.494  1.00 78.75  ?  11  G   B "O2'" 1 
ATOM   1438 C "C1'" . G   B 2 11 ? 7.725   -11.812 -6.972  1.00 83.86  ?  11  G   B "C1'" 1 
ATOM   1439 N N9    . G   B 2 11 ? 6.607   -11.161 -7.680  1.00 84.89  ?  11  G   B N9    1 
ATOM   1440 C C8    . G   B 2 11 ? 6.172   -9.862  -7.552  1.00 86.65  ?  11  G   B C8    1 
ATOM   1441 N N7    . G   B 2 11 ? 5.160   -9.585  -8.336  1.00 88.62  ?  11  G   B N7    1 
ATOM   1442 C C5    . G   B 2 11 ? 4.917   -10.768 -9.042  1.00 88.01  ?  11  G   B C5    1 
ATOM   1443 C C6    . G   B 2 11 ? 3.948   -11.101 -10.042 1.00 85.78  ?  11  G   B C6    1 
ATOM   1444 O O6    . G   B 2 11 ? 3.069   -10.410 -10.550 1.00 87.01  ?  11  G   B O6    1 
ATOM   1445 N N1    . G   B 2 11 ? 4.047   -12.403 -10.486 1.00 83.57  ?  11  G   B N1    1 
ATOM   1446 C C2    . G   B 2 11 ? 4.961   -13.299 -10.027 1.00 86.19  ?  11  G   B C2    1 
ATOM   1447 N N2    . G   B 2 11 ? 4.889   -14.519 -10.585 1.00 87.88  ?  11  G   B N2    1 
ATOM   1448 N N3    . G   B 2 11 ? 5.869   -13.013 -9.097  1.00 87.00  ?  11  G   B N3    1 
ATOM   1449 C C4    . G   B 2 11 ? 5.807   -11.741 -8.648  1.00 85.34  ?  11  G   B C4    1 
ATOM   1450 P P     . G   B 2 12 ? 11.381  -9.905  -9.353  1.00 90.73  ?  12  G   B P     1 
ATOM   1451 O OP1   . G   B 2 12 ? 12.855  -9.723  -9.468  1.00 87.05  ?  12  G   B OP1   1 
ATOM   1452 O OP2   . G   B 2 12 ? 10.490  -8.716  -9.303  1.00 89.26  -1 12  G   B OP2   1 
ATOM   1453 O "O5'" . G   B 2 12 ? 10.944  -10.914 -10.507 1.00 83.88  ?  12  G   B "O5'" 1 
ATOM   1454 C "C5'" . G   B 2 12 ? 11.345  -12.277 -10.446 1.00 82.12  ?  12  G   B "C5'" 1 
ATOM   1455 C "C4'" . G   B 2 12 ? 10.523  -13.146 -11.357 1.00 81.36  ?  12  G   B "C4'" 1 
ATOM   1456 O "O4'" . G   B 2 12 ? 9.154   -13.230 -10.873 1.00 87.30  ?  12  G   B "O4'" 1 
ATOM   1457 C "C3'" . G   B 2 12 ? 10.358  -12.626 -12.765 1.00 79.53  ?  12  G   B "C3'" 1 
ATOM   1458 O "O3'" . G   B 2 12 ? 11.473  -12.820 -13.596 1.00 76.02  ?  12  G   B "O3'" 1 
ATOM   1459 C "C2'" . G   B 2 12 ? 9.099   -13.333 -13.228 1.00 81.87  ?  12  G   B "C2'" 1 
ATOM   1460 O "O2'" . G   B 2 12 ? 9.340   -14.700 -13.486 1.00 79.91  ?  12  G   B "O2'" 1 
ATOM   1461 C "C1'" . G   B 2 12 ? 8.256   -13.236 -11.971 1.00 83.71  ?  12  G   B "C1'" 1 
ATOM   1462 N N9    . G   B 2 12 ? 7.472   -11.982 -11.996 1.00 84.34  ?  12  G   B N9    1 
ATOM   1463 C C8    . G   B 2 12 ? 7.620   -10.818 -11.274 1.00 82.92  ?  12  G   B C8    1 
ATOM   1464 N N7    . G   B 2 12 ? 6.729   -9.914  -11.597 1.00 84.37  ?  12  G   B N7    1 
ATOM   1465 C C5    . G   B 2 12 ? 5.949   -10.498 -12.603 1.00 84.35  ?  12  G   B C5    1 
ATOM   1466 C C6    . G   B 2 12 ? 4.819   -10.031 -13.357 1.00 83.33  ?  12  G   B C6    1 
ATOM   1467 O O6    . G   B 2 12 ? 4.204   -8.955  -13.334 1.00 83.04  ?  12  G   B O6    1 
ATOM   1468 N N1    . G   B 2 12 ? 4.376   -10.979 -14.256 1.00 82.95  ?  12  G   B N1    1 
ATOM   1469 C C2    . G   B 2 12 ? 4.923   -12.219 -14.423 1.00 81.66  ?  12  G   B C2    1 
ATOM   1470 N N2    . G   B 2 12 ? 4.344   -12.991 -15.339 1.00 80.64  ?  12  G   B N2    1 
ATOM   1471 N N3    . G   B 2 12 ? 5.948   -12.676 -13.741 1.00 83.19  ?  12  G   B N3    1 
ATOM   1472 C C4    . G   B 2 12 ? 6.413   -11.771 -12.855 1.00 84.51  ?  12  G   B C4    1 
ATOM   1473 P P     . G   B 2 13 ? 11.742  -11.748 -14.756 1.00 85.83  ?  13  G   B P     1 
ATOM   1474 O OP1   . G   B 2 13 ? 12.953  -12.091 -15.530 1.00 81.80  ?  13  G   B OP1   1 
ATOM   1475 O OP2   . G   B 2 13 ? 11.600  -10.389 -14.143 1.00 81.23  -1 13  G   B OP2   1 
ATOM   1476 O "O5'" . G   B 2 13 ? 10.580  -12.051 -15.804 1.00 85.80  ?  13  G   B "O5'" 1 
ATOM   1477 C "C5'" . G   B 2 13 ? 10.478  -13.330 -16.404 1.00 76.61  ?  13  G   B "C5'" 1 
ATOM   1478 C "C4'" . G   B 2 13 ? 9.335   -13.415 -17.377 1.00 77.04  ?  13  G   B "C4'" 1 
ATOM   1479 O "O4'" . G   B 2 13 ? 8.080   -13.166 -16.698 1.00 79.30  ?  13  G   B "O4'" 1 
ATOM   1480 C "C3'" . G   B 2 13 ? 9.346   -12.408 -18.504 1.00 76.50  ?  13  G   B "C3'" 1 
ATOM   1481 O "O3'" . G   B 2 13 ? 10.225  -12.778 -19.548 1.00 72.27  ?  13  G   B "O3'" 1 
ATOM   1482 C "C2'" . G   B 2 13 ? 7.885   -12.373 -18.913 1.00 75.48  ?  13  G   B "C2'" 1 
ATOM   1483 O "O2'" . G   B 2 13 ? 7.571   -13.540 -19.659 1.00 72.82  ?  13  G   B "O2'" 1 
ATOM   1484 C "C1'" . G   B 2 13 ? 7.204   -12.472 -17.551 1.00 77.35  ?  13  G   B "C1'" 1 
ATOM   1485 N N9    . G   B 2 13 ? 6.934   -11.145 -16.959 1.00 79.89  ?  13  G   B N9    1 
ATOM   1486 C C8    . G   B 2 13 ? 7.674   -10.467 -16.021 1.00 81.30  ?  13  G   B C8    1 
ATOM   1487 N N7    . G   B 2 13 ? 7.162   -9.300  -15.683 1.00 81.52  ?  13  G   B N7    1 
ATOM   1488 C C5    . G   B 2 13 ? 6.010   -9.187  -16.448 1.00 81.31  ?  13  G   B C5    1 
ATOM   1489 C C6    . G   B 2 13 ? 5.035   -8.141  -16.534 1.00 84.24  ?  13  G   B C6    1 
ATOM   1490 O O6    . G   B 2 13 ? 4.949   -7.041  -15.945 1.00 85.21  ?  13  G   B O6    1 
ATOM   1491 N N1    . G   B 2 13 ? 4.038   -8.474  -17.440 1.00 82.27  ?  13  G   B N1    1 
ATOM   1492 C C2    . G   B 2 13 ? 3.981   -9.634  -18.162 1.00 80.62  ?  13  G   B C2    1 
ATOM   1493 N N2    . G   B 2 13 ? 2.931   -9.732  -18.978 1.00 82.29  ?  13  G   B N2    1 
ATOM   1494 N N3    . G   B 2 13 ? 4.864   -10.610 -18.105 1.00 79.27  ?  13  G   B N3    1 
ATOM   1495 C C4    . G   B 2 13 ? 5.855   -10.325 -17.232 1.00 81.38  ?  13  G   B C4    1 
ATOM   1496 P P     . A   B 2 14 ? 10.782  -11.656 -20.564 1.00 82.74  ?  14  A   B P     1 
ATOM   1497 O OP1   . A   B 2 14 ? 11.465  -12.277 -21.743 1.00 73.81  ?  14  A   B OP1   1 
ATOM   1498 O OP2   . A   B 2 14 ? 11.511  -10.656 -19.752 1.00 77.07  -1 14  A   B OP2   1 
ATOM   1499 O "O5'" . A   B 2 14 ? 9.433   -10.964 -21.074 1.00 83.64  ?  14  A   B "O5'" 1 
ATOM   1500 C "C5'" . A   B 2 14 ? 9.417   -9.879  -21.991 1.00 77.27  ?  14  A   B "C5'" 1 
ATOM   1501 C "C4'" . A   B 2 14 ? 7.994   -9.530  -22.290 1.00 74.21  ?  14  A   B "C4'" 1 
ATOM   1502 O "O4'" . A   B 2 14 ? 7.252   -9.564  -21.047 1.00 75.80  ?  14  A   B "O4'" 1 
ATOM   1503 C "C3'" . A   B 2 14 ? 7.696   -8.149  -22.846 1.00 74.34  ?  14  A   B "C3'" 1 
ATOM   1504 O "O3'" . A   B 2 14 ? 7.916   -8.032  -24.232 1.00 76.00  ?  14  A   B "O3'" 1 
ATOM   1505 C "C2'" . A   B 2 14 ? 6.237   -8.001  -22.502 1.00 78.19  ?  14  A   B "C2'" 1 
ATOM   1506 O "O2'" . A   B 2 14 ? 5.477   -8.828  -23.370 1.00 76.32  ?  14  A   B "O2'" 1 
ATOM   1507 C "C1'" . A   B 2 14 ? 6.209   -8.619  -21.106 1.00 79.13  ?  14  A   B "C1'" 1 
ATOM   1508 N N9    . A   B 2 14 ? 6.384   -7.607  -20.040 1.00 81.18  ?  14  A   B N9    1 
ATOM   1509 C C8    . A   B 2 14 ? 7.439   -7.354  -19.196 1.00 81.65  ?  14  A   B C8    1 
ATOM   1510 N N7    . A   B 2 14 ? 7.243   -6.362  -18.344 1.00 80.07  ?  14  A   B N7    1 
ATOM   1511 C C5    . A   B 2 14 ? 5.964   -5.931  -18.654 1.00 83.38  ?  14  A   B C5    1 
ATOM   1512 C C6    . A   B 2 14 ? 5.151   -4.912  -18.126 1.00 84.92  ?  14  A   B C6    1 
ATOM   1513 N N6    . A   B 2 14 ? 5.538   -4.117  -17.132 1.00 90.16  ?  14  A   B N6    1 
ATOM   1514 N N1    . A   B 2 14 ? 3.923   -4.722  -18.656 1.00 82.75  ?  14  A   B N1    1 
ATOM   1515 C C2    . A   B 2 14 ? 3.541   -5.520  -19.656 1.00 82.35  ?  14  A   B C2    1 
ATOM   1516 N N3    . A   B 2 14 ? 4.197   -6.523  -20.242 1.00 84.46  ?  14  A   B N3    1 
ATOM   1517 C C4    . A   B 2 14 ? 5.424   -6.679  -19.689 1.00 85.05  ?  14  A   B C4    1 
HETATM 1518 P PG    . GTP C 3 .  ? -24.067 17.718  -18.774 1.00 153.83 ?  101 GTP A PG    1 
HETATM 1519 O O1G   . GTP C 3 .  ? -24.911 17.081  -19.863 1.00 158.49 ?  101 GTP A O1G   1 
HETATM 1520 O O2G   . GTP C 3 .  ? -24.656 19.085  -18.459 1.00 125.25 -1 101 GTP A O2G   1 
HETATM 1521 O O3G   . GTP C 3 .  ? -24.135 16.844  -17.522 1.00 138.50 ?  101 GTP A O3G   1 
HETATM 1522 O O3B   . GTP C 3 .  ? -22.566 17.905  -19.429 1.00 143.79 ?  101 GTP A O3B   1 
HETATM 1523 P PB    . GTP C 3 .  ? -21.142 17.222  -18.968 1.00 150.43 ?  101 GTP A PB    1 
HETATM 1524 O O1B   . GTP C 3 .  ? -21.259 15.712  -18.849 1.00 141.02 -1 101 GTP A O1B   1 
HETATM 1525 O O2B   . GTP C 3 .  ? -19.975 17.554  -19.905 1.00 134.44 ?  101 GTP A O2B   1 
HETATM 1526 O O3A   . GTP C 3 .  ? -20.906 17.848  -17.484 1.00 131.46 ?  101 GTP A O3A   1 
HETATM 1527 P PA    . GTP C 3 .  ? -21.689 19.137  -16.875 1.00 115.07 ?  101 GTP A PA    1 
HETATM 1528 O O1A   . GTP C 3 .  ? -23.117 18.794  -16.460 1.00 108.59 -1 101 GTP A O1A   1 
HETATM 1529 O O2A   . GTP C 3 .  ? -20.912 19.638  -15.676 1.00 107.86 ?  101 GTP A O2A   1 
HETATM 1530 O "O5'" . GTP C 3 .  ? -21.575 20.227  -18.073 1.00 103.44 ?  101 GTP A "O5'" 1 
HETATM 1531 C "C5'" . GTP C 3 .  ? -20.308 20.691  -18.496 1.00 92.08  ?  101 GTP A "C5'" 1 
HETATM 1532 C "C4'" . GTP C 3 .  ? -20.314 22.204  -18.582 1.00 87.31  ?  101 GTP A "C4'" 1 
HETATM 1533 O "O4'" . GTP C 3 .  ? -21.602 22.683  -18.280 1.00 86.17  ?  101 GTP A "O4'" 1 
HETATM 1534 C "C3'" . GTP C 3 .  ? -19.467 22.839  -17.505 1.00 86.16  ?  101 GTP A "C3'" 1 
HETATM 1535 O "O3'" . GTP C 3 .  ? -18.104 22.900  -17.855 1.00 90.39  ?  101 GTP A "O3'" 1 
HETATM 1536 C "C2'" . GTP C 3 .  ? -20.101 24.204  -17.331 1.00 81.49  ?  101 GTP A "C2'" 1 
HETATM 1537 O "O2'" . GTP C 3 .  ? -19.678 25.046  -18.373 1.00 81.31  ?  101 GTP A "O2'" 1 
HETATM 1538 C "C1'" . GTP C 3 .  ? -21.558 23.891  -17.561 1.00 80.08  ?  101 GTP A "C1'" 1 
HETATM 1539 N N9    . GTP C 3 .  ? -22.279 23.682  -16.300 1.00 75.62  ?  101 GTP A N9    1 
HETATM 1540 C C8    . GTP C 3 .  ? -23.069 22.602  -16.018 1.00 71.95  ?  101 GTP A C8    1 
HETATM 1541 N N7    . GTP C 3 .  ? -23.579 22.779  -14.780 1.00 69.08  ?  101 GTP A N7    1 
HETATM 1542 C C5    . GTP C 3 .  ? -23.160 23.973  -14.277 1.00 69.56  ?  101 GTP A C5    1 
HETATM 1543 C C6    . GTP C 3 .  ? -23.387 24.659  -13.072 1.00 68.75  ?  101 GTP A C6    1 
HETATM 1544 O O6    . GTP C 3 .  ? -24.094 24.193  -12.195 1.00 69.43  ?  101 GTP A O6    1 
HETATM 1545 N N1    . GTP C 3 .  ? -22.827 25.882  -12.808 1.00 67.59  ?  101 GTP A N1    1 
HETATM 1546 C C2    . GTP C 3 .  ? -22.027 26.437  -13.771 1.00 73.87  ?  101 GTP A C2    1 
HETATM 1547 N N2    . GTP C 3 .  ? -21.482 27.626  -13.520 1.00 76.48  ?  101 GTP A N2    1 
HETATM 1548 N N3    . GTP C 3 .  ? -21.787 25.767  -14.970 1.00 74.96  ?  101 GTP A N3    1 
HETATM 1549 C C4    . GTP C 3 .  ? -22.341 24.552  -15.231 1.00 73.77  ?  101 GTP A C4    1 
# 
